data_3WHL
#
_entry.id   3WHL
#
_cell.length_a   110.63
_cell.length_b   110.63
_cell.length_c   251.94
_cell.angle_alpha   90.00
_cell.angle_beta   90.00
_cell.angle_gamma   120.00
#
_symmetry.space_group_name_H-M   'P 31 2 1'
#
loop_
_entity.id
_entity.type
_entity.pdbx_description
1 polymer 'Proteasome-activating nucleotidase, 26S protease regulatory subunit 6A'
2 polymer 'Probable 26S proteasome regulatory subunit p27'
3 non-polymer "ADENOSINE-5'-TRIPHOSPHATE"
#
loop_
_entity_poly.entity_id
_entity_poly.type
_entity_poly.pdbx_seq_one_letter_code
_entity_poly.pdbx_strand_id
1 'polypeptide(L)'
;GSHMGFEVVERPNVTYNDIGGLKKQLQELREAIELPLKHPELFEEVGIDPPKGVLLYGPPGCGKTLMAKAIAHEVNATFI
RVVGSELVRKYIGEGARLVHELFELAKEKAPTIIFIDEIDAIGAKRLDETTGGEREVNRTLMQLLAEMDGFDPRGNVKVI
AATNRPDILDPALLRPGRFDRLIEVPLPDEFSRAQILQIHSRKMTTDDDINWQELARSTDEFNGAQLKAVTVEAGMIALR
NGQSSVKHEDFVEGISEVQARKSKSVSFYA
;
A,C,E,G
2 'polypeptide(L)'
;GSMEEEELSKLLANVKIDPSLTSRISQIDSFKLSELMVLKTDIETQLEAYFSVLEQQGIGMDSALVTPDGYPRSDVDVLQ
VTMIRKNVNMLKNDLNHLLQRSHVLLNQHFDNMNVKSNQDAR
;
B,D,F,H
#
# COMPACT_ATOMS: atom_id res chain seq x y z
N PHE A 6 -11.37 -11.46 -30.95
CA PHE A 6 -10.17 -10.63 -31.03
C PHE A 6 -9.38 -10.85 -32.33
N GLU A 7 -8.57 -9.86 -32.69
CA GLU A 7 -7.79 -9.89 -33.92
C GLU A 7 -6.59 -10.84 -33.83
N VAL A 8 -6.50 -11.79 -34.75
CA VAL A 8 -5.34 -12.67 -34.84
C VAL A 8 -4.68 -12.55 -36.20
N VAL A 9 -3.36 -12.37 -36.20
CA VAL A 9 -2.59 -12.29 -37.43
C VAL A 9 -1.51 -13.37 -37.42
N GLU A 10 -1.63 -14.33 -38.34
CA GLU A 10 -0.73 -15.48 -38.40
C GLU A 10 0.74 -15.09 -38.34
N ARG A 11 1.12 -14.13 -39.16
CA ARG A 11 2.47 -13.59 -39.15
C ARG A 11 2.46 -12.21 -39.80
N PRO A 12 2.56 -11.16 -38.97
CA PRO A 12 2.44 -9.81 -39.52
C PRO A 12 3.69 -9.41 -40.30
N ASN A 13 3.49 -8.77 -41.44
CA ASN A 13 4.59 -8.40 -42.32
C ASN A 13 5.10 -6.99 -42.06
N VAL A 14 5.50 -6.75 -40.81
CA VAL A 14 5.96 -5.43 -40.38
C VAL A 14 7.36 -5.53 -39.78
N THR A 15 8.34 -4.98 -40.47
CA THR A 15 9.72 -5.03 -40.00
C THR A 15 10.03 -3.85 -39.09
N TYR A 16 11.15 -3.95 -38.37
CA TYR A 16 11.66 -2.84 -37.59
C TYR A 16 11.92 -1.61 -38.45
N ASN A 17 12.10 -1.85 -39.75
CA ASN A 17 12.35 -0.79 -40.72
C ASN A 17 11.16 0.14 -40.88
N ASP A 18 10.00 -0.29 -40.37
CA ASP A 18 8.77 0.47 -40.48
C ASP A 18 8.54 1.33 -39.25
N ILE A 19 9.49 1.32 -38.32
CA ILE A 19 9.34 2.06 -37.07
C ILE A 19 10.32 3.24 -37.00
N GLY A 20 9.77 4.45 -37.03
CA GLY A 20 10.57 5.67 -37.04
C GLY A 20 11.02 6.09 -35.65
N GLY A 21 12.33 6.13 -35.45
CA GLY A 21 12.87 6.45 -34.15
C GLY A 21 12.64 5.29 -33.21
N LEU A 22 12.46 5.60 -31.92
CA LEU A 22 12.22 4.59 -30.90
C LEU A 22 13.32 3.55 -30.80
N LYS A 23 14.52 3.95 -31.22
CA LYS A 23 15.66 3.03 -31.27
C LYS A 23 16.02 2.44 -29.90
N LYS A 24 16.13 3.29 -28.88
CA LYS A 24 16.50 2.81 -27.55
C LYS A 24 15.45 1.85 -26.99
N GLN A 25 14.18 2.26 -27.05
CA GLN A 25 13.07 1.44 -26.56
C GLN A 25 12.99 0.09 -27.26
N LEU A 26 12.94 0.13 -28.60
CA LEU A 26 12.84 -1.09 -29.40
C LEU A 26 13.95 -2.09 -29.09
N GLN A 27 15.16 -1.60 -28.82
CA GLN A 27 16.25 -2.46 -28.41
C GLN A 27 15.98 -3.06 -27.03
N GLU A 28 15.45 -2.23 -26.12
CA GLU A 28 15.06 -2.71 -24.79
C GLU A 28 14.08 -3.84 -24.92
N LEU A 29 13.14 -3.68 -25.85
CA LEU A 29 12.09 -4.68 -26.08
C LEU A 29 12.69 -5.98 -26.60
N ARG A 30 13.60 -5.87 -27.56
CA ARG A 30 14.23 -7.05 -28.14
C ARG A 30 15.09 -7.79 -27.12
N GLU A 31 15.71 -7.05 -26.21
CA GLU A 31 16.48 -7.67 -25.13
C GLU A 31 15.57 -8.46 -24.19
N ALA A 32 14.29 -8.13 -24.18
CA ALA A 32 13.35 -8.70 -23.21
C ALA A 32 12.50 -9.81 -23.81
N ILE A 33 12.31 -9.75 -25.13
CA ILE A 33 11.45 -10.72 -25.81
C ILE A 33 12.18 -11.50 -26.91
N GLU A 34 12.82 -10.80 -27.83
CA GLU A 34 13.50 -11.43 -28.96
C GLU A 34 14.61 -12.37 -28.51
N LEU A 35 15.43 -11.90 -27.57
CA LEU A 35 16.56 -12.69 -27.09
C LEU A 35 16.16 -14.01 -26.39
N PRO A 36 15.26 -13.97 -25.40
CA PRO A 36 14.88 -15.23 -24.75
C PRO A 36 14.14 -16.21 -25.67
N LEU A 37 13.62 -15.69 -26.77
CA LEU A 37 12.93 -16.54 -27.74
C LEU A 37 13.93 -17.27 -28.64
N LYS A 38 14.85 -16.51 -29.24
CA LYS A 38 15.82 -17.09 -30.15
C LYS A 38 16.81 -18.04 -29.47
N HIS A 39 17.04 -17.85 -28.17
CA HIS A 39 18.02 -18.66 -27.46
C HIS A 39 17.63 -18.91 -25.99
N PRO A 40 16.47 -19.56 -25.76
CA PRO A 40 15.96 -19.76 -24.41
C PRO A 40 16.90 -20.55 -23.49
N GLU A 41 17.71 -21.43 -24.08
CA GLU A 41 18.66 -22.24 -23.31
C GLU A 41 19.66 -21.39 -22.54
N LEU A 42 20.09 -20.29 -23.15
CA LEU A 42 21.09 -19.39 -22.54
C LEU A 42 20.57 -18.80 -21.23
N PHE A 43 19.27 -18.52 -21.18
CA PHE A 43 18.65 -18.01 -19.96
C PHE A 43 18.53 -19.10 -18.91
N GLU A 44 18.60 -20.35 -19.35
CA GLU A 44 18.62 -21.49 -18.43
C GLU A 44 20.04 -21.83 -17.99
N GLU A 45 21.00 -21.71 -18.91
CA GLU A 45 22.40 -21.94 -18.59
C GLU A 45 22.90 -20.99 -17.50
N VAL A 46 22.72 -19.70 -17.72
CA VAL A 46 23.07 -18.69 -16.72
C VAL A 46 22.04 -18.77 -15.59
N GLY A 47 20.85 -19.22 -15.92
CA GLY A 47 19.80 -19.43 -14.95
C GLY A 47 19.08 -18.17 -14.50
N ILE A 48 18.52 -17.44 -15.47
CA ILE A 48 17.69 -16.28 -15.15
C ILE A 48 16.46 -16.25 -16.06
N ASP A 49 15.32 -16.01 -15.45
CA ASP A 49 14.05 -15.97 -16.15
C ASP A 49 13.88 -14.67 -16.95
N PRO A 50 13.48 -14.80 -18.22
CA PRO A 50 13.12 -13.61 -19.01
C PRO A 50 11.78 -13.05 -18.54
N PRO A 51 11.50 -11.78 -18.87
CA PRO A 51 10.21 -11.21 -18.44
C PRO A 51 9.05 -11.86 -19.19
N LYS A 52 8.02 -12.28 -18.47
CA LYS A 52 6.84 -12.85 -19.10
C LYS A 52 6.04 -11.78 -19.83
N GLY A 53 5.98 -10.59 -19.24
CA GLY A 53 5.23 -9.51 -19.83
C GLY A 53 5.99 -8.20 -19.83
N VAL A 54 5.86 -7.45 -20.91
CA VAL A 54 6.46 -6.13 -21.01
C VAL A 54 5.37 -5.09 -21.24
N LEU A 55 5.37 -4.04 -20.43
CA LEU A 55 4.36 -3.00 -20.54
C LEU A 55 4.88 -1.80 -21.32
N LEU A 56 4.18 -1.48 -22.41
CA LEU A 56 4.52 -0.33 -23.23
C LEU A 56 3.54 0.81 -22.94
N TYR A 57 3.98 1.80 -22.17
CA TYR A 57 3.11 2.91 -21.82
C TYR A 57 3.55 4.18 -22.54
N GLY A 58 2.57 5.01 -22.87
CA GLY A 58 2.85 6.21 -23.64
C GLY A 58 1.60 6.67 -24.36
N PRO A 59 1.68 7.86 -24.98
CA PRO A 59 0.55 8.42 -25.73
C PRO A 59 0.21 7.57 -26.94
N PRO A 60 -1.03 7.68 -27.44
CA PRO A 60 -1.50 6.94 -28.61
C PRO A 60 -0.82 7.38 -29.90
N GLY A 61 -0.85 6.49 -30.90
CA GLY A 61 -0.20 6.76 -32.17
C GLY A 61 1.28 7.05 -32.04
N CYS A 62 1.95 6.29 -31.18
CA CYS A 62 3.39 6.41 -31.02
C CYS A 62 4.11 5.13 -31.42
N GLY A 63 3.32 4.11 -31.76
CA GLY A 63 3.87 2.89 -32.32
C GLY A 63 4.05 1.75 -31.34
N LYS A 64 3.14 1.63 -30.38
CA LYS A 64 3.19 0.53 -29.43
C LYS A 64 2.78 -0.77 -30.09
N THR A 65 1.73 -0.70 -30.89
CA THR A 65 1.28 -1.83 -31.68
C THR A 65 2.35 -2.18 -32.70
N LEU A 66 2.87 -1.14 -33.37
CA LEU A 66 3.93 -1.28 -34.35
C LEU A 66 5.12 -2.10 -33.82
N MET A 67 5.57 -1.77 -32.62
CA MET A 67 6.68 -2.49 -31.99
C MET A 67 6.35 -3.96 -31.77
N ALA A 68 5.15 -4.22 -31.28
CA ALA A 68 4.75 -5.59 -30.94
C ALA A 68 4.58 -6.46 -32.17
N LYS A 69 4.18 -5.83 -33.28
CA LYS A 69 4.03 -6.55 -34.54
C LYS A 69 5.39 -6.81 -35.19
N ALA A 70 6.32 -5.88 -35.01
CA ALA A 70 7.65 -6.01 -35.58
C ALA A 70 8.46 -7.11 -34.88
N ILE A 71 8.23 -7.25 -33.58
CA ILE A 71 8.84 -8.34 -32.83
C ILE A 71 8.27 -9.68 -33.32
N ALA A 72 6.94 -9.77 -33.37
CA ALA A 72 6.25 -10.97 -33.84
C ALA A 72 6.73 -11.35 -35.24
N HIS A 73 7.05 -10.35 -36.04
CA HIS A 73 7.60 -10.58 -37.38
C HIS A 73 9.01 -11.14 -37.33
N GLU A 74 9.90 -10.44 -36.64
CA GLU A 74 11.31 -10.82 -36.59
C GLU A 74 11.51 -12.16 -35.88
N VAL A 75 10.52 -12.57 -35.09
CA VAL A 75 10.62 -13.82 -34.36
C VAL A 75 9.71 -14.91 -34.95
N ASN A 76 9.10 -14.61 -36.08
CA ASN A 76 8.28 -15.57 -36.82
C ASN A 76 7.10 -16.12 -36.01
N ALA A 77 6.45 -15.24 -35.26
CA ALA A 77 5.42 -15.67 -34.32
C ALA A 77 4.02 -15.21 -34.72
N THR A 78 3.02 -15.80 -34.07
CA THR A 78 1.63 -15.39 -34.25
C THR A 78 1.38 -14.13 -33.44
N PHE A 79 0.63 -13.20 -34.00
CA PHE A 79 0.31 -11.96 -33.30
C PHE A 79 -1.17 -11.93 -32.94
N ILE A 80 -1.46 -11.96 -31.65
CA ILE A 80 -2.85 -11.95 -31.20
C ILE A 80 -3.10 -10.73 -30.33
N ARG A 81 -3.98 -9.85 -30.81
CA ARG A 81 -4.24 -8.58 -30.16
C ARG A 81 -5.60 -8.52 -29.48
N VAL A 82 -5.65 -7.95 -28.28
CA VAL A 82 -6.93 -7.73 -27.60
C VAL A 82 -7.09 -6.26 -27.23
N VAL A 83 -8.30 -5.75 -27.39
CA VAL A 83 -8.59 -4.37 -27.00
C VAL A 83 -9.19 -4.37 -25.60
N GLY A 84 -8.56 -3.63 -24.69
CA GLY A 84 -8.92 -3.67 -23.29
C GLY A 84 -10.34 -3.23 -22.97
N SER A 85 -10.81 -2.18 -23.64
CA SER A 85 -12.18 -1.71 -23.43
C SER A 85 -13.21 -2.70 -23.95
N GLU A 86 -12.86 -3.40 -25.03
CA GLU A 86 -13.77 -4.36 -25.65
C GLU A 86 -13.84 -5.68 -24.90
N LEU A 87 -13.08 -5.78 -23.81
CA LEU A 87 -13.19 -6.92 -22.90
C LEU A 87 -14.22 -6.62 -21.82
N VAL A 88 -14.41 -5.33 -21.55
CA VAL A 88 -15.33 -4.88 -20.51
C VAL A 88 -16.78 -5.13 -20.92
N ALA A 96 -13.84 -12.81 -18.58
CA ALA A 96 -12.80 -13.65 -18.01
C ALA A 96 -12.69 -14.95 -18.80
N ARG A 97 -13.83 -15.47 -19.24
CA ARG A 97 -13.88 -16.62 -20.13
C ARG A 97 -12.97 -16.38 -21.32
N LEU A 98 -13.05 -15.16 -21.84
CA LEU A 98 -12.38 -14.79 -23.08
C LEU A 98 -10.86 -14.69 -22.91
N VAL A 99 -10.41 -14.38 -21.70
CA VAL A 99 -8.98 -14.31 -21.42
C VAL A 99 -8.34 -15.69 -21.45
N HIS A 100 -8.99 -16.65 -20.80
CA HIS A 100 -8.53 -18.03 -20.82
C HIS A 100 -8.49 -18.56 -22.26
N GLU A 101 -9.61 -18.42 -22.97
CA GLU A 101 -9.72 -18.81 -24.37
C GLU A 101 -8.60 -18.21 -25.21
N LEU A 102 -8.27 -16.95 -24.92
CA LEU A 102 -7.19 -16.24 -25.59
C LEU A 102 -5.86 -16.97 -25.44
N PHE A 103 -5.41 -17.08 -24.19
CA PHE A 103 -4.13 -17.70 -23.88
C PHE A 103 -4.10 -19.12 -24.39
N GLU A 104 -5.26 -19.78 -24.36
CA GLU A 104 -5.37 -21.14 -24.89
C GLU A 104 -5.00 -21.17 -26.38
N LEU A 105 -5.63 -20.29 -27.15
CA LEU A 105 -5.28 -20.13 -28.55
C LEU A 105 -3.83 -19.73 -28.73
N ALA A 106 -3.34 -18.87 -27.84
CA ALA A 106 -1.99 -18.36 -27.92
C ALA A 106 -0.96 -19.48 -27.79
N LYS A 107 -1.24 -20.42 -26.90
CA LYS A 107 -0.39 -21.59 -26.73
C LYS A 107 -0.50 -22.49 -27.95
N GLU A 108 -1.71 -22.60 -28.50
CA GLU A 108 -1.98 -23.46 -29.64
C GLU A 108 -1.25 -23.04 -30.91
N LYS A 109 -1.12 -21.73 -31.11
CA LYS A 109 -0.48 -21.20 -32.31
C LYS A 109 0.94 -20.71 -32.07
N ALA A 110 1.57 -21.23 -31.02
CA ALA A 110 2.93 -20.84 -30.65
C ALA A 110 3.90 -21.04 -31.82
N PRO A 111 4.91 -20.16 -31.95
CA PRO A 111 5.23 -19.00 -31.12
C PRO A 111 4.21 -17.87 -31.24
N THR A 112 3.96 -17.17 -30.14
CA THR A 112 2.88 -16.18 -30.09
C THR A 112 3.23 -14.93 -29.27
N ILE A 113 2.95 -13.77 -29.83
CA ILE A 113 3.08 -12.50 -29.11
C ILE A 113 1.70 -11.97 -28.81
N ILE A 114 1.29 -12.04 -27.54
CA ILE A 114 -0.01 -11.53 -27.12
C ILE A 114 0.09 -10.04 -26.84
N PHE A 115 -0.72 -9.26 -27.53
CA PHE A 115 -0.69 -7.81 -27.36
C PHE A 115 -1.98 -7.31 -26.73
N ILE A 116 -1.89 -6.94 -25.45
CA ILE A 116 -3.05 -6.42 -24.73
C ILE A 116 -3.08 -4.91 -24.82
N ASP A 117 -3.97 -4.41 -25.67
CA ASP A 117 -4.14 -2.97 -25.84
C ASP A 117 -5.10 -2.48 -24.78
N GLU A 118 -4.96 -1.21 -24.40
CA GLU A 118 -5.83 -0.59 -23.39
C GLU A 118 -5.97 -1.44 -22.13
N ILE A 119 -4.87 -2.05 -21.69
CA ILE A 119 -4.89 -2.91 -20.49
C ILE A 119 -5.45 -2.20 -19.26
N ASP A 120 -5.27 -0.88 -19.19
CA ASP A 120 -5.79 -0.10 -18.07
C ASP A 120 -7.30 -0.18 -17.91
N ALA A 121 -8.01 -0.42 -19.00
CA ALA A 121 -9.46 -0.54 -18.98
C ALA A 121 -9.95 -1.75 -18.19
N ILE A 122 -9.04 -2.71 -17.96
CA ILE A 122 -9.38 -3.91 -17.20
C ILE A 122 -8.48 -4.12 -15.99
N GLY A 123 -7.52 -3.22 -15.80
CA GLY A 123 -6.50 -3.41 -14.79
C GLY A 123 -6.31 -2.22 -13.88
N ALA A 124 -7.38 -1.42 -13.70
CA ALA A 124 -7.32 -0.29 -12.79
C ALA A 124 -7.23 -0.77 -11.35
N LYS A 125 -7.12 0.17 -10.42
CA LYS A 125 -7.00 -0.18 -9.01
C LYS A 125 -8.16 0.35 -8.18
N ASN A 138 -11.75 -7.43 -10.13
CA ASN A 138 -12.87 -8.12 -10.76
C ASN A 138 -12.46 -9.44 -11.40
N ARG A 139 -13.44 -10.16 -11.94
CA ARG A 139 -13.25 -11.50 -12.49
C ARG A 139 -12.21 -11.57 -13.62
N THR A 140 -12.36 -10.68 -14.60
CA THR A 140 -11.49 -10.71 -15.79
C THR A 140 -10.03 -10.43 -15.43
N LEU A 141 -9.83 -9.45 -14.54
CA LEU A 141 -8.48 -9.08 -14.10
C LEU A 141 -7.75 -10.27 -13.47
N MET A 142 -8.34 -10.84 -12.43
CA MET A 142 -7.80 -12.02 -11.76
C MET A 142 -7.38 -13.11 -12.73
N GLN A 143 -8.22 -13.33 -13.74
CA GLN A 143 -7.94 -14.31 -14.78
C GLN A 143 -6.60 -14.04 -15.48
N LEU A 144 -6.35 -12.79 -15.83
CA LEU A 144 -5.11 -12.43 -16.52
C LEU A 144 -3.88 -12.73 -15.67
N LEU A 145 -3.97 -12.46 -14.38
CA LEU A 145 -2.87 -12.78 -13.47
C LEU A 145 -2.64 -14.28 -13.45
N ALA A 146 -3.73 -15.04 -13.41
CA ALA A 146 -3.67 -16.50 -13.42
C ALA A 146 -2.97 -17.02 -14.67
N GLU A 147 -3.45 -16.58 -15.83
CA GLU A 147 -2.90 -17.02 -17.11
C GLU A 147 -1.41 -16.77 -17.25
N MET A 148 -0.90 -15.70 -16.64
CA MET A 148 0.51 -15.35 -16.75
C MET A 148 1.39 -16.09 -15.76
N ASP A 149 0.85 -16.37 -14.57
CA ASP A 149 1.49 -17.30 -13.66
C ASP A 149 1.48 -18.70 -14.26
N GLY A 150 0.43 -18.98 -15.03
CA GLY A 150 0.25 -20.27 -15.68
C GLY A 150 1.44 -20.69 -16.53
N PHE A 151 1.55 -20.11 -17.73
CA PHE A 151 2.67 -20.42 -18.60
C PHE A 151 3.97 -19.94 -17.96
N ASP A 152 5.06 -20.63 -18.26
CA ASP A 152 6.35 -20.34 -17.65
C ASP A 152 7.25 -19.58 -18.62
N PRO A 153 8.18 -18.77 -18.09
CA PRO A 153 9.13 -18.08 -18.97
C PRO A 153 10.08 -19.09 -19.61
N ARG A 154 10.92 -18.61 -20.53
CA ARG A 154 11.66 -19.45 -21.50
C ARG A 154 10.71 -20.10 -22.50
N GLY A 155 9.41 -20.08 -22.20
CA GLY A 155 8.40 -20.57 -23.12
C GLY A 155 8.27 -19.64 -24.30
N ASN A 156 7.57 -20.08 -25.33
CA ASN A 156 7.47 -19.31 -26.56
C ASN A 156 6.17 -18.52 -26.73
N VAL A 157 5.55 -18.18 -25.60
CA VAL A 157 4.47 -17.21 -25.58
C VAL A 157 4.85 -16.03 -24.69
N LYS A 158 4.90 -14.83 -25.26
CA LYS A 158 5.26 -13.63 -24.50
C LYS A 158 4.17 -12.57 -24.60
N VAL A 159 3.98 -11.81 -23.53
CA VAL A 159 2.90 -10.83 -23.47
C VAL A 159 3.42 -9.40 -23.51
N ILE A 160 2.76 -8.56 -24.30
CA ILE A 160 3.06 -7.14 -24.35
C ILE A 160 1.79 -6.34 -24.10
N ALA A 161 1.86 -5.40 -23.18
CA ALA A 161 0.69 -4.61 -22.83
C ALA A 161 0.88 -3.14 -23.18
N ALA A 162 -0.20 -2.49 -23.58
CA ALA A 162 -0.16 -1.09 -23.97
C ALA A 162 -1.17 -0.28 -23.18
N THR A 163 -0.75 0.88 -22.70
CA THR A 163 -1.62 1.71 -21.88
C THR A 163 -1.21 3.17 -21.93
N ASN A 164 -2.12 4.02 -21.46
CA ASN A 164 -1.82 5.44 -21.26
C ASN A 164 -1.37 5.71 -19.84
N ARG A 165 -2.08 5.12 -18.89
CA ARG A 165 -1.85 5.34 -17.47
C ARG A 165 -1.29 4.15 -16.70
N PRO A 166 0.04 4.06 -16.60
CA PRO A 166 0.66 3.03 -15.77
C PRO A 166 0.49 3.35 -14.29
N ASP A 167 0.17 4.60 -13.98
CA ASP A 167 -0.10 5.03 -12.61
C ASP A 167 -1.40 4.43 -12.09
N ILE A 168 -2.36 4.23 -12.99
CA ILE A 168 -3.71 3.84 -12.62
C ILE A 168 -3.84 2.32 -12.47
N LEU A 169 -2.80 1.60 -12.86
CA LEU A 169 -2.84 0.15 -12.86
C LEU A 169 -2.74 -0.45 -11.47
N ASP A 170 -3.37 -1.62 -11.29
CA ASP A 170 -3.34 -2.35 -10.03
C ASP A 170 -1.99 -3.05 -9.89
N PRO A 171 -1.27 -2.76 -8.80
CA PRO A 171 0.09 -3.24 -8.48
C PRO A 171 0.31 -4.76 -8.59
N ALA A 172 -0.75 -5.52 -8.79
CA ALA A 172 -0.62 -6.96 -9.03
C ALA A 172 -0.04 -7.22 -10.41
N LEU A 173 -0.42 -6.38 -11.38
CA LEU A 173 0.07 -6.50 -12.75
C LEU A 173 1.56 -6.24 -12.90
N LEU A 174 2.09 -5.36 -12.05
CA LEU A 174 3.48 -4.95 -12.17
C LEU A 174 4.42 -5.78 -11.29
N ARG A 175 3.85 -6.64 -10.45
CA ARG A 175 4.65 -7.58 -9.66
C ARG A 175 5.42 -8.54 -10.57
N PRO A 176 6.59 -9.02 -10.11
CA PRO A 176 7.44 -9.95 -10.86
C PRO A 176 6.67 -11.15 -11.40
N GLY A 177 7.09 -11.67 -12.55
CA GLY A 177 6.48 -12.84 -13.14
C GLY A 177 5.27 -12.45 -13.97
N ARG A 178 5.02 -11.16 -14.07
CA ARG A 178 3.94 -10.64 -14.89
C ARG A 178 4.50 -9.54 -15.78
N PHE A 179 3.90 -8.36 -15.72
CA PHE A 179 4.45 -7.22 -16.43
C PHE A 179 5.51 -6.53 -15.57
N ASP A 180 6.68 -7.15 -15.51
CA ASP A 180 7.77 -6.66 -14.68
C ASP A 180 8.86 -5.99 -15.50
N ARG A 181 8.50 -5.52 -16.69
CA ARG A 181 9.45 -4.84 -17.56
C ARG A 181 8.73 -3.66 -18.24
N LEU A 182 9.18 -2.44 -17.95
CA LEU A 182 8.46 -1.25 -18.39
C LEU A 182 9.28 -0.43 -19.39
N ILE A 183 8.61 0.01 -20.46
CA ILE A 183 9.24 0.77 -21.52
C ILE A 183 8.40 1.97 -21.92
N GLU A 184 8.94 3.17 -21.73
CA GLU A 184 8.25 4.39 -22.16
C GLU A 184 8.29 4.53 -23.68
N VAL A 185 7.12 4.71 -24.28
CA VAL A 185 7.03 4.91 -25.72
C VAL A 185 6.41 6.28 -25.99
N PRO A 186 7.26 7.33 -26.00
CA PRO A 186 6.81 8.72 -26.06
C PRO A 186 6.58 9.20 -27.48
N LEU A 187 6.11 10.45 -27.61
CA LEU A 187 5.87 11.05 -28.91
C LEU A 187 7.15 11.12 -29.72
N PRO A 188 7.04 11.29 -31.04
CA PRO A 188 8.27 11.40 -31.82
C PRO A 188 8.92 12.76 -31.66
N ASP A 189 10.22 12.79 -31.38
CA ASP A 189 10.93 14.06 -31.30
C ASP A 189 11.11 14.60 -32.72
N GLU A 190 11.56 15.85 -32.83
CA GLU A 190 11.71 16.52 -34.12
C GLU A 190 12.26 15.61 -35.21
N PHE A 191 13.35 14.92 -34.90
CA PHE A 191 13.98 14.03 -35.87
C PHE A 191 13.19 12.75 -36.15
N SER A 192 12.72 12.08 -35.10
CA SER A 192 11.92 10.86 -35.26
C SER A 192 10.74 11.11 -36.21
N ARG A 193 10.16 12.30 -36.13
CA ARG A 193 9.06 12.70 -36.98
C ARG A 193 9.46 12.69 -38.46
N ALA A 194 10.68 13.12 -38.76
CA ALA A 194 11.19 13.08 -40.12
C ALA A 194 11.16 11.67 -40.70
N GLN A 195 11.70 10.72 -39.95
CA GLN A 195 11.69 9.32 -40.34
C GLN A 195 10.29 8.81 -40.63
N ILE A 196 9.37 9.06 -39.70
CA ILE A 196 8.00 8.58 -39.81
C ILE A 196 7.30 9.10 -41.07
N LEU A 197 7.53 10.38 -41.38
CA LEU A 197 7.01 10.95 -42.62
C LEU A 197 7.61 10.27 -43.85
N GLN A 198 8.92 10.08 -43.84
CA GLN A 198 9.61 9.40 -44.92
C GLN A 198 9.17 7.95 -45.03
N ILE A 199 9.07 7.29 -43.88
CA ILE A 199 8.64 5.89 -43.81
C ILE A 199 7.33 5.65 -44.54
N HIS A 200 6.37 6.57 -44.36
CA HIS A 200 5.07 6.44 -45.00
C HIS A 200 5.09 7.07 -46.39
N SER A 201 6.24 7.60 -46.78
CA SER A 201 6.44 8.13 -48.12
C SER A 201 7.27 7.21 -49.02
N ARG A 202 7.78 6.11 -48.47
CA ARG A 202 8.65 5.21 -49.24
C ARG A 202 8.01 4.66 -50.52
N LYS A 203 6.82 4.09 -50.40
CA LYS A 203 6.12 3.47 -51.52
C LYS A 203 5.49 4.54 -52.41
N MET A 204 6.09 5.72 -52.44
CA MET A 204 5.43 6.89 -52.98
C MET A 204 6.47 7.85 -53.53
N THR A 205 6.39 8.15 -54.82
CA THR A 205 7.41 8.93 -55.50
C THR A 205 7.51 10.32 -54.87
N THR A 206 8.74 10.77 -54.67
CA THR A 206 8.97 11.99 -53.90
C THR A 206 10.10 12.82 -54.49
N ASP A 207 9.86 14.13 -54.62
CA ASP A 207 10.84 15.05 -55.18
C ASP A 207 12.12 15.08 -54.35
N ASP A 208 13.23 15.44 -54.99
CA ASP A 208 14.54 15.38 -54.35
C ASP A 208 14.83 16.61 -53.49
N ASP A 209 14.07 17.68 -53.72
CA ASP A 209 14.31 18.94 -53.03
C ASP A 209 13.45 19.06 -51.78
N ILE A 210 12.73 18.00 -51.45
CA ILE A 210 11.83 18.03 -50.30
C ILE A 210 12.59 18.17 -48.98
N ASN A 211 12.24 19.21 -48.24
CA ASN A 211 12.86 19.53 -46.96
C ASN A 211 12.19 18.79 -45.81
N TRP A 212 12.77 17.66 -45.41
CA TRP A 212 12.17 16.82 -44.37
C TRP A 212 12.32 17.42 -42.97
N GLN A 213 13.27 18.33 -42.81
CA GLN A 213 13.53 18.92 -41.50
C GLN A 213 12.56 20.06 -41.19
N GLU A 214 12.26 20.88 -42.20
CA GLU A 214 11.24 21.92 -42.07
C GLU A 214 9.87 21.32 -41.75
N LEU A 215 9.60 20.16 -42.32
CA LEU A 215 8.35 19.45 -42.07
C LEU A 215 8.26 19.00 -40.61
N ALA A 216 9.40 18.56 -40.08
CA ALA A 216 9.48 18.09 -38.71
C ALA A 216 9.24 19.22 -37.70
N ARG A 217 9.63 20.43 -38.09
CA ARG A 217 9.39 21.61 -37.26
C ARG A 217 7.92 22.04 -37.24
N SER A 218 7.24 21.91 -38.38
CA SER A 218 5.86 22.38 -38.50
C SER A 218 4.89 21.36 -37.91
N THR A 219 5.40 20.19 -37.58
CA THR A 219 4.59 19.14 -36.99
C THR A 219 4.96 18.96 -35.52
N ASP A 220 5.11 20.09 -34.83
CA ASP A 220 5.43 20.07 -33.42
C ASP A 220 4.33 19.35 -32.66
N GLU A 221 4.75 18.46 -31.75
CA GLU A 221 3.84 17.68 -30.90
C GLU A 221 2.93 16.71 -31.66
N PHE A 222 3.27 16.40 -32.91
CA PHE A 222 2.54 15.38 -33.66
C PHE A 222 2.84 13.98 -33.14
N ASN A 223 1.98 13.03 -33.48
CA ASN A 223 2.25 11.62 -33.18
C ASN A 223 2.39 10.80 -34.47
N GLY A 224 2.77 9.54 -34.33
CA GLY A 224 3.00 8.68 -35.49
C GLY A 224 1.76 8.53 -36.35
N ALA A 225 0.62 8.33 -35.70
CA ALA A 225 -0.65 8.19 -36.40
C ALA A 225 -0.98 9.42 -37.24
N GLN A 226 -0.76 10.60 -36.67
CA GLN A 226 -1.05 11.84 -37.35
C GLN A 226 -0.07 12.07 -38.50
N LEU A 227 1.20 11.75 -38.26
CA LEU A 227 2.24 11.86 -39.28
C LEU A 227 1.98 10.94 -40.46
N LYS A 228 1.43 9.76 -40.20
CA LYS A 228 1.00 8.88 -41.28
C LYS A 228 -0.14 9.54 -42.04
N ALA A 229 -1.07 10.15 -41.30
CA ALA A 229 -2.23 10.77 -41.88
C ALA A 229 -1.86 12.00 -42.72
N VAL A 230 -0.67 12.53 -42.50
CA VAL A 230 -0.17 13.64 -43.31
C VAL A 230 0.22 13.12 -44.70
N THR A 231 0.91 11.99 -44.72
CA THR A 231 1.33 11.37 -45.98
C THR A 231 0.13 10.95 -46.82
N VAL A 232 -0.95 10.56 -46.14
CA VAL A 232 -2.18 10.19 -46.83
C VAL A 232 -2.83 11.44 -47.40
N GLU A 233 -2.73 12.54 -46.66
CA GLU A 233 -3.30 13.81 -47.08
C GLU A 233 -2.48 14.43 -48.21
N ALA A 234 -1.17 14.24 -48.16
CA ALA A 234 -0.28 14.79 -49.17
C ALA A 234 -0.45 14.10 -50.51
N GLY A 235 -0.39 12.78 -50.51
CA GLY A 235 -0.53 11.99 -51.71
C GLY A 235 -1.88 12.16 -52.39
N MET A 236 -2.87 12.57 -51.61
CA MET A 236 -4.20 12.83 -52.15
C MET A 236 -4.16 14.08 -53.01
N ILE A 237 -3.55 15.13 -52.49
CA ILE A 237 -3.45 16.41 -53.17
C ILE A 237 -2.63 16.32 -54.45
N ALA A 238 -1.57 15.52 -54.40
CA ALA A 238 -0.72 15.29 -55.55
C ALA A 238 -1.52 14.59 -56.64
N LEU A 239 -2.32 13.61 -56.22
CA LEU A 239 -3.19 12.89 -57.13
C LEU A 239 -4.24 13.82 -57.73
N ARG A 240 -4.88 14.62 -56.87
CA ARG A 240 -5.86 15.62 -57.31
C ARG A 240 -5.26 16.61 -58.30
N ASN A 241 -3.94 16.80 -58.24
CA ASN A 241 -3.26 17.68 -59.17
C ASN A 241 -2.66 16.95 -60.36
N GLY A 242 -2.80 15.63 -60.35
CA GLY A 242 -2.28 14.81 -61.43
C GLY A 242 -0.77 14.90 -61.53
N GLN A 243 -0.12 15.11 -60.40
CA GLN A 243 1.33 15.12 -60.35
C GLN A 243 1.82 13.67 -60.39
N SER A 244 3.06 13.46 -60.79
CA SER A 244 3.59 12.12 -60.89
C SER A 244 4.32 11.72 -59.61
N SER A 245 4.42 12.69 -58.69
CA SER A 245 5.05 12.48 -57.39
C SER A 245 4.41 13.44 -56.40
N VAL A 246 4.86 13.40 -55.15
CA VAL A 246 4.33 14.30 -54.14
C VAL A 246 5.35 15.40 -53.85
N LYS A 247 4.95 16.64 -54.10
CA LYS A 247 5.84 17.78 -53.91
C LYS A 247 5.86 18.22 -52.44
N HIS A 248 6.89 18.98 -52.08
CA HIS A 248 7.04 19.45 -50.72
C HIS A 248 5.85 20.31 -50.30
N GLU A 249 5.32 21.09 -51.23
CA GLU A 249 4.17 21.96 -50.96
C GLU A 249 2.95 21.15 -50.57
N ASP A 250 2.81 19.96 -51.18
CA ASP A 250 1.70 19.07 -50.91
C ASP A 250 1.70 18.68 -49.44
N PHE A 251 2.86 18.23 -48.97
CA PHE A 251 3.04 17.85 -47.57
C PHE A 251 2.64 18.96 -46.60
N VAL A 252 3.07 20.18 -46.88
CA VAL A 252 2.78 21.31 -45.99
C VAL A 252 1.28 21.60 -45.93
N GLU A 253 0.60 21.44 -47.06
CA GLU A 253 -0.85 21.54 -47.08
C GLU A 253 -1.43 20.37 -46.30
N GLY A 254 -0.76 19.22 -46.41
CA GLY A 254 -1.14 18.04 -45.65
C GLY A 254 -1.05 18.29 -44.16
N ILE A 255 0.08 18.85 -43.72
CA ILE A 255 0.27 19.21 -42.32
C ILE A 255 -0.75 20.26 -41.92
N SER A 256 -0.97 21.22 -42.80
CA SER A 256 -2.00 22.24 -42.61
C SER A 256 -3.36 21.59 -42.41
N GLU A 257 -3.74 20.73 -43.35
CA GLU A 257 -5.00 20.00 -43.28
C GLU A 257 -5.13 19.20 -41.98
N VAL A 258 -4.08 18.45 -41.67
CA VAL A 258 -4.07 17.57 -40.49
C VAL A 258 -4.18 18.35 -39.18
N GLN A 259 -3.58 19.55 -39.17
CA GLN A 259 -3.60 20.42 -37.99
C GLN A 259 -5.03 20.69 -37.48
N ALA A 260 -5.94 20.97 -38.41
CA ALA A 260 -7.33 21.24 -38.05
C ALA A 260 -8.04 20.11 -37.31
N ARG A 261 -7.43 18.93 -37.22
CA ARG A 261 -8.06 17.79 -36.58
C ARG A 261 -7.40 17.58 -35.22
N LEU B 11 -28.10 20.29 -24.96
CA LEU B 11 -29.36 20.66 -25.59
C LEU B 11 -29.21 20.88 -27.09
N LEU B 12 -28.53 19.95 -27.73
CA LEU B 12 -28.15 20.09 -29.14
C LEU B 12 -29.30 19.64 -30.05
N ALA B 13 -29.37 20.26 -31.22
CA ALA B 13 -30.42 19.99 -32.18
C ALA B 13 -29.86 20.42 -33.54
N ASN B 14 -28.67 21.01 -33.47
CA ASN B 14 -28.03 21.64 -34.61
C ASN B 14 -27.04 20.73 -35.32
N VAL B 15 -26.84 19.52 -34.79
CA VAL B 15 -25.92 18.59 -35.42
C VAL B 15 -26.40 18.27 -36.83
N LYS B 16 -25.44 18.24 -37.75
CA LYS B 16 -25.68 17.89 -39.14
C LYS B 16 -25.69 16.37 -39.12
N ILE B 17 -26.38 15.76 -40.07
CA ILE B 17 -26.60 14.32 -40.03
C ILE B 17 -25.93 13.69 -41.22
N ASP B 18 -25.45 12.46 -41.04
CA ASP B 18 -24.67 11.81 -42.08
C ASP B 18 -25.49 10.82 -42.89
N PRO B 19 -26.00 11.29 -44.03
CA PRO B 19 -26.82 10.45 -44.90
C PRO B 19 -25.97 9.41 -45.59
N SER B 20 -26.49 8.18 -45.63
CA SER B 20 -25.86 7.09 -46.35
C SER B 20 -24.47 6.76 -45.83
N LEU B 21 -24.20 7.23 -44.61
CA LEU B 21 -22.89 7.10 -44.00
C LEU B 21 -22.60 5.65 -43.64
N THR B 22 -23.42 5.08 -42.76
CA THR B 22 -23.22 3.72 -42.29
C THR B 22 -23.18 2.73 -43.46
N SER B 23 -23.78 3.12 -44.58
CA SER B 23 -23.71 2.32 -45.80
C SER B 23 -22.37 2.51 -46.47
N ARG B 24 -21.97 3.77 -46.68
CA ARG B 24 -20.70 4.11 -47.29
C ARG B 24 -19.52 3.64 -46.45
N ILE B 25 -19.66 3.76 -45.13
CA ILE B 25 -18.63 3.32 -44.18
C ILE B 25 -18.30 1.84 -44.33
N SER B 26 -19.32 1.02 -44.54
CA SER B 26 -19.15 -0.42 -44.67
C SER B 26 -18.56 -0.83 -46.02
N GLN B 27 -18.37 0.13 -46.90
CA GLN B 27 -17.85 -0.16 -48.23
C GLN B 27 -16.41 0.31 -48.44
N ILE B 28 -15.79 0.81 -47.37
CA ILE B 28 -14.43 1.35 -47.42
C ILE B 28 -13.43 0.48 -48.21
N ASP B 29 -13.47 -0.83 -47.98
CA ASP B 29 -12.54 -1.74 -48.62
C ASP B 29 -12.83 -1.89 -50.11
N SER B 30 -14.04 -1.51 -50.51
CA SER B 30 -14.47 -1.71 -51.90
C SER B 30 -14.66 -0.40 -52.66
N PHE B 31 -14.37 0.71 -52.01
CA PHE B 31 -14.48 2.02 -52.67
C PHE B 31 -13.26 2.33 -53.51
N LYS B 32 -13.44 3.20 -54.49
CA LYS B 32 -12.32 3.73 -55.25
C LYS B 32 -11.83 4.98 -54.51
N LEU B 33 -10.68 5.50 -54.91
CA LEU B 33 -10.07 6.63 -54.21
C LEU B 33 -10.91 7.90 -54.17
N SER B 34 -11.57 8.21 -55.28
CA SER B 34 -12.40 9.41 -55.37
C SER B 34 -13.55 9.34 -54.39
N GLU B 35 -14.13 8.16 -54.24
CA GLU B 35 -15.22 7.94 -53.31
C GLU B 35 -14.75 8.06 -51.87
N LEU B 36 -13.54 7.59 -51.61
CA LEU B 36 -12.93 7.69 -50.28
C LEU B 36 -12.68 9.15 -49.89
N MET B 37 -12.39 9.98 -50.88
CA MET B 37 -12.10 11.39 -50.63
C MET B 37 -13.35 12.12 -50.19
N VAL B 38 -14.44 11.87 -50.91
CA VAL B 38 -15.75 12.42 -50.57
C VAL B 38 -16.21 11.91 -49.20
N LEU B 39 -15.96 10.63 -48.94
CA LEU B 39 -16.35 10.02 -47.68
C LEU B 39 -15.57 10.61 -46.51
N LYS B 40 -14.25 10.69 -46.65
CA LYS B 40 -13.39 11.26 -45.62
C LYS B 40 -13.86 12.65 -45.22
N THR B 41 -14.15 13.47 -46.22
CA THR B 41 -14.64 14.82 -45.98
C THR B 41 -15.98 14.82 -45.25
N ASP B 42 -16.85 13.89 -45.62
CA ASP B 42 -18.16 13.77 -44.98
C ASP B 42 -18.07 13.34 -43.53
N ILE B 43 -17.25 12.33 -43.27
CA ILE B 43 -17.02 11.85 -41.91
C ILE B 43 -16.52 12.98 -41.01
N GLU B 44 -15.54 13.73 -41.50
CA GLU B 44 -14.97 14.85 -40.78
C GLU B 44 -16.01 15.92 -40.48
N THR B 45 -16.89 16.17 -41.45
CA THR B 45 -17.96 17.15 -41.29
C THR B 45 -18.89 16.74 -40.15
N GLN B 46 -19.09 15.43 -40.01
CA GLN B 46 -19.90 14.88 -38.94
C GLN B 46 -19.21 15.10 -37.59
N LEU B 47 -17.92 14.76 -37.53
CA LEU B 47 -17.13 14.91 -36.31
C LEU B 47 -17.00 16.35 -35.84
N GLU B 48 -16.89 17.29 -36.77
CA GLU B 48 -16.89 18.71 -36.45
C GLU B 48 -18.14 19.10 -35.67
N ALA B 49 -19.28 18.54 -36.09
CA ALA B 49 -20.54 18.82 -35.42
C ALA B 49 -20.58 18.21 -34.03
N TYR B 50 -20.08 16.98 -33.90
CA TYR B 50 -19.98 16.32 -32.59
C TYR B 50 -19.08 17.09 -31.63
N PHE B 51 -17.96 17.60 -32.15
CA PHE B 51 -17.00 18.32 -31.33
C PHE B 51 -17.49 19.69 -30.87
N SER B 52 -18.28 20.35 -31.70
CA SER B 52 -18.86 21.63 -31.32
C SER B 52 -19.69 21.44 -30.05
N VAL B 53 -20.38 20.30 -29.99
CA VAL B 53 -21.22 19.96 -28.86
C VAL B 53 -20.42 19.64 -27.60
N LEU B 54 -19.33 18.89 -27.77
CA LEU B 54 -18.47 18.54 -26.64
C LEU B 54 -17.82 19.81 -26.08
N GLU B 55 -17.80 20.84 -26.89
CA GLU B 55 -17.31 22.15 -26.48
C GLU B 55 -18.36 22.88 -25.63
N GLN B 56 -19.63 22.76 -26.00
CA GLN B 56 -20.70 23.49 -25.33
C GLN B 56 -20.92 23.04 -23.88
N GLN B 57 -20.79 21.73 -23.62
CA GLN B 57 -20.86 21.23 -22.26
C GLN B 57 -19.55 21.52 -21.56
N GLY B 58 -18.51 21.76 -22.35
CA GLY B 58 -17.20 22.04 -21.81
C GLY B 58 -16.56 20.79 -21.27
N ILE B 59 -17.05 19.64 -21.70
CA ILE B 59 -16.50 18.36 -21.26
C ILE B 59 -15.77 17.68 -22.41
N GLY B 60 -14.53 17.28 -22.15
CA GLY B 60 -13.73 16.60 -23.14
C GLY B 60 -14.20 15.17 -23.27
N MET B 61 -13.57 14.43 -24.17
CA MET B 61 -13.94 13.03 -24.40
C MET B 61 -13.52 12.10 -23.27
N ASP B 62 -12.97 12.66 -22.20
CA ASP B 62 -12.44 11.85 -21.10
C ASP B 62 -12.95 12.34 -19.76
N SER B 74 -26.60 16.01 -14.36
CA SER B 74 -27.66 15.06 -14.04
C SER B 74 -27.46 13.73 -14.77
N ASP B 75 -28.44 12.84 -14.64
CA ASP B 75 -28.34 11.49 -15.21
C ASP B 75 -28.63 11.44 -16.71
N VAL B 76 -29.35 12.43 -17.22
CA VAL B 76 -29.66 12.49 -18.65
C VAL B 76 -28.54 13.24 -19.39
N ASP B 77 -27.81 14.07 -18.67
CA ASP B 77 -26.52 14.57 -19.13
C ASP B 77 -25.65 13.37 -19.51
N VAL B 78 -25.22 12.64 -18.49
CA VAL B 78 -24.28 11.53 -18.61
C VAL B 78 -24.61 10.59 -19.77
N LEU B 79 -25.89 10.27 -19.92
CA LEU B 79 -26.33 9.35 -20.97
C LEU B 79 -26.03 9.86 -22.38
N GLN B 80 -26.38 11.12 -22.64
CA GLN B 80 -26.06 11.73 -23.93
C GLN B 80 -24.56 11.79 -24.18
N VAL B 81 -23.82 12.33 -23.22
CA VAL B 81 -22.36 12.42 -23.33
C VAL B 81 -21.77 11.03 -23.55
N THR B 82 -22.28 10.04 -22.82
CA THR B 82 -21.88 8.64 -23.03
C THR B 82 -22.06 8.21 -24.49
N MET B 83 -23.21 8.58 -25.07
CA MET B 83 -23.50 8.25 -26.47
C MET B 83 -22.68 9.10 -27.44
N ILE B 84 -22.64 10.41 -27.20
CA ILE B 84 -21.86 11.31 -28.04
C ILE B 84 -20.44 10.77 -28.23
N ARG B 85 -19.76 10.49 -27.12
CA ARG B 85 -18.43 9.90 -27.14
C ARG B 85 -18.37 8.62 -27.97
N LYS B 86 -19.25 7.66 -27.66
CA LYS B 86 -19.32 6.39 -28.36
C LYS B 86 -19.46 6.57 -29.86
N ASN B 87 -20.20 7.59 -30.26
CA ASN B 87 -20.40 7.91 -31.67
C ASN B 87 -19.11 8.38 -32.35
N VAL B 88 -18.45 9.35 -31.72
CA VAL B 88 -17.18 9.86 -32.21
C VAL B 88 -16.16 8.74 -32.37
N ASN B 89 -16.03 7.91 -31.33
CA ASN B 89 -15.07 6.80 -31.35
C ASN B 89 -15.33 5.84 -32.50
N MET B 90 -16.61 5.56 -32.75
CA MET B 90 -16.96 4.68 -33.87
C MET B 90 -16.64 5.37 -35.19
N LEU B 91 -16.83 6.69 -35.22
CA LEU B 91 -16.50 7.49 -36.39
C LEU B 91 -15.00 7.57 -36.61
N LYS B 92 -14.26 7.72 -35.52
CA LYS B 92 -12.81 7.77 -35.56
C LYS B 92 -12.21 6.43 -35.97
N ASN B 93 -12.83 5.35 -35.50
CA ASN B 93 -12.38 4.00 -35.85
C ASN B 93 -12.62 3.71 -37.32
N ASP B 94 -13.69 4.29 -37.85
CA ASP B 94 -14.03 4.16 -39.26
C ASP B 94 -13.12 5.04 -40.13
N LEU B 95 -12.95 6.30 -39.74
CA LEU B 95 -12.07 7.22 -40.47
C LEU B 95 -10.64 6.70 -40.47
N ASN B 96 -10.24 6.08 -39.37
CA ASN B 96 -8.93 5.46 -39.29
C ASN B 96 -8.81 4.37 -40.35
N HIS B 97 -9.80 3.50 -40.40
CA HIS B 97 -9.87 2.45 -41.42
C HIS B 97 -9.83 3.04 -42.82
N LEU B 98 -10.54 4.15 -43.01
CA LEU B 98 -10.61 4.83 -44.29
C LEU B 98 -9.22 5.22 -44.77
N LEU B 99 -8.40 5.71 -43.84
CA LEU B 99 -7.06 6.17 -44.19
C LEU B 99 -6.08 5.02 -44.42
N GLN B 100 -6.21 3.96 -43.63
CA GLN B 100 -5.35 2.79 -43.77
C GLN B 100 -5.57 2.18 -45.15
N ARG B 101 -6.82 2.17 -45.59
CA ARG B 101 -7.18 1.66 -46.91
C ARG B 101 -6.81 2.66 -47.99
N SER B 102 -7.08 3.93 -47.73
CA SER B 102 -6.73 5.00 -48.66
C SER B 102 -5.22 5.04 -48.88
N HIS B 103 -4.46 4.68 -47.84
CA HIS B 103 -3.01 4.65 -47.93
C HIS B 103 -2.55 3.53 -48.85
N VAL B 104 -3.09 2.33 -48.64
CA VAL B 104 -2.73 1.17 -49.45
C VAL B 104 -3.06 1.43 -50.92
N LEU B 105 -4.25 1.96 -51.19
CA LEU B 105 -4.66 2.30 -52.55
C LEU B 105 -3.75 3.35 -53.13
N LEU B 106 -3.28 4.25 -52.26
CA LEU B 106 -2.39 5.33 -52.66
C LEU B 106 -1.02 4.76 -53.03
N ASN B 107 -0.54 3.82 -52.21
CA ASN B 107 0.72 3.15 -52.47
C ASN B 107 0.71 2.33 -53.76
N GLN B 108 -0.46 1.79 -54.10
CA GLN B 108 -0.61 1.01 -55.32
C GLN B 108 -0.50 1.90 -56.55
N HIS B 109 -0.90 3.16 -56.40
CA HIS B 109 -0.81 4.12 -57.49
C HIS B 109 0.62 4.46 -57.90
N PHE B 110 1.51 4.56 -56.92
CA PHE B 110 2.90 4.96 -57.17
C PHE B 110 3.84 3.79 -57.38
N ASP B 111 3.31 2.58 -57.26
CA ASP B 111 4.05 1.37 -57.57
C ASP B 111 3.61 0.95 -58.97
N ASN B 112 2.33 1.17 -59.26
CA ASN B 112 1.80 1.14 -60.62
C ASN B 112 2.68 1.93 -61.59
N MET B 113 3.12 3.10 -61.16
CA MET B 113 4.01 3.94 -61.97
C MET B 113 5.46 3.50 -61.81
N GLU C 7 -22.55 -27.49 18.93
CA GLU C 7 -21.23 -28.11 19.02
C GLU C 7 -20.51 -27.69 20.29
N VAL C 8 -20.10 -28.67 21.08
CA VAL C 8 -19.32 -28.40 22.29
C VAL C 8 -17.96 -29.09 22.27
N VAL C 9 -16.92 -28.33 22.56
CA VAL C 9 -15.57 -28.86 22.65
C VAL C 9 -14.99 -28.54 24.03
N GLU C 10 -14.75 -29.59 24.82
CA GLU C 10 -14.27 -29.43 26.19
C GLU C 10 -13.05 -28.52 26.32
N ARG C 11 -12.04 -28.76 25.49
CA ARG C 11 -10.87 -27.90 25.44
C ARG C 11 -10.18 -28.10 24.10
N PRO C 12 -10.29 -27.09 23.21
CA PRO C 12 -9.78 -27.24 21.84
C PRO C 12 -8.26 -27.25 21.80
N ASN C 13 -7.71 -28.13 20.98
CA ASN C 13 -6.27 -28.27 20.87
C ASN C 13 -5.73 -27.40 19.75
N VAL C 14 -6.03 -26.10 19.84
CA VAL C 14 -5.66 -25.14 18.82
C VAL C 14 -4.86 -23.99 19.42
N THR C 15 -3.57 -23.95 19.10
CA THR C 15 -2.69 -22.91 19.64
C THR C 15 -2.68 -21.68 18.74
N TYR C 16 -2.20 -20.57 19.27
CA TYR C 16 -1.98 -19.36 18.48
C TYR C 16 -1.01 -19.59 17.31
N ASN C 17 -0.15 -20.59 17.43
CA ASN C 17 0.83 -20.90 16.39
C ASN C 17 0.22 -21.43 15.09
N ASP C 18 -1.05 -21.82 15.14
CA ASP C 18 -1.73 -22.36 13.96
C ASP C 18 -2.50 -21.29 13.19
N ILE C 19 -2.34 -20.04 13.60
CA ILE C 19 -3.04 -18.92 12.97
C ILE C 19 -2.08 -18.06 12.15
N GLY C 20 -2.28 -18.07 10.83
CA GLY C 20 -1.41 -17.34 9.93
C GLY C 20 -1.79 -15.87 9.85
N GLY C 21 -0.87 -15.00 10.27
CA GLY C 21 -1.15 -13.58 10.30
C GLY C 21 -2.09 -13.21 11.43
N LEU C 22 -2.89 -12.15 11.20
CA LEU C 22 -3.87 -11.68 12.16
C LEU C 22 -3.28 -11.27 13.50
N LYS C 23 -2.01 -10.88 13.49
CA LYS C 23 -1.32 -10.53 14.73
C LYS C 23 -1.96 -9.41 15.52
N LYS C 24 -2.24 -8.27 14.88
CA LYS C 24 -2.80 -7.13 15.62
C LYS C 24 -4.19 -7.45 16.17
N GLN C 25 -5.04 -8.04 15.34
CA GLN C 25 -6.41 -8.40 15.73
C GLN C 25 -6.40 -9.38 16.91
N LEU C 26 -5.66 -10.48 16.77
CA LEU C 26 -5.56 -11.49 17.80
C LEU C 26 -5.11 -10.91 19.14
N GLN C 27 -4.24 -9.92 19.09
CA GLN C 27 -3.82 -9.20 20.29
C GLN C 27 -4.99 -8.45 20.89
N GLU C 28 -5.75 -7.75 20.04
CA GLU C 28 -6.96 -7.04 20.47
C GLU C 28 -7.95 -8.01 21.11
N LEU C 29 -8.05 -9.20 20.53
CA LEU C 29 -8.95 -10.24 21.04
C LEU C 29 -8.51 -10.68 22.44
N ARG C 30 -7.21 -10.91 22.59
CA ARG C 30 -6.64 -11.33 23.87
C ARG C 30 -6.72 -10.21 24.92
N GLU C 31 -6.57 -8.97 24.48
CA GLU C 31 -6.72 -7.81 25.35
C GLU C 31 -8.15 -7.64 25.85
N ALA C 32 -9.09 -8.24 25.12
CA ALA C 32 -10.50 -8.05 25.42
C ALA C 32 -11.10 -9.25 26.15
N ILE C 33 -10.50 -10.42 25.94
CA ILE C 33 -11.02 -11.65 26.54
C ILE C 33 -10.00 -12.36 27.43
N GLU C 34 -8.80 -12.62 26.92
CA GLU C 34 -7.77 -13.34 27.69
C GLU C 34 -7.37 -12.61 28.96
N LEU C 35 -7.15 -11.30 28.86
CA LEU C 35 -6.74 -10.50 30.01
C LEU C 35 -7.77 -10.46 31.17
N PRO C 36 -9.05 -10.12 30.88
CA PRO C 36 -10.01 -10.09 31.99
C PRO C 36 -10.29 -11.45 32.62
N LEU C 37 -9.94 -12.53 31.92
CA LEU C 37 -10.12 -13.88 32.47
C LEU C 37 -9.02 -14.27 33.45
N LYS C 38 -7.77 -14.11 33.02
CA LYS C 38 -6.62 -14.47 33.84
C LYS C 38 -6.44 -13.60 35.09
N HIS C 39 -6.93 -12.36 35.04
CA HIS C 39 -6.77 -11.42 36.16
C HIS C 39 -7.96 -10.46 36.35
N PRO C 40 -9.17 -11.02 36.56
CA PRO C 40 -10.39 -10.20 36.68
C PRO C 40 -10.34 -9.18 37.81
N GLU C 41 -9.61 -9.50 38.88
CA GLU C 41 -9.49 -8.60 40.03
C GLU C 41 -8.91 -7.24 39.64
N LEU C 42 -7.97 -7.26 38.69
CA LEU C 42 -7.31 -6.05 38.22
C LEU C 42 -8.31 -5.06 37.62
N PHE C 43 -9.32 -5.60 36.94
CA PHE C 43 -10.35 -4.78 36.32
C PHE C 43 -11.32 -4.20 37.35
N GLU C 44 -11.36 -4.81 38.53
CA GLU C 44 -12.19 -4.29 39.61
C GLU C 44 -11.44 -3.24 40.42
N GLU C 45 -10.14 -3.46 40.57
CA GLU C 45 -9.27 -2.49 41.24
C GLU C 45 -9.28 -1.16 40.50
N VAL C 46 -8.98 -1.20 39.20
CA VAL C 46 -9.02 0.00 38.37
C VAL C 46 -10.47 0.41 38.13
N GLY C 47 -11.37 -0.57 38.18
CA GLY C 47 -12.79 -0.32 38.06
C GLY C 47 -13.31 -0.10 36.64
N ILE C 48 -13.09 -1.07 35.77
CA ILE C 48 -13.65 -1.04 34.42
C ILE C 48 -14.16 -2.41 34.00
N ASP C 49 -15.36 -2.45 33.44
CA ASP C 49 -15.95 -3.69 32.97
C ASP C 49 -15.28 -4.13 31.68
N PRO C 50 -14.89 -5.41 31.61
CA PRO C 50 -14.40 -5.99 30.36
C PRO C 50 -15.56 -6.19 29.40
N PRO C 51 -15.28 -6.32 28.09
CA PRO C 51 -16.39 -6.52 27.16
C PRO C 51 -17.03 -7.89 27.36
N LYS C 52 -18.35 -7.92 27.46
CA LYS C 52 -19.07 -9.18 27.57
C LYS C 52 -19.02 -9.92 26.24
N GLY C 53 -19.12 -9.16 25.16
CA GLY C 53 -19.09 -9.73 23.83
C GLY C 53 -18.17 -9.01 22.87
N VAL C 54 -17.48 -9.78 22.05
CA VAL C 54 -16.62 -9.22 21.00
C VAL C 54 -17.09 -9.73 19.64
N LEU C 55 -17.30 -8.81 18.70
CA LEU C 55 -17.78 -9.17 17.39
C LEU C 55 -16.67 -9.26 16.35
N LEU C 56 -16.51 -10.43 15.75
CA LEU C 56 -15.51 -10.65 14.71
C LEU C 56 -16.14 -10.70 13.33
N TYR C 57 -15.99 -9.62 12.57
CA TYR C 57 -16.55 -9.54 11.22
C TYR C 57 -15.47 -9.56 10.15
N GLY C 58 -15.81 -10.09 8.98
CA GLY C 58 -14.86 -10.23 7.90
C GLY C 58 -15.29 -11.34 6.95
N PRO C 59 -14.59 -11.49 5.82
CA PRO C 59 -14.91 -12.54 4.86
C PRO C 59 -14.68 -13.93 5.46
N PRO C 60 -15.34 -14.96 4.91
CA PRO C 60 -15.23 -16.34 5.39
C PRO C 60 -13.85 -16.95 5.15
N GLY C 61 -13.52 -17.98 5.91
CA GLY C 61 -12.23 -18.64 5.83
C GLY C 61 -11.08 -17.67 6.07
N CYS C 62 -11.25 -16.78 7.04
CA CYS C 62 -10.20 -15.84 7.40
C CYS C 62 -9.71 -16.05 8.84
N GLY C 63 -10.36 -16.96 9.54
CA GLY C 63 -9.90 -17.39 10.86
C GLY C 63 -10.60 -16.77 12.05
N LYS C 64 -11.90 -16.53 11.94
CA LYS C 64 -12.67 -16.04 13.08
C LYS C 64 -12.88 -17.16 14.10
N THR C 65 -13.21 -18.35 13.59
CA THR C 65 -13.36 -19.53 14.43
C THR C 65 -12.03 -19.93 15.05
N LEU C 66 -10.99 -19.97 14.22
CA LEU C 66 -9.63 -20.31 14.64
C LEU C 66 -9.18 -19.51 15.85
N MET C 67 -9.40 -18.20 15.81
CA MET C 67 -9.05 -17.31 16.91
C MET C 67 -9.82 -17.66 18.18
N ALA C 68 -11.11 -17.92 18.04
CA ALA C 68 -11.97 -18.18 19.19
C ALA C 68 -11.63 -19.50 19.87
N LYS C 69 -11.14 -20.45 19.09
CA LYS C 69 -10.70 -21.73 19.64
C LYS C 69 -9.34 -21.59 20.31
N ALA C 70 -8.51 -20.72 19.76
CA ALA C 70 -7.17 -20.48 20.29
C ALA C 70 -7.23 -19.74 21.63
N ILE C 71 -8.20 -18.84 21.77
CA ILE C 71 -8.42 -18.17 23.04
C ILE C 71 -8.89 -19.16 24.09
N ALA C 72 -9.91 -19.94 23.74
CA ALA C 72 -10.45 -20.97 24.63
C ALA C 72 -9.38 -21.95 25.05
N HIS C 73 -8.43 -22.21 24.16
CA HIS C 73 -7.32 -23.09 24.45
C HIS C 73 -6.35 -22.47 25.46
N GLU C 74 -5.87 -21.26 25.14
CA GLU C 74 -4.89 -20.57 25.97
C GLU C 74 -5.43 -20.20 27.35
N VAL C 75 -6.75 -20.16 27.48
CA VAL C 75 -7.38 -19.79 28.75
C VAL C 75 -8.00 -21.01 29.43
N ASN C 76 -7.76 -22.19 28.85
CA ASN C 76 -8.19 -23.47 29.42
C ASN C 76 -9.70 -23.55 29.59
N ALA C 77 -10.43 -23.06 28.60
CA ALA C 77 -11.88 -22.94 28.72
C ALA C 77 -12.63 -23.89 27.81
N THR C 78 -13.92 -24.01 28.06
CA THR C 78 -14.81 -24.79 27.22
C THR C 78 -15.19 -23.98 26.00
N PHE C 79 -15.22 -24.61 24.84
CA PHE C 79 -15.61 -23.93 23.62
C PHE C 79 -16.95 -24.45 23.13
N ILE C 80 -17.96 -23.59 23.14
CA ILE C 80 -19.28 -23.98 22.69
C ILE C 80 -19.67 -23.11 21.51
N ARG C 81 -19.86 -23.75 20.36
CA ARG C 81 -20.11 -23.05 19.11
C ARG C 81 -21.55 -23.21 18.64
N VAL C 82 -22.15 -22.11 18.18
CA VAL C 82 -23.50 -22.14 17.61
C VAL C 82 -23.51 -21.54 16.21
N VAL C 83 -24.24 -22.17 15.31
CA VAL C 83 -24.40 -21.65 13.95
C VAL C 83 -25.69 -20.85 13.83
N GLY C 84 -25.56 -19.60 13.40
CA GLY C 84 -26.69 -18.68 13.35
C GLY C 84 -27.83 -19.09 12.45
N SER C 85 -27.51 -19.62 11.28
CA SER C 85 -28.54 -20.09 10.35
C SER C 85 -29.28 -21.30 10.89
N GLU C 86 -28.57 -22.13 11.65
CA GLU C 86 -29.15 -23.34 12.22
C GLU C 86 -30.02 -23.06 13.44
N LEU C 87 -30.12 -21.78 13.83
CA LEU C 87 -31.05 -21.38 14.88
C LEU C 87 -32.40 -20.96 14.33
N VAL C 88 -32.43 -20.50 13.09
CA VAL C 88 -33.66 -20.00 12.48
C VAL C 88 -34.66 -21.13 12.21
N ALA C 96 -35.47 -19.87 20.43
CA ALA C 96 -35.14 -19.04 21.57
C ALA C 96 -34.87 -19.91 22.80
N ARG C 97 -35.61 -21.00 22.93
CA ARG C 97 -35.38 -22.01 23.96
C ARG C 97 -33.92 -22.44 23.94
N LEU C 98 -33.40 -22.64 22.75
CA LEU C 98 -32.08 -23.22 22.56
C LEU C 98 -30.96 -22.26 22.99
N VAL C 99 -31.23 -20.96 22.92
CA VAL C 99 -30.27 -19.94 23.34
C VAL C 99 -30.08 -19.96 24.86
N HIS C 100 -31.20 -20.06 25.58
CA HIS C 100 -31.16 -20.17 27.03
C HIS C 100 -30.38 -21.40 27.48
N GLU C 101 -30.75 -22.56 26.93
CA GLU C 101 -30.06 -23.82 27.21
C GLU C 101 -28.56 -23.68 26.98
N LEU C 102 -28.18 -22.94 25.94
CA LEU C 102 -26.78 -22.70 25.61
C LEU C 102 -26.02 -22.04 26.76
N PHE C 103 -26.43 -20.83 27.11
CA PHE C 103 -25.76 -20.05 28.15
C PHE C 103 -25.76 -20.79 29.49
N GLU C 104 -26.82 -21.55 29.75
CA GLU C 104 -26.89 -22.34 30.97
C GLU C 104 -25.74 -23.35 31.06
N LEU C 105 -25.59 -24.14 30.00
CA LEU C 105 -24.48 -25.08 29.89
C LEU C 105 -23.14 -24.38 29.96
N ALA C 106 -23.06 -23.20 29.33
CA ALA C 106 -21.83 -22.42 29.31
C ALA C 106 -21.39 -22.02 30.71
N LYS C 107 -22.35 -21.64 31.54
CA LYS C 107 -22.06 -21.32 32.94
C LYS C 107 -21.69 -22.60 33.67
N GLU C 108 -22.39 -23.68 33.32
CA GLU C 108 -22.21 -24.98 33.94
C GLU C 108 -20.82 -25.58 33.67
N LYS C 109 -20.29 -25.34 32.47
CA LYS C 109 -18.99 -25.89 32.10
C LYS C 109 -17.87 -24.84 32.11
N ALA C 110 -18.07 -23.78 32.89
CA ALA C 110 -17.13 -22.68 33.00
C ALA C 110 -15.72 -23.13 33.41
N PRO C 111 -14.67 -22.45 32.92
CA PRO C 111 -14.68 -21.30 32.00
C PRO C 111 -15.11 -21.69 30.59
N THR C 112 -15.80 -20.79 29.90
CA THR C 112 -16.38 -21.11 28.60
C THR C 112 -16.34 -19.95 27.60
N ILE C 113 -15.91 -20.25 26.38
CA ILE C 113 -15.95 -19.26 25.31
C ILE C 113 -17.07 -19.61 24.34
N ILE C 114 -18.13 -18.81 24.35
CA ILE C 114 -19.26 -19.03 23.47
C ILE C 114 -19.01 -18.38 22.11
N PHE C 115 -19.07 -19.18 21.06
CA PHE C 115 -18.82 -18.67 19.72
C PHE C 115 -20.09 -18.68 18.89
N ILE C 116 -20.67 -17.51 18.67
CA ILE C 116 -21.87 -17.40 17.86
C ILE C 116 -21.50 -17.09 16.41
N ASP C 117 -21.52 -18.11 15.58
CA ASP C 117 -21.18 -17.94 14.17
C ASP C 117 -22.44 -17.52 13.43
N GLU C 118 -22.26 -16.82 12.31
CA GLU C 118 -23.36 -16.35 11.49
C GLU C 118 -24.43 -15.64 12.31
N ILE C 119 -24.01 -14.86 13.30
CA ILE C 119 -24.92 -14.12 14.17
C ILE C 119 -25.92 -13.25 13.40
N ASP C 120 -25.52 -12.80 12.22
CA ASP C 120 -26.39 -11.99 11.37
C ASP C 120 -27.70 -12.71 11.00
N ALA C 121 -27.63 -14.04 10.96
CA ALA C 121 -28.79 -14.85 10.63
C ALA C 121 -29.91 -14.78 11.68
N ILE C 122 -29.58 -14.30 12.87
CA ILE C 122 -30.58 -14.17 13.93
C ILE C 122 -30.66 -12.76 14.49
N GLY C 123 -29.83 -11.86 13.98
CA GLY C 123 -29.74 -10.53 14.57
C GLY C 123 -29.85 -9.38 13.60
N ALA C 124 -30.52 -9.61 12.47
CA ALA C 124 -30.71 -8.54 11.49
C ALA C 124 -31.68 -7.49 12.02
N LYS C 125 -31.90 -6.44 11.23
CA LYS C 125 -32.75 -5.34 11.63
C LYS C 125 -33.95 -5.19 10.70
N ASN C 138 -37.38 -10.53 16.89
CA ASN C 138 -38.08 -11.79 17.11
C ASN C 138 -37.73 -12.43 18.45
N ARG C 139 -38.34 -13.58 18.71
CA ARG C 139 -38.18 -14.28 19.98
C ARG C 139 -36.72 -14.64 20.29
N THR C 140 -36.03 -15.23 19.32
CA THR C 140 -34.66 -15.71 19.52
C THR C 140 -33.64 -14.59 19.78
N LEU C 141 -33.76 -13.50 19.02
CA LEU C 141 -32.86 -12.35 19.17
C LEU C 141 -32.94 -11.81 20.59
N MET C 142 -34.17 -11.44 20.99
CA MET C 142 -34.44 -10.90 22.33
C MET C 142 -33.79 -11.72 23.44
N GLN C 143 -33.86 -13.04 23.30
CA GLN C 143 -33.25 -13.97 24.24
C GLN C 143 -31.74 -13.75 24.41
N LEU C 144 -31.04 -13.60 23.29
CA LEU C 144 -29.59 -13.40 23.30
C LEU C 144 -29.21 -12.11 24.04
N LEU C 145 -29.99 -11.06 23.82
CA LEU C 145 -29.78 -9.80 24.52
C LEU C 145 -29.93 -9.98 26.02
N ALA C 146 -30.97 -10.71 26.41
CA ALA C 146 -31.25 -11.00 27.81
C ALA C 146 -30.10 -11.73 28.48
N GLU C 147 -29.69 -12.84 27.87
CA GLU C 147 -28.62 -13.68 28.41
C GLU C 147 -27.33 -12.92 28.69
N MET C 148 -27.04 -11.92 27.86
CA MET C 148 -25.81 -11.15 28.01
C MET C 148 -25.94 -10.04 29.04
N ASP C 149 -27.14 -9.49 29.18
CA ASP C 149 -27.45 -8.67 30.35
C ASP C 149 -27.44 -9.56 31.59
N GLY C 150 -27.84 -10.81 31.40
CA GLY C 150 -27.89 -11.80 32.45
C GLY C 150 -26.57 -11.97 33.20
N PHE C 151 -25.64 -12.70 32.59
CA PHE C 151 -24.32 -12.89 33.19
C PHE C 151 -23.60 -11.56 33.25
N ASP C 152 -22.72 -11.41 34.24
CA ASP C 152 -22.04 -10.15 34.46
C ASP C 152 -20.61 -10.23 33.93
N PRO C 153 -20.05 -9.08 33.52
CA PRO C 153 -18.64 -9.11 33.12
C PRO C 153 -17.78 -9.39 34.34
N ARG C 154 -16.48 -9.59 34.14
CA ARG C 154 -15.58 -10.18 35.14
C ARG C 154 -15.92 -11.65 35.41
N GLY C 155 -17.10 -12.09 34.96
CA GLY C 155 -17.46 -13.50 35.06
C GLY C 155 -16.58 -14.28 34.11
N ASN C 156 -16.59 -15.60 34.25
CA ASN C 156 -15.68 -16.42 33.45
C ASN C 156 -16.34 -17.08 32.23
N VAL C 157 -17.41 -16.46 31.75
CA VAL C 157 -17.99 -16.82 30.45
C VAL C 157 -17.96 -15.61 29.51
N LYS C 158 -17.30 -15.76 28.37
CA LYS C 158 -17.19 -14.69 27.38
C LYS C 158 -17.75 -15.11 26.01
N VAL C 159 -18.36 -14.15 25.32
CA VAL C 159 -19.04 -14.42 24.05
C VAL C 159 -18.28 -13.84 22.86
N ILE C 160 -18.17 -14.62 21.78
CA ILE C 160 -17.57 -14.17 20.54
C ILE C 160 -18.53 -14.41 19.39
N ALA C 161 -18.77 -13.37 18.58
CA ALA C 161 -19.70 -13.50 17.47
C ALA C 161 -19.02 -13.29 16.12
N ALA C 162 -19.49 -14.02 15.11
CA ALA C 162 -18.90 -13.95 13.78
C ALA C 162 -19.97 -13.67 12.74
N THR C 163 -19.68 -12.76 11.83
CA THR C 163 -20.65 -12.37 10.81
C THR C 163 -19.99 -11.79 9.58
N ASN C 164 -20.76 -11.69 8.50
CA ASN C 164 -20.33 -11.00 7.29
C ASN C 164 -20.76 -9.54 7.25
N ARG C 165 -22.00 -9.29 7.63
CA ARG C 165 -22.57 -7.94 7.52
C ARG C 165 -22.80 -7.30 8.90
N PRO C 166 -21.80 -6.55 9.41
CA PRO C 166 -22.01 -5.80 10.65
C PRO C 166 -22.93 -4.62 10.40
N ASP C 167 -23.09 -4.27 9.13
CA ASP C 167 -23.99 -3.22 8.69
C ASP C 167 -25.43 -3.65 8.93
N ILE C 168 -25.68 -4.95 8.78
CA ILE C 168 -27.03 -5.48 8.75
C ILE C 168 -27.58 -5.78 10.16
N LEU C 169 -26.70 -5.69 11.16
CA LEU C 169 -27.08 -6.07 12.53
C LEU C 169 -27.95 -5.05 13.24
N ASP C 170 -28.79 -5.52 14.16
CA ASP C 170 -29.67 -4.67 14.94
C ASP C 170 -28.85 -3.94 16.00
N PRO C 171 -28.90 -2.60 16.00
CA PRO C 171 -28.13 -1.74 16.89
C PRO C 171 -28.26 -2.06 18.38
N ALA C 172 -29.17 -2.97 18.73
CA ALA C 172 -29.30 -3.42 20.12
C ALA C 172 -28.13 -4.32 20.50
N LEU C 173 -27.67 -5.14 19.56
CA LEU C 173 -26.55 -6.04 19.78
C LEU C 173 -25.23 -5.29 19.95
N LEU C 174 -25.10 -4.13 19.32
CA LEU C 174 -23.86 -3.37 19.36
C LEU C 174 -23.84 -2.36 20.50
N ARG C 175 -24.98 -2.19 21.17
CA ARG C 175 -25.06 -1.35 22.35
C ARG C 175 -24.18 -1.91 23.46
N PRO C 176 -23.67 -1.03 24.35
CA PRO C 176 -22.80 -1.41 25.47
C PRO C 176 -23.34 -2.58 26.30
N GLY C 177 -22.44 -3.38 26.84
CA GLY C 177 -22.81 -4.49 27.70
C GLY C 177 -23.15 -5.74 26.92
N ARG C 178 -23.00 -5.65 25.60
CA ARG C 178 -23.19 -6.80 24.73
C ARG C 178 -21.99 -6.93 23.81
N PHE C 179 -22.21 -6.95 22.50
CA PHE C 179 -21.11 -6.93 21.56
C PHE C 179 -20.68 -5.50 21.28
N ASP C 180 -19.95 -4.93 22.24
CA ASP C 180 -19.51 -3.55 22.16
C ASP C 180 -18.02 -3.48 21.83
N ARG C 181 -17.52 -4.54 21.21
CA ARG C 181 -16.11 -4.60 20.83
C ARG C 181 -15.98 -5.21 19.45
N LEU C 182 -15.46 -4.43 18.51
CA LEU C 182 -15.43 -4.85 17.11
C LEU C 182 -14.01 -5.02 16.59
N ILE C 183 -13.78 -6.14 15.91
CA ILE C 183 -12.48 -6.46 15.35
C ILE C 183 -12.65 -7.00 13.94
N GLU C 184 -12.10 -6.28 12.96
CA GLU C 184 -12.15 -6.73 11.58
C GLU C 184 -11.20 -7.91 11.38
N VAL C 185 -11.72 -8.99 10.80
CA VAL C 185 -10.91 -10.17 10.52
C VAL C 185 -10.89 -10.38 9.01
N PRO C 186 -9.96 -9.69 8.32
CA PRO C 186 -9.87 -9.59 6.86
C PRO C 186 -9.08 -10.71 6.21
N LEU C 187 -9.02 -10.67 4.88
CA LEU C 187 -8.28 -11.64 4.09
C LEU C 187 -6.80 -11.61 4.44
N PRO C 188 -6.07 -12.68 4.10
CA PRO C 188 -4.62 -12.68 4.38
C PRO C 188 -3.84 -11.85 3.36
N ASP C 189 -2.96 -10.98 3.84
CA ASP C 189 -2.10 -10.23 2.93
C ASP C 189 -1.01 -11.14 2.37
N GLU C 190 -0.26 -10.63 1.39
CA GLU C 190 0.81 -11.39 0.73
C GLU C 190 1.62 -12.28 1.68
N PHE C 191 2.10 -11.70 2.77
CA PHE C 191 2.90 -12.47 3.72
C PHE C 191 2.08 -13.48 4.52
N SER C 192 0.94 -13.05 5.06
CA SER C 192 0.08 -13.92 5.85
C SER C 192 -0.25 -15.19 5.07
N ARG C 193 -0.45 -15.04 3.77
CA ARG C 193 -0.73 -16.17 2.89
C ARG C 193 0.43 -17.16 2.91
N ALA C 194 1.64 -16.64 2.92
CA ALA C 194 2.83 -17.48 3.01
C ALA C 194 2.79 -18.33 4.27
N GLN C 195 2.56 -17.68 5.41
CA GLN C 195 2.45 -18.37 6.70
C GLN C 195 1.44 -19.50 6.67
N ILE C 196 0.22 -19.17 6.24
CA ILE C 196 -0.88 -20.13 6.24
C ILE C 196 -0.55 -21.36 5.40
N LEU C 197 0.10 -21.15 4.26
CA LEU C 197 0.56 -22.24 3.42
C LEU C 197 1.55 -23.12 4.16
N GLN C 198 2.51 -22.48 4.83
CA GLN C 198 3.50 -23.18 5.63
C GLN C 198 2.84 -23.89 6.81
N ILE C 199 1.93 -23.19 7.49
CA ILE C 199 1.21 -23.73 8.64
C ILE C 199 0.54 -25.07 8.37
N HIS C 200 -0.12 -25.20 7.23
CA HIS C 200 -0.79 -26.44 6.89
C HIS C 200 0.14 -27.39 6.13
N SER C 201 1.37 -26.95 5.93
CA SER C 201 2.40 -27.77 5.32
C SER C 201 3.39 -28.30 6.36
N ARG C 202 3.25 -27.86 7.61
CA ARG C 202 4.19 -28.23 8.67
C ARG C 202 4.33 -29.75 8.84
N LYS C 203 3.19 -30.44 8.98
CA LYS C 203 3.15 -31.87 9.20
C LYS C 203 3.39 -32.62 7.89
N MET C 204 4.13 -32.00 6.97
CA MET C 204 4.16 -32.45 5.60
C MET C 204 5.50 -32.10 4.95
N THR C 205 6.23 -33.13 4.54
CA THR C 205 7.60 -32.95 4.05
C THR C 205 7.64 -32.12 2.76
N ILE C 210 11.64 -24.81 -1.94
CA ILE C 210 10.28 -24.33 -2.14
C ILE C 210 10.16 -22.82 -1.91
N ASN C 211 9.67 -22.12 -2.92
CA ASN C 211 9.53 -20.67 -2.87
C ASN C 211 8.18 -20.24 -2.28
N TRP C 212 8.18 -19.88 -1.00
CA TRP C 212 6.94 -19.49 -0.34
C TRP C 212 6.42 -18.11 -0.74
N GLN C 213 7.29 -17.25 -1.27
CA GLN C 213 6.87 -15.88 -1.57
C GLN C 213 6.13 -15.87 -2.91
N GLU C 214 6.64 -16.64 -3.86
CA GLU C 214 6.00 -16.80 -5.17
C GLU C 214 4.60 -17.39 -5.05
N LEU C 215 4.44 -18.32 -4.10
CA LEU C 215 3.14 -18.92 -3.86
C LEU C 215 2.18 -17.85 -3.38
N ALA C 216 2.72 -16.93 -2.57
CA ALA C 216 1.94 -15.84 -2.02
C ALA C 216 1.49 -14.85 -3.10
N ARG C 217 2.25 -14.73 -4.18
CA ARG C 217 1.85 -13.86 -5.29
C ARG C 217 0.66 -14.44 -6.03
N SER C 218 0.69 -15.77 -6.20
CA SER C 218 -0.27 -16.45 -7.06
C SER C 218 -1.62 -16.65 -6.38
N THR C 219 -1.67 -16.41 -5.09
CA THR C 219 -2.90 -16.55 -4.35
C THR C 219 -3.44 -15.20 -3.93
N ASP C 220 -3.40 -14.24 -4.85
CA ASP C 220 -3.94 -12.92 -4.57
C ASP C 220 -5.43 -13.05 -4.28
N GLU C 221 -5.88 -12.39 -3.22
CA GLU C 221 -7.28 -12.40 -2.78
C GLU C 221 -7.80 -13.78 -2.32
N PHE C 222 -6.88 -14.70 -2.06
CA PHE C 222 -7.24 -15.98 -1.45
C PHE C 222 -7.62 -15.78 0.00
N ASN C 223 -8.31 -16.76 0.58
CA ASN C 223 -8.55 -16.75 2.02
C ASN C 223 -7.87 -17.94 2.69
N GLY C 224 -7.89 -17.95 4.02
CA GLY C 224 -7.22 -18.99 4.77
C GLY C 224 -7.72 -20.38 4.43
N ALA C 225 -9.04 -20.51 4.34
CA ALA C 225 -9.67 -21.78 3.99
C ALA C 225 -9.19 -22.30 2.64
N GLN C 226 -9.07 -21.39 1.66
CA GLN C 226 -8.60 -21.77 0.34
C GLN C 226 -7.13 -22.13 0.38
N LEU C 227 -6.36 -21.37 1.15
CA LEU C 227 -4.93 -21.64 1.32
C LEU C 227 -4.67 -22.98 1.95
N LYS C 228 -5.53 -23.40 2.88
CA LYS C 228 -5.46 -24.74 3.45
C LYS C 228 -5.78 -25.77 2.37
N ALA C 229 -6.79 -25.48 1.56
CA ALA C 229 -7.24 -26.40 0.51
C ALA C 229 -6.19 -26.54 -0.59
N VAL C 230 -5.27 -25.60 -0.66
CA VAL C 230 -4.16 -25.69 -1.60
C VAL C 230 -3.16 -26.74 -1.13
N THR C 231 -2.86 -26.72 0.16
CA THR C 231 -1.93 -27.70 0.75
C THR C 231 -2.50 -29.10 0.62
N VAL C 232 -3.82 -29.20 0.71
CA VAL C 232 -4.51 -30.47 0.56
C VAL C 232 -4.45 -30.92 -0.90
N GLU C 233 -4.58 -29.96 -1.80
CA GLU C 233 -4.51 -30.24 -3.24
C GLU C 233 -3.08 -30.52 -3.68
N ALA C 234 -2.13 -29.87 -3.04
CA ALA C 234 -0.71 -30.07 -3.33
C ALA C 234 -0.28 -31.47 -2.90
N GLY C 235 -0.61 -31.83 -1.66
CA GLY C 235 -0.25 -33.12 -1.11
C GLY C 235 -0.86 -34.32 -1.82
N MET C 236 -1.97 -34.10 -2.53
CA MET C 236 -2.60 -35.15 -3.32
C MET C 236 -1.73 -35.50 -4.52
N ILE C 237 -1.30 -34.48 -5.24
CA ILE C 237 -0.50 -34.64 -6.45
C ILE C 237 0.85 -35.29 -6.16
N ALA C 238 1.42 -34.98 -5.00
CA ALA C 238 2.69 -35.58 -4.60
C ALA C 238 2.52 -37.08 -4.38
N LEU C 239 1.44 -37.46 -3.72
CA LEU C 239 1.12 -38.87 -3.53
C LEU C 239 0.84 -39.54 -4.89
N ARG C 240 0.03 -38.89 -5.70
CA ARG C 240 -0.30 -39.39 -7.04
C ARG C 240 0.96 -39.60 -7.88
N ASN C 241 2.02 -38.87 -7.55
CA ASN C 241 3.33 -39.07 -8.18
C ASN C 241 4.26 -39.92 -7.32
N GLY C 242 3.77 -40.37 -6.17
CA GLY C 242 4.53 -41.21 -5.27
C GLY C 242 5.79 -40.58 -4.68
N GLN C 243 5.77 -39.28 -4.50
CA GLN C 243 6.88 -38.57 -3.87
C GLN C 243 6.81 -38.71 -2.35
N SER C 244 7.96 -38.55 -1.69
CA SER C 244 8.03 -38.66 -0.23
C SER C 244 7.91 -37.28 0.41
N SER C 245 7.80 -36.26 -0.43
CA SER C 245 7.63 -34.90 0.03
C SER C 245 6.82 -34.15 -0.99
N VAL C 246 6.53 -32.88 -0.71
CA VAL C 246 5.77 -32.08 -1.65
C VAL C 246 6.70 -31.07 -2.30
N LYS C 247 6.82 -31.15 -3.62
CA LYS C 247 7.67 -30.24 -4.36
C LYS C 247 6.94 -28.93 -4.62
N HIS C 248 7.68 -27.88 -4.94
CA HIS C 248 7.11 -26.56 -5.20
C HIS C 248 6.11 -26.60 -6.34
N GLU C 249 6.40 -27.46 -7.32
CA GLU C 249 5.57 -27.64 -8.51
C GLU C 249 4.17 -28.14 -8.17
N ASP C 250 4.09 -28.96 -7.14
CA ASP C 250 2.82 -29.49 -6.66
C ASP C 250 1.90 -28.36 -6.21
N PHE C 251 2.44 -27.49 -5.37
CA PHE C 251 1.72 -26.33 -4.85
C PHE C 251 1.11 -25.45 -5.94
N VAL C 252 1.90 -25.14 -6.97
CA VAL C 252 1.45 -24.28 -8.05
C VAL C 252 0.31 -24.95 -8.84
N GLU C 253 0.40 -26.27 -9.00
CA GLU C 253 -0.68 -27.04 -9.59
C GLU C 253 -1.90 -26.97 -8.68
N GLY C 254 -1.64 -26.99 -7.38
CA GLY C 254 -2.66 -26.85 -6.37
C GLY C 254 -3.38 -25.52 -6.44
N ILE C 255 -2.61 -24.44 -6.52
CA ILE C 255 -3.19 -23.11 -6.63
C ILE C 255 -4.01 -23.01 -7.91
N SER C 256 -3.47 -23.59 -8.99
CA SER C 256 -4.18 -23.66 -10.27
C SER C 256 -5.55 -24.32 -10.11
N GLU C 257 -5.55 -25.54 -9.56
CA GLU C 257 -6.79 -26.26 -9.29
C GLU C 257 -7.76 -25.48 -8.42
N VAL C 258 -7.24 -24.92 -7.33
CA VAL C 258 -8.06 -24.20 -6.35
C VAL C 258 -8.73 -22.97 -6.97
N GLN C 259 -8.06 -22.33 -7.94
CA GLN C 259 -8.57 -21.13 -8.57
C GLN C 259 -9.99 -21.28 -9.12
N ALA C 260 -10.25 -22.34 -9.85
CA ALA C 260 -11.58 -22.57 -10.40
C ALA C 260 -12.51 -23.29 -9.42
N ARG C 261 -13.30 -22.51 -8.69
CA ARG C 261 -14.27 -23.03 -7.73
C ARG C 261 -15.18 -21.90 -7.23
N LEU D 11 -34.83 -24.21 -16.48
CA LEU D 11 -35.34 -25.37 -17.20
C LEU D 11 -34.28 -26.45 -17.38
N LEU D 12 -33.65 -26.81 -16.28
CA LEU D 12 -32.50 -27.71 -16.29
C LEU D 12 -32.91 -29.18 -16.28
N ALA D 13 -32.37 -29.94 -17.23
CA ALA D 13 -32.68 -31.35 -17.38
C ALA D 13 -31.38 -32.08 -17.54
N ASN D 14 -30.32 -31.28 -17.65
CA ASN D 14 -29.00 -31.77 -17.99
C ASN D 14 -28.08 -32.02 -16.81
N VAL D 15 -28.53 -31.77 -15.58
CA VAL D 15 -27.67 -32.04 -14.42
C VAL D 15 -27.32 -33.52 -14.34
N LYS D 16 -26.03 -33.79 -14.20
CA LYS D 16 -25.53 -35.13 -14.04
C LYS D 16 -25.90 -35.50 -12.62
N ILE D 17 -26.05 -36.78 -12.33
CA ILE D 17 -26.55 -37.18 -11.03
C ILE D 17 -25.44 -37.93 -10.32
N ASP D 18 -25.45 -37.86 -8.98
CA ASP D 18 -24.38 -38.44 -8.21
C ASP D 18 -24.76 -39.79 -7.59
N PRO D 19 -24.40 -40.88 -8.26
CA PRO D 19 -24.70 -42.24 -7.77
C PRO D 19 -23.86 -42.57 -6.54
N SER D 20 -24.51 -43.12 -5.53
CA SER D 20 -23.88 -43.51 -4.27
C SER D 20 -23.14 -42.33 -3.65
N LEU D 21 -23.69 -41.13 -3.82
CA LEU D 21 -23.05 -39.95 -3.27
C LEU D 21 -23.25 -39.90 -1.77
N THR D 22 -24.52 -39.77 -1.39
CA THR D 22 -24.91 -39.62 0.01
C THR D 22 -24.38 -40.77 0.86
N SER D 23 -24.07 -41.90 0.22
CA SER D 23 -23.48 -43.05 0.90
C SER D 23 -22.00 -42.87 1.20
N ARG D 24 -21.24 -42.55 0.16
CA ARG D 24 -19.80 -42.31 0.24
C ARG D 24 -19.48 -41.09 1.10
N ILE D 25 -20.32 -40.06 0.98
CA ILE D 25 -20.20 -38.85 1.79
C ILE D 25 -20.26 -39.17 3.29
N SER D 26 -21.12 -40.10 3.65
CA SER D 26 -21.30 -40.50 5.04
C SER D 26 -20.15 -41.35 5.56
N GLN D 27 -19.23 -41.71 4.66
CA GLN D 27 -18.08 -42.53 5.02
C GLN D 27 -16.76 -41.78 4.97
N ILE D 28 -16.81 -40.46 4.76
CA ILE D 28 -15.62 -39.61 4.68
C ILE D 28 -14.62 -39.90 5.80
N ASP D 29 -15.14 -40.05 7.02
CA ASP D 29 -14.32 -40.31 8.20
C ASP D 29 -13.77 -41.73 8.23
N SER D 30 -14.35 -42.62 7.44
CA SER D 30 -13.97 -44.02 7.45
C SER D 30 -13.32 -44.43 6.14
N PHE D 31 -13.18 -43.48 5.23
CA PHE D 31 -12.55 -43.74 3.94
C PHE D 31 -11.03 -43.64 4.02
N LYS D 32 -10.36 -44.29 3.07
CA LYS D 32 -8.91 -44.17 2.88
C LYS D 32 -8.64 -43.00 1.93
N LEU D 33 -7.38 -42.60 1.82
CA LEU D 33 -7.03 -41.45 0.97
C LEU D 33 -7.34 -41.68 -0.52
N SER D 34 -7.11 -42.90 -1.02
CA SER D 34 -7.37 -43.23 -2.41
C SER D 34 -8.85 -43.06 -2.76
N GLU D 35 -9.70 -43.49 -1.84
CA GLU D 35 -11.15 -43.37 -1.97
C GLU D 35 -11.61 -41.92 -1.88
N LEU D 36 -10.95 -41.14 -1.00
CA LEU D 36 -11.28 -39.73 -0.85
C LEU D 36 -10.97 -38.91 -2.11
N MET D 37 -9.95 -39.31 -2.85
CA MET D 37 -9.55 -38.59 -4.06
C MET D 37 -10.58 -38.78 -5.18
N VAL D 38 -11.00 -40.02 -5.36
CA VAL D 38 -12.04 -40.34 -6.33
C VAL D 38 -13.35 -39.66 -5.93
N LEU D 39 -13.65 -39.64 -4.63
CA LEU D 39 -14.85 -39.00 -4.13
C LEU D 39 -14.82 -37.49 -4.34
N LYS D 40 -13.70 -36.86 -3.99
CA LYS D 40 -13.51 -35.42 -4.19
C LYS D 40 -13.79 -35.01 -5.64
N THR D 41 -13.26 -35.81 -6.57
CA THR D 41 -13.42 -35.57 -8.00
C THR D 41 -14.91 -35.60 -8.39
N ASP D 42 -15.64 -36.54 -7.78
CA ASP D 42 -17.07 -36.71 -8.03
C ASP D 42 -17.93 -35.56 -7.51
N ILE D 43 -17.67 -35.12 -6.28
CA ILE D 43 -18.40 -33.99 -5.69
C ILE D 43 -18.24 -32.73 -6.53
N GLU D 44 -16.99 -32.46 -6.92
CA GLU D 44 -16.65 -31.30 -7.74
C GLU D 44 -17.37 -31.37 -9.08
N THR D 45 -17.45 -32.57 -9.65
CA THR D 45 -18.15 -32.78 -10.91
C THR D 45 -19.65 -32.46 -10.77
N GLN D 46 -20.20 -32.80 -9.61
CA GLN D 46 -21.59 -32.52 -9.31
C GLN D 46 -21.84 -31.02 -9.16
N LEU D 47 -20.99 -30.36 -8.38
CA LEU D 47 -21.10 -28.92 -8.17
C LEU D 47 -20.95 -28.13 -9.48
N GLU D 48 -20.08 -28.63 -10.35
CA GLU D 48 -19.92 -28.06 -11.69
C GLU D 48 -21.26 -28.05 -12.44
N ALA D 49 -22.02 -29.13 -12.30
CA ALA D 49 -23.32 -29.22 -12.95
C ALA D 49 -24.29 -28.24 -12.30
N TYR D 50 -24.27 -28.17 -10.97
CA TYR D 50 -25.05 -27.19 -10.23
C TYR D 50 -24.66 -25.76 -10.61
N PHE D 51 -23.36 -25.53 -10.78
CA PHE D 51 -22.85 -24.20 -11.13
C PHE D 51 -23.18 -23.80 -12.56
N SER D 52 -23.24 -24.76 -13.46
CA SER D 52 -23.64 -24.51 -14.85
C SER D 52 -25.03 -23.90 -14.91
N VAL D 53 -25.91 -24.40 -14.05
CA VAL D 53 -27.29 -23.93 -13.97
C VAL D 53 -27.45 -22.53 -13.39
N LEU D 54 -26.71 -22.23 -12.31
CA LEU D 54 -26.76 -20.91 -11.70
C LEU D 54 -26.29 -19.82 -12.66
N GLU D 55 -25.55 -20.26 -13.67
CA GLU D 55 -25.07 -19.38 -14.74
C GLU D 55 -26.20 -19.04 -15.73
N GLN D 56 -27.05 -20.03 -16.03
CA GLN D 56 -28.12 -19.85 -17.01
C GLN D 56 -29.23 -18.89 -16.55
N GLN D 57 -29.57 -18.93 -15.26
CA GLN D 57 -30.56 -17.99 -14.70
C GLN D 57 -29.94 -16.63 -14.50
N GLY D 58 -28.62 -16.59 -14.45
CA GLY D 58 -27.89 -15.36 -14.24
C GLY D 58 -28.03 -14.91 -12.80
N ILE D 59 -28.41 -15.84 -11.93
CA ILE D 59 -28.54 -15.54 -10.51
C ILE D 59 -27.47 -16.29 -9.72
N GLY D 60 -26.73 -15.54 -8.91
CA GLY D 60 -25.69 -16.12 -8.06
C GLY D 60 -26.27 -16.78 -6.83
N MET D 61 -25.41 -17.33 -5.99
CA MET D 61 -25.84 -17.99 -4.76
C MET D 61 -26.30 -17.00 -3.68
N ASP D 62 -26.36 -15.72 -4.03
CA ASP D 62 -26.72 -14.69 -3.07
C ASP D 62 -27.83 -13.78 -3.62
N SER D 74 -40.84 -15.86 -11.18
CA SER D 74 -42.09 -16.44 -10.69
C SER D 74 -41.87 -17.22 -9.39
N ASP D 75 -42.92 -17.87 -8.92
CA ASP D 75 -42.86 -18.59 -7.64
C ASP D 75 -42.21 -19.96 -7.75
N VAL D 76 -42.21 -20.53 -8.94
CA VAL D 76 -41.58 -21.84 -9.16
C VAL D 76 -40.11 -21.67 -9.53
N ASP D 77 -39.78 -20.49 -10.06
CA ASP D 77 -38.40 -20.04 -10.16
C ASP D 77 -37.77 -20.16 -8.78
N VAL D 78 -38.21 -19.28 -7.88
CA VAL D 78 -37.66 -19.15 -6.53
C VAL D 78 -37.45 -20.50 -5.83
N LEU D 79 -38.44 -21.39 -5.97
CA LEU D 79 -38.38 -22.69 -5.32
C LEU D 79 -37.21 -23.56 -5.77
N GLN D 80 -37.03 -23.65 -7.08
CA GLN D 80 -35.91 -24.39 -7.65
C GLN D 80 -34.56 -23.84 -7.21
N VAL D 81 -34.35 -22.54 -7.41
CA VAL D 81 -33.09 -21.90 -7.03
C VAL D 81 -32.81 -22.09 -5.55
N THR D 82 -33.85 -21.97 -4.72
CA THR D 82 -33.74 -22.21 -3.29
C THR D 82 -33.18 -23.61 -3.00
N MET D 83 -33.66 -24.60 -3.74
CA MET D 83 -33.16 -25.97 -3.62
C MET D 83 -31.76 -26.13 -4.20
N ILE D 84 -31.56 -25.60 -5.41
CA ILE D 84 -30.25 -25.63 -6.06
C ILE D 84 -29.17 -25.14 -5.11
N ARG D 85 -29.35 -23.93 -4.58
CA ARG D 85 -28.45 -23.36 -3.59
C ARG D 85 -28.27 -24.30 -2.40
N LYS D 86 -29.39 -24.73 -1.82
CA LYS D 86 -29.40 -25.61 -0.65
C LYS D 86 -28.60 -26.89 -0.90
N ASN D 87 -28.67 -27.42 -2.12
CA ASN D 87 -27.90 -28.60 -2.51
C ASN D 87 -26.40 -28.33 -2.62
N VAL D 88 -26.06 -27.23 -3.28
CA VAL D 88 -24.67 -26.80 -3.41
C VAL D 88 -24.02 -26.66 -2.04
N ASN D 89 -24.72 -25.99 -1.13
CA ASN D 89 -24.23 -25.75 0.23
C ASN D 89 -23.96 -27.02 1.03
N MET D 90 -24.85 -27.99 0.93
CA MET D 90 -24.65 -29.26 1.63
C MET D 90 -23.47 -29.99 1.01
N LEU D 91 -23.31 -29.82 -0.30
CA LEU D 91 -22.18 -30.42 -1.00
C LEU D 91 -20.87 -29.77 -0.57
N LYS D 92 -20.91 -28.44 -0.37
CA LYS D 92 -19.73 -27.71 0.09
C LYS D 92 -19.34 -28.04 1.53
N ASN D 93 -20.32 -28.24 2.39
CA ASN D 93 -20.06 -28.62 3.77
C ASN D 93 -19.50 -30.04 3.84
N ASP D 94 -19.95 -30.85 2.90
CA ASP D 94 -19.46 -32.22 2.79
C ASP D 94 -18.05 -32.23 2.22
N LEU D 95 -17.85 -31.51 1.12
CA LEU D 95 -16.55 -31.41 0.49
C LEU D 95 -15.52 -30.78 1.43
N ASN D 96 -15.98 -29.81 2.23
CA ASN D 96 -15.13 -29.19 3.24
C ASN D 96 -14.66 -30.23 4.25
N HIS D 97 -15.59 -30.99 4.78
CA HIS D 97 -15.29 -32.09 5.69
C HIS D 97 -14.32 -33.08 5.06
N LEU D 98 -14.52 -33.37 3.77
CA LEU D 98 -13.66 -34.29 3.03
C LEU D 98 -12.23 -33.81 3.06
N LEU D 99 -12.02 -32.50 2.90
CA LEU D 99 -10.68 -31.94 2.87
C LEU D 99 -10.05 -31.87 4.27
N GLN D 100 -10.85 -31.54 5.26
CA GLN D 100 -10.37 -31.48 6.65
C GLN D 100 -9.90 -32.87 7.06
N ARG D 101 -10.64 -33.87 6.60
CA ARG D 101 -10.34 -35.28 6.83
C ARG D 101 -9.20 -35.76 5.93
N SER D 102 -9.23 -35.34 4.67
CA SER D 102 -8.15 -35.64 3.73
C SER D 102 -6.82 -35.06 4.23
N HIS D 103 -6.92 -33.93 4.92
CA HIS D 103 -5.75 -33.25 5.47
C HIS D 103 -5.13 -34.05 6.62
N VAL D 104 -5.97 -34.48 7.55
CA VAL D 104 -5.52 -35.27 8.70
C VAL D 104 -4.82 -36.56 8.28
N LEU D 105 -5.44 -37.28 7.35
CA LEU D 105 -4.88 -38.52 6.82
C LEU D 105 -3.56 -38.24 6.11
N LEU D 106 -3.50 -37.08 5.47
CA LEU D 106 -2.32 -36.67 4.72
C LEU D 106 -1.17 -36.35 5.67
N ASN D 107 -1.49 -35.63 6.75
CA ASN D 107 -0.50 -35.29 7.76
C ASN D 107 0.06 -36.55 8.43
N GLN D 108 -0.78 -37.58 8.52
CA GLN D 108 -0.37 -38.87 9.10
C GLN D 108 0.60 -39.58 8.17
N HIS D 109 0.47 -39.35 6.87
CA HIS D 109 1.34 -39.96 5.88
C HIS D 109 2.79 -39.48 6.02
N PHE D 110 2.96 -38.20 6.34
CA PHE D 110 4.30 -37.60 6.41
C PHE D 110 4.89 -37.58 7.83
N ASP D 111 4.10 -38.04 8.80
CA ASP D 111 4.57 -38.20 10.18
C ASP D 111 4.98 -39.66 10.35
N ASN D 112 4.21 -40.55 9.71
CA ASN D 112 4.62 -41.94 9.49
C ASN D 112 6.04 -42.05 8.96
N MET D 113 6.37 -41.19 7.99
CA MET D 113 7.71 -41.16 7.40
C MET D 113 8.65 -40.33 8.26
N PHE E 6 3.89 25.31 24.67
CA PHE E 6 2.66 24.51 24.75
C PHE E 6 2.12 24.42 26.17
N GLU E 7 0.84 24.08 26.28
CA GLU E 7 0.12 24.02 27.56
C GLU E 7 0.54 22.80 28.39
N VAL E 8 0.99 23.06 29.61
CA VAL E 8 1.31 21.99 30.55
C VAL E 8 0.49 22.12 31.82
N VAL E 9 -0.12 21.02 32.23
CA VAL E 9 -0.89 20.96 33.48
C VAL E 9 -0.33 19.85 34.35
N GLU E 10 0.24 20.23 35.50
CA GLU E 10 0.88 19.29 36.42
C GLU E 10 0.00 18.09 36.75
N ARG E 11 -1.24 18.39 37.15
CA ARG E 11 -2.22 17.34 37.39
C ARG E 11 -3.61 17.97 37.30
N PRO E 12 -4.33 17.69 36.21
CA PRO E 12 -5.61 18.34 35.94
C PRO E 12 -6.70 17.79 36.86
N ASN E 13 -7.56 18.69 37.34
CA ASN E 13 -8.61 18.32 38.27
C ASN E 13 -9.89 17.98 37.54
N VAL E 14 -9.79 17.03 36.62
CA VAL E 14 -10.94 16.62 35.82
C VAL E 14 -11.17 15.12 35.98
N THR E 15 -12.25 14.77 36.66
CA THR E 15 -12.59 13.38 36.92
C THR E 15 -13.45 12.81 35.79
N TYR E 16 -13.56 11.48 35.76
CA TYR E 16 -14.48 10.81 34.83
C TYR E 16 -15.91 11.29 35.02
N ASN E 17 -16.22 11.77 36.22
CA ASN E 17 -17.56 12.26 36.54
C ASN E 17 -17.96 13.51 35.77
N ASP E 18 -16.99 14.16 35.12
CA ASP E 18 -17.26 15.38 34.37
C ASP E 18 -17.53 15.07 32.91
N ILE E 19 -17.59 13.79 32.57
CA ILE E 19 -17.76 13.36 31.19
C ILE E 19 -19.15 12.73 30.94
N GLY E 20 -19.96 13.41 30.15
CA GLY E 20 -21.31 12.95 29.87
C GLY E 20 -21.37 11.93 28.77
N GLY E 21 -21.82 10.72 29.10
CA GLY E 21 -21.86 9.63 28.15
C GLY E 21 -20.47 9.11 27.83
N LEU E 22 -20.30 8.62 26.61
CA LEU E 22 -19.00 8.12 26.15
C LEU E 22 -18.48 6.97 27.01
N LYS E 23 -19.39 6.25 27.64
CA LYS E 23 -19.03 5.18 28.56
C LYS E 23 -18.19 4.08 27.90
N LYS E 24 -18.65 3.61 26.75
CA LYS E 24 -17.94 2.54 26.03
C LYS E 24 -16.54 2.96 25.59
N GLN E 25 -16.45 4.14 24.97
CA GLN E 25 -15.17 4.68 24.53
C GLN E 25 -14.22 4.90 25.70
N LEU E 26 -14.68 5.64 26.70
CA LEU E 26 -13.89 5.95 27.89
C LEU E 26 -13.36 4.68 28.56
N GLN E 27 -14.15 3.62 28.51
CA GLN E 27 -13.74 2.31 28.98
C GLN E 27 -12.62 1.73 28.11
N GLU E 28 -12.79 1.82 26.79
CA GLU E 28 -11.78 1.38 25.84
C GLU E 28 -10.47 2.11 26.07
N LEU E 29 -10.59 3.41 26.33
CA LEU E 29 -9.43 4.27 26.54
C LEU E 29 -8.63 3.83 27.76
N ARG E 30 -9.34 3.57 28.86
CA ARG E 30 -8.70 3.16 30.11
C ARG E 30 -8.04 1.79 29.96
N GLU E 31 -8.64 0.94 29.14
CA GLU E 31 -8.08 -0.36 28.84
C GLU E 31 -6.76 -0.27 28.08
N ALA E 32 -6.54 0.85 27.40
CA ALA E 32 -5.41 1.01 26.51
C ALA E 32 -4.31 1.85 27.13
N ILE E 33 -4.69 2.71 28.08
CA ILE E 33 -3.74 3.62 28.70
C ILE E 33 -3.66 3.43 30.21
N GLU E 34 -4.80 3.51 30.89
CA GLU E 34 -4.83 3.41 32.34
C GLU E 34 -4.34 2.05 32.85
N LEU E 35 -4.78 0.97 32.22
CA LEU E 35 -4.33 -0.38 32.61
C LEU E 35 -2.83 -0.66 32.45
N PRO E 36 -2.26 -0.38 31.25
CA PRO E 36 -0.82 -0.63 31.13
C PRO E 36 0.02 0.28 32.02
N LEU E 37 -0.56 1.37 32.51
CA LEU E 37 0.15 2.25 33.43
C LEU E 37 0.11 1.72 34.86
N LYS E 38 -1.08 1.42 35.34
CA LYS E 38 -1.26 0.93 36.71
C LYS E 38 -0.70 -0.48 36.89
N HIS E 39 -0.64 -1.24 35.81
CA HIS E 39 -0.17 -2.63 35.88
C HIS E 39 0.57 -3.11 34.64
N PRO E 40 1.68 -2.45 34.27
CA PRO E 40 2.44 -2.82 33.07
C PRO E 40 2.95 -4.27 33.12
N GLU E 41 3.18 -4.78 34.33
CA GLU E 41 3.69 -6.14 34.49
C GLU E 41 2.78 -7.20 33.88
N LEU E 42 1.48 -6.98 33.96
CA LEU E 42 0.51 -7.91 33.41
C LEU E 42 0.67 -8.07 31.91
N PHE E 43 1.01 -6.99 31.24
CA PHE E 43 1.21 -6.98 29.79
C PHE E 43 2.52 -7.66 29.37
N GLU E 44 3.46 -7.78 30.29
CA GLU E 44 4.70 -8.50 30.01
C GLU E 44 4.53 -9.99 30.33
N GLU E 45 3.78 -10.27 31.39
CA GLU E 45 3.46 -11.65 31.76
C GLU E 45 2.74 -12.34 30.62
N VAL E 46 1.66 -11.73 30.16
CA VAL E 46 0.90 -12.23 29.03
C VAL E 46 1.70 -12.03 27.74
N GLY E 47 2.58 -11.03 27.76
CA GLY E 47 3.50 -10.76 26.66
C GLY E 47 2.86 -10.05 25.49
N ILE E 48 2.28 -8.88 25.75
CA ILE E 48 1.72 -8.04 24.68
C ILE E 48 2.00 -6.56 24.94
N ASP E 49 2.43 -5.86 23.91
CA ASP E 49 2.70 -4.43 24.03
C ASP E 49 1.41 -3.63 24.05
N PRO E 50 1.29 -2.72 25.02
CA PRO E 50 0.18 -1.76 25.04
C PRO E 50 0.40 -0.71 23.95
N PRO E 51 -0.66 -0.02 23.53
CA PRO E 51 -0.52 0.99 22.48
C PRO E 51 0.24 2.21 23.00
N LYS E 52 1.23 2.66 22.23
CA LYS E 52 1.98 3.87 22.57
C LYS E 52 1.11 5.10 22.38
N GLY E 53 0.29 5.07 21.34
CA GLY E 53 -0.60 6.18 21.02
C GLY E 53 -2.00 5.70 20.70
N VAL E 54 -2.99 6.45 21.17
CA VAL E 54 -4.39 6.17 20.86
C VAL E 54 -4.98 7.39 20.18
N LEU E 55 -5.64 7.17 19.05
CA LEU E 55 -6.21 8.27 18.28
C LEU E 55 -7.70 8.45 18.57
N LEU E 56 -8.06 9.64 19.01
CA LEU E 56 -9.46 9.97 19.28
C LEU E 56 -10.03 10.82 18.16
N TYR E 57 -10.81 10.20 17.28
CA TYR E 57 -11.39 10.91 16.15
C TYR E 57 -12.89 11.11 16.34
N GLY E 58 -13.39 12.20 15.80
CA GLY E 58 -14.79 12.58 15.95
C GLY E 58 -14.96 14.07 15.77
N PRO E 59 -16.22 14.54 15.72
CA PRO E 59 -16.50 15.97 15.56
C PRO E 59 -15.98 16.77 16.77
N PRO E 60 -15.77 18.08 16.59
CA PRO E 60 -15.27 18.93 17.67
C PRO E 60 -16.29 19.10 18.80
N GLY E 61 -15.82 19.48 19.98
CA GLY E 61 -16.67 19.64 21.14
C GLY E 61 -17.44 18.40 21.57
N CYS E 62 -16.77 17.25 21.52
CA CYS E 62 -17.38 16.00 21.96
C CYS E 62 -16.65 15.38 23.16
N GLY E 63 -15.56 16.01 23.56
CA GLY E 63 -14.85 15.63 24.78
C GLY E 63 -13.62 14.78 24.60
N LYS E 64 -12.86 15.03 23.53
CA LYS E 64 -11.61 14.30 23.31
C LYS E 64 -10.57 14.80 24.31
N THR E 65 -10.51 16.11 24.46
CA THR E 65 -9.61 16.73 25.42
C THR E 65 -10.02 16.30 26.83
N LEU E 66 -11.31 16.40 27.12
CA LEU E 66 -11.87 16.03 28.42
C LEU E 66 -11.47 14.63 28.87
N MET E 67 -11.56 13.66 27.96
CA MET E 67 -11.16 12.28 28.25
C MET E 67 -9.68 12.19 28.58
N ALA E 68 -8.87 12.92 27.83
CA ALA E 68 -7.42 12.88 28.00
C ALA E 68 -6.98 13.50 29.31
N LYS E 69 -7.75 14.48 29.77
CA LYS E 69 -7.50 15.11 31.06
C LYS E 69 -7.93 14.19 32.19
N ALA E 70 -9.01 13.45 31.97
CA ALA E 70 -9.53 12.54 32.97
C ALA E 70 -8.63 11.34 33.21
N ILE E 71 -7.99 10.84 32.15
CA ILE E 71 -7.02 9.76 32.29
C ILE E 71 -5.79 10.25 33.06
N ALA E 72 -5.27 11.39 32.64
CA ALA E 72 -4.11 12.01 33.29
C ALA E 72 -4.39 12.26 34.76
N HIS E 73 -5.64 12.56 35.08
CA HIS E 73 -6.06 12.77 36.45
C HIS E 73 -6.06 11.45 37.24
N GLU E 74 -6.77 10.46 36.73
CA GLU E 74 -6.94 9.17 37.42
C GLU E 74 -5.64 8.37 37.54
N VAL E 75 -4.65 8.71 36.71
CA VAL E 75 -3.39 7.98 36.74
C VAL E 75 -2.26 8.82 37.36
N ASN E 76 -2.62 9.99 37.88
CA ASN E 76 -1.69 10.87 38.59
C ASN E 76 -0.52 11.33 37.72
N ALA E 77 -0.82 11.69 36.49
CA ALA E 77 0.22 12.03 35.52
C ALA E 77 0.20 13.50 35.13
N THR E 78 1.27 13.92 34.46
CA THR E 78 1.37 15.26 33.90
C THR E 78 0.63 15.31 32.57
N PHE E 79 -0.11 16.38 32.34
CA PHE E 79 -0.85 16.54 31.09
C PHE E 79 -0.24 17.65 30.25
N ILE E 80 0.30 17.29 29.09
CA ILE E 80 0.93 18.27 28.21
C ILE E 80 0.25 18.28 26.84
N ARG E 81 -0.35 19.42 26.50
CA ARG E 81 -1.15 19.55 25.29
C ARG E 81 -0.49 20.42 24.23
N VAL E 82 -0.53 19.95 22.98
CA VAL E 82 -0.04 20.72 21.85
C VAL E 82 -1.13 20.83 20.80
N VAL E 83 -1.26 22.00 20.19
CA VAL E 83 -2.24 22.20 19.12
C VAL E 83 -1.59 22.04 17.75
N GLY E 84 -2.16 21.16 16.94
CA GLY E 84 -1.58 20.78 15.66
C GLY E 84 -1.44 21.90 14.67
N SER E 85 -2.42 22.80 14.61
CA SER E 85 -2.34 23.94 13.70
C SER E 85 -1.24 24.90 14.15
N GLU E 86 -1.05 25.00 15.46
CA GLU E 86 -0.03 25.88 16.02
C GLU E 86 1.38 25.29 15.94
N LEU E 87 1.50 24.10 15.36
CA LEU E 87 2.81 23.50 15.08
C LEU E 87 3.31 23.86 13.69
N VAL E 88 2.38 24.16 12.79
CA VAL E 88 2.72 24.48 11.41
C VAL E 88 3.41 25.83 11.31
N GLU E 94 12.42 24.60 12.12
CA GLU E 94 11.90 24.64 13.49
C GLU E 94 10.48 24.08 13.50
N GLY E 95 10.06 23.59 14.66
CA GLY E 95 8.77 22.94 14.79
C GLY E 95 9.02 21.47 15.08
N ALA E 96 9.95 20.89 14.34
CA ALA E 96 10.47 19.57 14.68
C ALA E 96 11.26 19.72 15.96
N ARG E 97 11.93 20.86 16.08
CA ARG E 97 12.61 21.26 17.30
C ARG E 97 11.67 21.18 18.49
N LEU E 98 10.46 21.68 18.29
CA LEU E 98 9.48 21.82 19.36
C LEU E 98 8.87 20.48 19.77
N VAL E 99 8.82 19.54 18.82
CA VAL E 99 8.30 18.20 19.10
C VAL E 99 9.27 17.42 19.98
N HIS E 100 10.55 17.49 19.66
CA HIS E 100 11.57 16.87 20.48
C HIS E 100 11.55 17.43 21.90
N GLU E 101 11.61 18.76 22.00
CA GLU E 101 11.53 19.46 23.29
C GLU E 101 10.31 19.00 24.09
N LEU E 102 9.21 18.79 23.39
CA LEU E 102 7.98 18.28 24.00
C LEU E 102 8.20 16.93 24.68
N PHE E 103 8.55 15.93 23.90
CA PHE E 103 8.72 14.56 24.40
C PHE E 103 9.77 14.42 25.50
N GLU E 104 10.82 15.21 25.42
CA GLU E 104 11.85 15.20 26.44
C GLU E 104 11.27 15.66 27.78
N LEU E 105 10.55 16.78 27.75
CA LEU E 105 9.86 17.29 28.93
C LEU E 105 8.86 16.26 29.48
N ALA E 106 8.18 15.56 28.59
CA ALA E 106 7.19 14.55 28.97
C ALA E 106 7.83 13.42 29.78
N LYS E 107 9.03 13.04 29.38
CA LYS E 107 9.79 12.00 30.07
C LYS E 107 10.22 12.49 31.45
N GLU E 108 10.61 13.75 31.51
CA GLU E 108 11.14 14.37 32.72
C GLU E 108 10.10 14.49 33.84
N LYS E 109 8.85 14.77 33.49
CA LYS E 109 7.80 14.94 34.48
C LYS E 109 6.92 13.71 34.60
N ALA E 110 7.47 12.57 34.21
CA ALA E 110 6.76 11.29 34.20
C ALA E 110 6.14 10.99 35.57
N PRO E 111 4.95 10.37 35.60
CA PRO E 111 4.11 9.95 34.47
C PRO E 111 3.51 11.13 33.69
N THR E 112 3.37 10.97 32.37
CA THR E 112 2.90 12.07 31.53
C THR E 112 1.99 11.61 30.40
N ILE E 113 0.88 12.32 30.22
CA ILE E 113 -0.03 12.08 29.11
C ILE E 113 0.08 13.19 28.06
N ILE E 114 0.65 12.85 26.91
CA ILE E 114 0.80 13.82 25.83
C ILE E 114 -0.45 13.89 24.97
N PHE E 115 -1.04 15.08 24.88
CA PHE E 115 -2.25 15.25 24.10
C PHE E 115 -2.00 16.11 22.87
N ILE E 116 -1.95 15.47 21.71
CA ILE E 116 -1.73 16.17 20.45
C ILE E 116 -3.06 16.47 19.76
N ASP E 117 -3.52 17.71 19.89
CA ASP E 117 -4.78 18.11 19.31
C ASP E 117 -4.57 18.51 17.86
N GLU E 118 -5.62 18.38 17.06
CA GLU E 118 -5.58 18.74 15.64
C GLU E 118 -4.37 18.13 14.92
N ILE E 119 -4.05 16.89 15.25
CA ILE E 119 -2.90 16.18 14.67
C ILE E 119 -2.89 16.18 13.13
N ASP E 120 -4.06 16.23 12.52
CA ASP E 120 -4.18 16.26 11.07
C ASP E 120 -3.49 17.46 10.43
N ALA E 121 -3.39 18.56 11.17
CA ALA E 121 -2.78 19.78 10.66
C ALA E 121 -1.29 19.61 10.36
N ILE E 122 -0.69 18.56 10.90
CA ILE E 122 0.72 18.27 10.64
C ILE E 122 0.94 16.86 10.08
N GLY E 123 -0.14 16.11 9.91
CA GLY E 123 -0.01 14.70 9.56
C GLY E 123 -0.84 14.23 8.37
N ALA E 124 -1.16 15.13 7.45
CA ALA E 124 -1.90 14.78 6.25
C ALA E 124 -1.06 13.94 5.28
N LYS E 125 -1.69 13.54 4.17
CA LYS E 125 -1.00 12.72 3.16
C LYS E 125 -0.95 13.43 1.81
N ASN E 138 7.03 15.88 5.94
CA ASN E 138 7.82 17.04 6.31
C ASN E 138 8.65 16.81 7.58
N ARG E 139 9.42 17.82 7.95
CA ARG E 139 10.35 17.75 9.08
C ARG E 139 9.61 17.46 10.40
N THR E 140 8.54 18.19 10.65
CA THR E 140 7.82 18.10 11.92
C THR E 140 7.15 16.73 12.12
N LEU E 141 6.50 16.23 11.07
CA LEU E 141 5.80 14.95 11.12
C LEU E 141 6.77 13.81 11.45
N MET E 142 7.78 13.65 10.59
CA MET E 142 8.81 12.62 10.73
C MET E 142 9.39 12.59 12.15
N GLN E 143 9.58 13.78 12.71
CA GLN E 143 10.03 13.95 14.10
C GLN E 143 9.12 13.20 15.08
N LEU E 144 7.81 13.36 14.91
CA LEU E 144 6.84 12.70 15.77
C LEU E 144 6.91 11.19 15.66
N LEU E 145 7.15 10.69 14.46
CA LEU E 145 7.28 9.25 14.24
C LEU E 145 8.45 8.72 15.05
N ALA E 146 9.57 9.42 14.98
CA ALA E 146 10.79 9.05 15.70
C ALA E 146 10.56 9.01 17.20
N GLU E 147 10.04 10.10 17.75
CA GLU E 147 9.82 10.24 19.18
C GLU E 147 8.98 9.10 19.76
N MET E 148 8.03 8.61 18.97
CA MET E 148 7.15 7.53 19.44
C MET E 148 7.74 6.15 19.19
N ASP E 149 8.53 6.03 18.12
CA ASP E 149 9.37 4.86 17.96
C ASP E 149 10.41 4.87 19.08
N GLY E 150 10.82 6.07 19.46
CA GLY E 150 11.79 6.29 20.51
C GLY E 150 11.46 5.63 21.84
N PHE E 151 10.56 6.24 22.60
CA PHE E 151 10.17 5.67 23.89
C PHE E 151 9.45 4.33 23.68
N ASP E 152 9.59 3.44 24.67
CA ASP E 152 9.08 2.08 24.57
C ASP E 152 7.79 1.89 25.37
N PRO E 153 6.94 0.94 24.93
CA PRO E 153 5.72 0.66 25.70
C PRO E 153 6.04 0.04 27.06
N ARG E 154 5.00 -0.14 27.88
CA ARG E 154 5.14 -0.43 29.32
C ARG E 154 5.73 0.77 30.10
N GLY E 155 6.29 1.73 29.38
CA GLY E 155 6.80 2.96 29.96
C GLY E 155 5.67 3.83 30.44
N ASN E 156 6.00 4.87 31.21
CA ASN E 156 4.98 5.73 31.81
C ASN E 156 4.72 7.07 31.11
N VAL E 157 5.00 7.12 29.81
CA VAL E 157 4.57 8.21 28.96
C VAL E 157 3.67 7.69 27.85
N LYS E 158 2.44 8.20 27.78
CA LYS E 158 1.50 7.77 26.76
C LYS E 158 0.96 8.94 25.93
N VAL E 159 0.71 8.69 24.65
CA VAL E 159 0.30 9.75 23.73
C VAL E 159 -1.17 9.61 23.30
N ILE E 160 -1.87 10.75 23.28
CA ILE E 160 -3.24 10.80 22.80
C ILE E 160 -3.41 11.86 21.73
N ALA E 161 -3.99 11.49 20.59
CA ALA E 161 -4.17 12.42 19.49
C ALA E 161 -5.65 12.62 19.17
N ALA E 162 -5.99 13.84 18.74
CA ALA E 162 -7.37 14.18 18.43
C ALA E 162 -7.47 14.77 17.04
N THR E 163 -8.48 14.34 16.29
CA THR E 163 -8.65 14.82 14.92
C THR E 163 -10.09 14.73 14.44
N ASN E 164 -10.37 15.44 13.34
CA ASN E 164 -11.64 15.34 12.65
C ASN E 164 -11.60 14.32 11.53
N ARG E 165 -10.50 14.34 10.79
CA ARG E 165 -10.37 13.53 9.59
C ARG E 165 -9.32 12.42 9.78
N PRO E 166 -9.75 11.24 10.26
CA PRO E 166 -8.82 10.12 10.35
C PRO E 166 -8.51 9.52 8.98
N ASP E 167 -9.36 9.82 8.00
CA ASP E 167 -9.13 9.38 6.62
C ASP E 167 -7.94 10.10 6.00
N ILE E 168 -7.72 11.35 6.43
CA ILE E 168 -6.75 12.24 5.80
C ILE E 168 -5.32 12.03 6.32
N LEU E 169 -5.20 11.22 7.38
CA LEU E 169 -3.90 11.03 8.02
C LEU E 169 -2.98 10.13 7.21
N ASP E 170 -1.67 10.37 7.33
CA ASP E 170 -0.69 9.57 6.62
C ASP E 170 -0.56 8.22 7.34
N PRO E 171 -0.78 7.12 6.61
CA PRO E 171 -0.79 5.73 7.10
C PRO E 171 0.44 5.30 7.88
N ALA E 172 1.48 6.15 7.91
CA ALA E 172 2.63 5.87 8.74
C ALA E 172 2.27 6.04 10.21
N LEU E 173 1.39 7.00 10.48
CA LEU E 173 0.91 7.28 11.83
C LEU E 173 0.08 6.13 12.41
N LEU E 174 -0.62 5.41 11.54
CA LEU E 174 -1.52 4.33 11.97
C LEU E 174 -0.85 2.95 11.99
N ARG E 175 0.38 2.89 11.50
CA ARG E 175 1.18 1.67 11.58
C ARG E 175 1.40 1.30 13.04
N PRO E 176 1.52 0.00 13.34
CA PRO E 176 1.76 -0.49 14.70
C PRO E 176 2.93 0.22 15.38
N GLY E 177 2.85 0.37 16.70
CA GLY E 177 3.92 1.00 17.46
C GLY E 177 3.81 2.50 17.54
N ARG E 178 2.74 3.04 16.95
CA ARG E 178 2.44 4.46 17.02
C ARG E 178 0.98 4.62 17.45
N PHE E 179 0.19 5.34 16.66
CA PHE E 179 -1.24 5.40 16.92
C PHE E 179 -1.95 4.22 16.27
N ASP E 180 -1.83 3.06 16.91
CA ASP E 180 -2.42 1.82 16.39
C ASP E 180 -3.67 1.44 17.19
N ARG E 181 -4.28 2.43 17.82
CA ARG E 181 -5.48 2.21 18.59
C ARG E 181 -6.45 3.35 18.36
N LEU E 182 -7.61 3.02 17.78
CA LEU E 182 -8.56 4.04 17.35
C LEU E 182 -9.89 3.96 18.07
N ILE E 183 -10.38 5.14 18.49
CA ILE E 183 -11.64 5.24 19.22
C ILE E 183 -12.48 6.39 18.69
N GLU E 184 -13.64 6.07 18.14
CA GLU E 184 -14.54 7.12 17.68
C GLU E 184 -15.14 7.84 18.88
N VAL E 185 -15.04 9.16 18.87
CA VAL E 185 -15.66 9.98 19.91
C VAL E 185 -16.70 10.85 19.24
N PRO E 186 -17.91 10.30 19.06
CA PRO E 186 -18.99 10.88 18.25
C PRO E 186 -19.85 11.85 19.05
N LEU E 187 -20.81 12.47 18.37
CA LEU E 187 -21.71 13.43 19.00
C LEU E 187 -22.46 12.76 20.13
N PRO E 188 -22.99 13.56 21.07
CA PRO E 188 -23.76 13.00 22.17
C PRO E 188 -25.18 12.63 21.73
N ASP E 189 -25.60 11.41 22.03
CA ASP E 189 -26.97 11.00 21.75
C ASP E 189 -27.93 11.63 22.74
N GLU E 190 -29.23 11.47 22.48
CA GLU E 190 -30.30 12.00 23.32
C GLU E 190 -29.98 11.88 24.81
N PHE E 191 -29.53 10.70 25.22
CA PHE E 191 -29.24 10.43 26.62
C PHE E 191 -27.99 11.14 27.13
N SER E 192 -26.90 11.03 26.36
CA SER E 192 -25.64 11.69 26.72
C SER E 192 -25.82 13.19 26.90
N ARG E 193 -26.65 13.78 26.06
CA ARG E 193 -26.94 15.21 26.11
C ARG E 193 -27.56 15.61 27.43
N ALA E 194 -28.45 14.74 27.94
CA ALA E 194 -29.08 14.96 29.23
C ALA E 194 -28.02 15.06 30.34
N GLN E 195 -27.12 14.08 30.38
CA GLN E 195 -26.02 14.09 31.34
C GLN E 195 -25.20 15.37 31.28
N ILE E 196 -24.75 15.71 30.08
CA ILE E 196 -23.89 16.86 29.85
C ILE E 196 -24.55 18.16 30.29
N LEU E 197 -25.83 18.30 29.99
CA LEU E 197 -26.59 19.46 30.46
C LEU E 197 -26.56 19.51 31.97
N GLN E 198 -26.81 18.36 32.59
CA GLN E 198 -26.77 18.23 34.04
C GLN E 198 -25.37 18.47 34.60
N ILE E 199 -24.37 17.86 33.96
CA ILE E 199 -22.97 17.96 34.40
C ILE E 199 -22.50 19.40 34.61
N HIS E 200 -22.83 20.29 33.69
CA HIS E 200 -22.42 21.68 33.82
C HIS E 200 -23.45 22.49 34.59
N SER E 201 -24.48 21.81 35.07
CA SER E 201 -25.51 22.41 35.91
C SER E 201 -25.34 22.07 37.39
N ARG E 202 -24.40 21.19 37.69
CA ARG E 202 -24.19 20.70 39.06
C ARG E 202 -23.92 21.81 40.09
N LYS E 203 -22.93 22.65 39.79
CA LYS E 203 -22.52 23.73 40.68
C LYS E 203 -23.48 24.91 40.61
N MET E 204 -24.75 24.64 40.29
CA MET E 204 -25.66 25.69 39.87
C MET E 204 -27.12 25.36 40.21
N ILE E 210 -37.23 20.41 36.76
CA ILE E 210 -36.64 20.64 35.45
C ILE E 210 -36.62 19.39 34.59
N ASN E 211 -37.21 19.50 33.39
CA ASN E 211 -37.32 18.40 32.47
C ASN E 211 -36.06 18.25 31.62
N TRP E 212 -35.17 17.35 32.03
CA TRP E 212 -33.89 17.13 31.34
C TRP E 212 -34.10 16.38 30.04
N GLN E 213 -35.25 15.72 29.94
CA GLN E 213 -35.57 14.89 28.79
C GLN E 213 -36.10 15.70 27.60
N GLU E 214 -36.95 16.68 27.86
CA GLU E 214 -37.40 17.61 26.83
C GLU E 214 -36.23 18.41 26.26
N LEU E 215 -35.28 18.77 27.14
CA LEU E 215 -34.11 19.53 26.74
C LEU E 215 -33.19 18.71 25.83
N ALA E 216 -33.03 17.44 26.16
CA ALA E 216 -32.15 16.55 25.40
C ALA E 216 -32.67 16.32 23.99
N ARG E 217 -33.99 16.34 23.85
CA ARG E 217 -34.63 16.27 22.54
C ARG E 217 -34.46 17.59 21.79
N SER E 218 -34.45 18.68 22.52
CA SER E 218 -34.44 20.02 21.91
C SER E 218 -33.04 20.37 21.41
N THR E 219 -32.05 19.57 21.79
CA THR E 219 -30.68 19.79 21.37
C THR E 219 -30.18 18.75 20.39
N ASP E 220 -30.99 18.41 19.38
CA ASP E 220 -30.56 17.46 18.37
C ASP E 220 -29.32 17.97 17.64
N GLU E 221 -28.36 17.06 17.42
CA GLU E 221 -27.11 17.38 16.73
C GLU E 221 -26.22 18.38 17.47
N PHE E 222 -26.51 18.63 18.74
CA PHE E 222 -25.66 19.45 19.57
C PHE E 222 -24.38 18.70 19.93
N ASN E 223 -23.37 19.43 20.36
CA ASN E 223 -22.17 18.83 20.91
C ASN E 223 -21.97 19.25 22.37
N GLY E 224 -20.98 18.64 23.03
CA GLY E 224 -20.74 18.91 24.43
C GLY E 224 -20.43 20.37 24.71
N ALA E 225 -19.60 20.96 23.85
CA ALA E 225 -19.24 22.36 23.97
C ALA E 225 -20.46 23.27 23.92
N GLN E 226 -21.38 22.99 23.00
CA GLN E 226 -22.59 23.80 22.88
C GLN E 226 -23.50 23.59 24.09
N LEU E 227 -23.61 22.33 24.53
CA LEU E 227 -24.43 21.99 25.69
C LEU E 227 -23.91 22.68 26.95
N LYS E 228 -22.59 22.82 27.04
CA LYS E 228 -21.99 23.62 28.10
C LYS E 228 -22.36 25.08 27.92
N ALA E 229 -22.33 25.53 26.67
CA ALA E 229 -22.66 26.91 26.34
C ALA E 229 -24.14 27.21 26.57
N VAL E 230 -24.94 26.15 26.61
CA VAL E 230 -26.36 26.29 26.93
C VAL E 230 -26.52 26.61 28.41
N THR E 231 -25.78 25.89 29.25
CA THR E 231 -25.84 26.08 30.69
C THR E 231 -25.36 27.47 31.12
N VAL E 232 -24.36 27.99 30.41
CA VAL E 232 -23.85 29.32 30.69
C VAL E 232 -24.87 30.38 30.26
N GLU E 233 -25.53 30.12 29.14
CA GLU E 233 -26.55 31.03 28.62
C GLU E 233 -27.83 30.98 29.44
N ALA E 234 -28.16 29.80 29.95
CA ALA E 234 -29.35 29.63 30.77
C ALA E 234 -29.20 30.35 32.11
N GLY E 235 -28.10 30.05 32.80
CA GLY E 235 -27.82 30.66 34.09
C GLY E 235 -27.65 32.16 33.99
N MET E 236 -27.34 32.63 32.78
CA MET E 236 -27.18 34.05 32.54
C MET E 236 -28.52 34.75 32.63
N ILE E 237 -29.51 34.15 31.99
CA ILE E 237 -30.88 34.67 31.96
C ILE E 237 -31.49 34.68 33.36
N ALA E 238 -31.17 33.65 34.14
CA ALA E 238 -31.65 33.54 35.51
C ALA E 238 -31.08 34.65 36.40
N LEU E 239 -29.79 34.91 36.21
CA LEU E 239 -29.10 35.96 36.94
C LEU E 239 -29.68 37.31 36.55
N ARG E 240 -29.80 37.53 35.25
CA ARG E 240 -30.38 38.75 34.69
C ARG E 240 -31.80 38.98 35.22
N ASN E 241 -32.45 37.89 35.63
CA ASN E 241 -33.75 37.98 36.29
C ASN E 241 -33.61 37.97 37.80
N HIS E 248 -35.85 25.78 34.17
CA HIS E 248 -36.04 25.03 32.95
C HIS E 248 -36.37 25.97 31.79
N GLU E 249 -37.17 26.99 32.08
CA GLU E 249 -37.55 27.96 31.06
C GLU E 249 -36.29 28.72 30.62
N ASP E 250 -35.38 28.90 31.56
CA ASP E 250 -34.09 29.53 31.30
C ASP E 250 -33.33 28.73 30.26
N PHE E 251 -33.24 27.43 30.51
CA PHE E 251 -32.58 26.49 29.62
C PHE E 251 -33.08 26.54 28.18
N VAL E 252 -34.39 26.54 28.01
CA VAL E 252 -34.99 26.50 26.69
C VAL E 252 -34.69 27.80 25.91
N GLU E 253 -34.65 28.92 26.63
CA GLU E 253 -34.23 30.18 26.03
C GLU E 253 -32.76 30.07 25.67
N GLY E 254 -32.00 29.37 26.51
CA GLY E 254 -30.60 29.10 26.26
C GLY E 254 -30.37 28.28 25.01
N ILE E 255 -31.13 27.19 24.87
CA ILE E 255 -31.06 26.36 23.67
C ILE E 255 -31.46 27.16 22.44
N SER E 256 -32.50 27.97 22.59
CA SER E 256 -32.94 28.88 21.54
C SER E 256 -31.79 29.77 21.12
N GLU E 257 -31.19 30.45 22.09
CA GLU E 257 -30.02 31.29 21.85
C GLU E 257 -28.85 30.57 21.19
N VAL E 258 -28.50 29.40 21.71
CA VAL E 258 -27.35 28.65 21.20
C VAL E 258 -27.55 28.23 19.75
N GLN E 259 -28.80 27.90 19.43
CA GLN E 259 -29.20 27.48 18.09
C GLN E 259 -28.83 28.48 17.00
N ALA E 260 -29.07 29.75 17.27
CA ALA E 260 -28.76 30.83 16.34
C ALA E 260 -27.30 30.85 15.90
N ARG E 261 -26.40 30.48 16.79
CA ARG E 261 -24.98 30.50 16.49
C ARG E 261 -24.60 29.30 15.62
N SER F 9 -9.47 45.33 -6.04
CA SER F 9 -8.92 46.40 -5.21
C SER F 9 -9.83 46.77 -4.05
N LYS F 10 -10.03 45.82 -3.14
CA LYS F 10 -10.97 46.01 -2.03
C LYS F 10 -10.40 45.50 -0.71
N LEU F 11 -10.64 46.25 0.37
CA LEU F 11 -10.16 45.88 1.69
C LEU F 11 -11.20 46.00 2.82
N LEU F 12 -10.76 45.79 4.06
CA LEU F 12 -11.67 45.59 5.19
C LEU F 12 -12.26 46.80 5.93
N ALA F 13 -11.51 47.90 6.02
CA ALA F 13 -11.96 49.02 6.85
C ALA F 13 -13.27 49.67 6.38
N ASN F 14 -13.70 49.38 5.16
CA ASN F 14 -14.91 49.96 4.62
C ASN F 14 -16.04 48.95 4.64
N VAL F 15 -15.69 47.71 4.95
CA VAL F 15 -16.70 46.66 5.07
C VAL F 15 -17.46 47.01 6.35
N LYS F 16 -16.73 47.07 7.47
CA LYS F 16 -17.26 47.53 8.74
C LYS F 16 -16.11 47.86 9.68
N ILE F 17 -16.31 48.88 10.51
CA ILE F 17 -15.31 49.35 11.45
C ILE F 17 -15.92 49.39 12.84
N ASP F 18 -15.57 48.39 13.63
CA ASP F 18 -16.19 48.11 14.91
C ASP F 18 -15.29 48.52 16.10
N PRO F 19 -15.86 48.64 17.31
CA PRO F 19 -14.99 49.10 18.41
C PRO F 19 -13.89 48.10 18.75
N SER F 20 -12.67 48.61 18.88
CA SER F 20 -11.52 47.78 19.24
C SER F 20 -11.62 47.29 20.68
N LEU F 21 -12.63 46.47 20.95
CA LEU F 21 -12.83 45.90 22.27
C LEU F 21 -11.78 44.81 22.51
N THR F 22 -10.75 44.83 21.66
CA THR F 22 -9.64 43.88 21.69
C THR F 22 -8.90 43.89 23.02
N SER F 23 -9.04 44.98 23.77
CA SER F 23 -8.44 45.10 25.10
C SER F 23 -9.26 44.31 26.13
N ARG F 24 -10.58 44.47 26.09
CA ARG F 24 -11.46 43.77 27.02
C ARG F 24 -11.29 42.26 26.88
N ILE F 25 -11.11 41.82 25.64
CA ILE F 25 -10.91 40.40 25.33
C ILE F 25 -9.70 39.84 26.08
N SER F 26 -8.64 40.65 26.18
CA SER F 26 -7.43 40.24 26.88
C SER F 26 -7.60 40.32 28.40
N GLN F 27 -8.74 40.85 28.84
CA GLN F 27 -9.00 41.00 30.28
C GLN F 27 -10.04 40.00 30.78
N ILE F 28 -10.43 39.07 29.91
CA ILE F 28 -11.43 38.05 30.23
C ILE F 28 -11.20 37.40 31.60
N ASP F 29 -9.93 37.10 31.88
CA ASP F 29 -9.56 36.44 33.13
C ASP F 29 -9.71 37.38 34.32
N SER F 30 -9.78 38.68 34.04
CA SER F 30 -9.83 39.68 35.10
C SER F 30 -11.14 40.45 35.14
N PHE F 31 -12.07 40.11 34.25
CA PHE F 31 -13.37 40.76 34.21
C PHE F 31 -14.38 40.18 35.20
N LYS F 32 -15.38 40.99 35.54
CA LYS F 32 -16.50 40.52 36.35
C LYS F 32 -17.55 39.95 35.42
N LEU F 33 -18.53 39.24 35.98
CA LEU F 33 -19.56 38.59 35.18
C LEU F 33 -20.41 39.58 34.40
N SER F 34 -20.72 40.73 35.02
CA SER F 34 -21.50 41.77 34.36
C SER F 34 -20.79 42.31 33.13
N GLU F 35 -19.47 42.50 33.26
CA GLU F 35 -18.65 42.96 32.14
C GLU F 35 -18.54 41.92 31.03
N LEU F 36 -18.48 40.65 31.42
CA LEU F 36 -18.39 39.56 30.44
C LEU F 36 -19.64 39.50 29.55
N MET F 37 -20.78 39.87 30.12
CA MET F 37 -22.05 39.85 29.39
C MET F 37 -22.18 40.95 28.35
N VAL F 38 -21.78 42.16 28.72
CA VAL F 38 -21.75 43.27 27.77
C VAL F 38 -20.78 42.91 26.64
N LEU F 39 -19.68 42.26 27.02
CA LEU F 39 -18.66 41.83 26.06
C LEU F 39 -19.18 40.74 25.11
N LYS F 40 -19.80 39.71 25.68
CA LYS F 40 -20.35 38.61 24.88
C LYS F 40 -21.30 39.13 23.81
N THR F 41 -22.21 40.02 24.21
CA THR F 41 -23.17 40.62 23.29
C THR F 41 -22.45 41.39 22.18
N ASP F 42 -21.36 42.07 22.54
CA ASP F 42 -20.58 42.83 21.58
C ASP F 42 -19.89 41.93 20.55
N ILE F 43 -19.27 40.85 21.03
CA ILE F 43 -18.65 39.86 20.14
C ILE F 43 -19.68 39.29 19.16
N GLU F 44 -20.84 38.91 19.68
CA GLU F 44 -21.92 38.38 18.84
C GLU F 44 -22.35 39.40 17.80
N THR F 45 -22.43 40.65 18.21
CA THR F 45 -22.78 41.75 17.30
C THR F 45 -21.71 41.86 16.23
N GLN F 46 -20.46 41.60 16.61
CA GLN F 46 -19.36 41.62 15.66
C GLN F 46 -19.48 40.49 14.65
N LEU F 47 -19.65 39.28 15.16
CA LEU F 47 -19.78 38.11 14.30
C LEU F 47 -21.03 38.25 13.45
N GLU F 48 -22.07 38.86 14.03
CA GLU F 48 -23.29 39.20 13.30
C GLU F 48 -22.92 40.05 12.09
N ALA F 49 -22.02 41.00 12.30
CA ALA F 49 -21.56 41.89 11.24
C ALA F 49 -20.65 41.18 10.23
N TYR F 50 -19.74 40.35 10.72
CA TYR F 50 -18.85 39.57 9.86
C TYR F 50 -19.63 38.68 8.90
N PHE F 51 -20.67 38.04 9.42
CA PHE F 51 -21.45 37.09 8.66
C PHE F 51 -22.30 37.79 7.60
N SER F 52 -22.72 39.02 7.90
CA SER F 52 -23.51 39.81 6.96
C SER F 52 -22.76 39.98 5.65
N VAL F 53 -21.47 40.21 5.73
CA VAL F 53 -20.62 40.39 4.56
C VAL F 53 -20.41 39.08 3.81
N LEU F 54 -20.14 38.00 4.56
CA LEU F 54 -19.93 36.68 3.96
C LEU F 54 -21.17 36.17 3.25
N GLU F 55 -22.33 36.72 3.60
CA GLU F 55 -23.59 36.38 2.92
C GLU F 55 -23.66 37.07 1.57
N GLN F 56 -23.23 38.33 1.53
CA GLN F 56 -23.29 39.14 0.32
C GLN F 56 -22.31 38.62 -0.71
N GLN F 57 -21.19 38.09 -0.23
CA GLN F 57 -20.20 37.52 -1.12
C GLN F 57 -20.74 36.17 -1.58
N GLY F 58 -21.67 35.64 -0.79
CA GLY F 58 -22.26 34.34 -1.07
C GLY F 58 -21.26 33.25 -0.76
N ILE F 59 -20.25 33.61 0.03
CA ILE F 59 -19.20 32.67 0.40
C ILE F 59 -19.24 32.30 1.88
N GLY F 60 -19.24 31.01 2.14
CA GLY F 60 -19.22 30.51 3.50
C GLY F 60 -17.83 30.53 4.10
N MET F 61 -17.74 30.12 5.36
CA MET F 61 -16.47 30.05 6.09
C MET F 61 -15.60 28.88 5.63
N ASP F 62 -16.03 28.17 4.59
CA ASP F 62 -15.37 26.93 4.18
C ASP F 62 -15.01 26.84 2.69
N SER F 63 -15.69 27.64 1.86
CA SER F 63 -15.57 27.50 0.40
C SER F 63 -14.15 27.66 -0.11
N ASP F 77 -12.87 41.11 -3.57
CA ASP F 77 -13.50 39.95 -2.96
C ASP F 77 -12.56 39.17 -2.07
N VAL F 78 -11.72 38.37 -2.72
CA VAL F 78 -10.91 37.35 -2.07
C VAL F 78 -10.14 37.81 -0.84
N LEU F 79 -9.44 38.93 -0.94
CA LEU F 79 -8.62 39.41 0.16
C LEU F 79 -9.46 39.77 1.38
N GLN F 80 -10.61 40.39 1.13
CA GLN F 80 -11.56 40.72 2.20
C GLN F 80 -11.98 39.48 2.99
N VAL F 81 -12.51 38.50 2.27
CA VAL F 81 -12.99 37.26 2.88
C VAL F 81 -11.89 36.53 3.64
N THR F 82 -10.70 36.51 3.06
CA THR F 82 -9.53 35.89 3.68
C THR F 82 -9.29 36.44 5.08
N MET F 83 -9.46 37.75 5.23
CA MET F 83 -9.31 38.43 6.51
C MET F 83 -10.47 38.13 7.46
N ILE F 84 -11.69 38.31 6.95
CA ILE F 84 -12.92 38.08 7.71
C ILE F 84 -12.95 36.73 8.44
N ARG F 85 -12.73 35.65 7.69
CA ARG F 85 -12.69 34.30 8.26
C ARG F 85 -11.73 34.21 9.43
N LYS F 86 -10.48 34.61 9.19
CA LYS F 86 -9.43 34.57 10.19
C LYS F 86 -9.87 35.26 11.47
N ASN F 87 -10.60 36.36 11.32
CA ASN F 87 -11.12 37.10 12.45
C ASN F 87 -12.22 36.34 13.21
N VAL F 88 -13.19 35.81 12.48
CA VAL F 88 -14.27 35.02 13.06
C VAL F 88 -13.73 33.86 13.89
N ASN F 89 -12.78 33.11 13.32
CA ASN F 89 -12.15 31.99 14.01
C ASN F 89 -11.43 32.41 15.28
N MET F 90 -10.76 33.55 15.22
CA MET F 90 -10.08 34.10 16.39
C MET F 90 -11.09 34.54 17.41
N LEU F 91 -12.20 35.11 16.94
CA LEU F 91 -13.26 35.58 17.82
C LEU F 91 -13.95 34.40 18.49
N LYS F 92 -14.13 33.32 17.74
CA LYS F 92 -14.71 32.11 18.29
C LYS F 92 -13.75 31.52 19.30
N ASN F 93 -12.45 31.66 19.04
CA ASN F 93 -11.42 31.24 20.00
C ASN F 93 -11.42 32.16 21.22
N ASP F 94 -11.73 33.43 20.98
CA ASP F 94 -11.84 34.40 22.07
C ASP F 94 -13.14 34.20 22.85
N LEU F 95 -14.25 34.13 22.12
CA LEU F 95 -15.57 33.95 22.73
C LEU F 95 -15.64 32.64 23.52
N ASN F 96 -14.95 31.63 23.02
CA ASN F 96 -14.85 30.34 23.71
C ASN F 96 -14.23 30.52 25.08
N HIS F 97 -13.10 31.21 25.13
CA HIS F 97 -12.43 31.51 26.38
C HIS F 97 -13.35 32.26 27.35
N LEU F 98 -14.15 33.18 26.81
CA LEU F 98 -15.06 33.98 27.61
C LEU F 98 -16.08 33.14 28.38
N LEU F 99 -16.66 32.14 27.72
CA LEU F 99 -17.70 31.33 28.33
C LEU F 99 -17.14 30.34 29.35
N GLN F 100 -15.97 29.78 29.06
CA GLN F 100 -15.33 28.85 29.98
C GLN F 100 -15.05 29.58 31.28
N ARG F 101 -14.66 30.85 31.15
CA ARG F 101 -14.42 31.72 32.29
C ARG F 101 -15.74 32.21 32.89
N SER F 102 -16.69 32.56 32.03
CA SER F 102 -18.02 32.95 32.49
C SER F 102 -18.67 31.79 33.24
N HIS F 103 -18.33 30.57 32.84
CA HIS F 103 -18.86 29.36 33.47
C HIS F 103 -18.34 29.19 34.89
N VAL F 104 -17.03 29.28 35.06
CA VAL F 104 -16.39 29.14 36.36
C VAL F 104 -16.88 30.19 37.35
N LEU F 105 -16.95 31.45 36.91
CA LEU F 105 -17.45 32.54 37.74
C LEU F 105 -18.92 32.33 38.11
N LEU F 106 -19.67 31.72 37.19
CA LEU F 106 -21.08 31.45 37.40
C LEU F 106 -21.26 30.40 38.49
N ASN F 107 -20.44 29.35 38.42
CA ASN F 107 -20.45 28.28 39.41
C ASN F 107 -20.10 28.77 40.82
N GLN F 108 -19.23 29.78 40.89
CA GLN F 108 -18.84 30.35 42.17
C GLN F 108 -19.98 31.13 42.82
N HIS F 109 -20.81 31.71 41.98
CA HIS F 109 -21.91 32.55 42.45
C HIS F 109 -22.96 31.73 43.20
N PHE F 110 -23.18 30.49 42.77
CA PHE F 110 -24.20 29.64 43.39
C PHE F 110 -23.64 28.73 44.49
N ASP F 111 -22.32 28.67 44.60
CA ASP F 111 -21.68 27.96 45.70
C ASP F 111 -21.00 28.93 46.67
N PHE G 6 42.55 2.83 -4.01
CA PHE G 6 41.22 2.23 -3.93
C PHE G 6 41.29 0.72 -3.71
N GLU G 7 40.18 0.15 -3.22
CA GLU G 7 40.11 -1.26 -2.89
C GLU G 7 40.05 -2.17 -4.11
N VAL G 8 40.97 -3.12 -4.18
CA VAL G 8 40.96 -4.12 -5.25
C VAL G 8 40.86 -5.54 -4.67
N VAL G 9 39.92 -6.33 -5.19
CA VAL G 9 39.76 -7.71 -4.76
C VAL G 9 39.88 -8.64 -5.95
N GLU G 10 40.93 -9.47 -5.92
CA GLU G 10 41.24 -10.38 -7.03
C GLU G 10 40.06 -11.22 -7.46
N ARG G 11 39.39 -11.85 -6.50
CA ARG G 11 38.17 -12.61 -6.75
C ARG G 11 37.37 -12.77 -5.47
N PRO G 12 36.26 -12.03 -5.37
CA PRO G 12 35.47 -11.98 -4.13
C PRO G 12 34.69 -13.26 -3.89
N ASN G 13 34.67 -13.71 -2.64
CA ASN G 13 34.01 -14.95 -2.28
C ASN G 13 32.58 -14.68 -1.86
N VAL G 14 31.81 -14.04 -2.73
CA VAL G 14 30.43 -13.68 -2.43
C VAL G 14 29.49 -14.24 -3.48
N THR G 15 28.70 -15.24 -3.10
CA THR G 15 27.76 -15.87 -4.02
C THR G 15 26.40 -15.18 -3.97
N TYR G 16 25.56 -15.45 -4.96
CA TYR G 16 24.19 -14.97 -4.97
C TYR G 16 23.43 -15.44 -3.73
N ASN G 17 23.90 -16.54 -3.15
CA ASN G 17 23.27 -17.14 -1.98
C ASN G 17 23.37 -16.25 -0.74
N ASP G 18 24.22 -15.23 -0.81
CA ASP G 18 24.44 -14.33 0.32
C ASP G 18 23.59 -13.07 0.24
N ILE G 19 22.73 -13.01 -0.76
CA ILE G 19 21.89 -11.82 -0.96
C ILE G 19 20.43 -12.13 -0.67
N GLY G 20 19.88 -11.50 0.37
CA GLY G 20 18.52 -11.74 0.80
C GLY G 20 17.47 -10.99 0.03
N GLY G 21 16.61 -11.73 -0.67
CA GLY G 21 15.62 -11.11 -1.53
C GLY G 21 16.30 -10.58 -2.78
N LEU G 22 15.77 -9.47 -3.30
CA LEU G 22 16.35 -8.80 -4.46
C LEU G 22 16.43 -9.70 -5.69
N LYS G 23 15.56 -10.70 -5.76
CA LYS G 23 15.57 -11.66 -6.86
C LYS G 23 15.37 -11.03 -8.24
N LYS G 24 14.34 -10.20 -8.39
CA LYS G 24 14.07 -9.58 -9.69
C LYS G 24 15.22 -8.67 -10.15
N GLN G 25 15.69 -7.81 -9.24
CA GLN G 25 16.79 -6.89 -9.54
C GLN G 25 18.04 -7.67 -9.93
N LEU G 26 18.44 -8.60 -9.07
CA LEU G 26 19.61 -9.42 -9.30
C LEU G 26 19.52 -10.14 -10.64
N GLN G 27 18.30 -10.50 -11.03
CA GLN G 27 18.04 -11.07 -12.35
C GLN G 27 18.25 -10.03 -13.45
N GLU G 28 17.71 -8.82 -13.26
CA GLU G 28 17.90 -7.72 -14.18
C GLU G 28 19.38 -7.40 -14.36
N LEU G 29 20.12 -7.45 -13.25
CA LEU G 29 21.55 -7.16 -13.26
C LEU G 29 22.28 -8.18 -14.12
N ARG G 30 21.94 -9.45 -13.94
CA ARG G 30 22.57 -10.53 -14.70
C ARG G 30 22.22 -10.49 -16.19
N GLU G 31 21.00 -10.06 -16.52
CA GLU G 31 20.61 -9.88 -17.92
C GLU G 31 21.45 -8.80 -18.60
N ALA G 32 22.05 -7.93 -17.81
CA ALA G 32 22.74 -6.76 -18.34
C ALA G 32 24.26 -6.90 -18.32
N ILE G 33 24.78 -7.72 -17.43
CA ILE G 33 26.22 -7.86 -17.28
C ILE G 33 26.71 -9.30 -17.50
N GLU G 34 26.16 -10.25 -16.75
CA GLU G 34 26.61 -11.63 -16.82
C GLU G 34 26.41 -12.23 -18.20
N LEU G 35 25.25 -11.97 -18.80
CA LEU G 35 24.95 -12.48 -20.14
C LEU G 35 25.92 -11.98 -21.24
N PRO G 36 26.12 -10.66 -21.34
CA PRO G 36 27.07 -10.22 -22.36
C PRO G 36 28.51 -10.66 -22.08
N LEU G 37 28.80 -11.04 -20.85
CA LEU G 37 30.13 -11.52 -20.53
C LEU G 37 30.31 -12.98 -20.91
N LYS G 38 29.41 -13.84 -20.44
CA LYS G 38 29.49 -15.26 -20.74
C LYS G 38 29.22 -15.58 -22.21
N HIS G 39 28.47 -14.70 -22.87
CA HIS G 39 28.10 -14.93 -24.27
C HIS G 39 27.98 -13.65 -25.11
N PRO G 40 29.07 -12.88 -25.22
CA PRO G 40 29.05 -11.60 -25.93
C PRO G 40 28.64 -11.74 -27.39
N GLU G 41 28.93 -12.89 -27.98
CA GLU G 41 28.62 -13.16 -29.39
C GLU G 41 27.13 -13.06 -29.74
N LEU G 42 26.28 -13.49 -28.81
CA LEU G 42 24.83 -13.47 -29.01
C LEU G 42 24.31 -12.04 -29.24
N PHE G 43 24.93 -11.10 -28.56
CA PHE G 43 24.54 -9.69 -28.66
C PHE G 43 24.97 -9.06 -30.00
N GLU G 44 25.94 -9.67 -30.67
CA GLU G 44 26.36 -9.21 -32.00
C GLU G 44 25.51 -9.86 -33.09
N GLU G 45 25.14 -11.12 -32.85
CA GLU G 45 24.26 -11.86 -33.75
C GLU G 45 22.95 -11.13 -33.93
N VAL G 46 22.28 -10.86 -32.81
CA VAL G 46 21.04 -10.11 -32.82
C VAL G 46 21.35 -8.64 -33.12
N GLY G 47 22.56 -8.22 -32.80
CA GLY G 47 23.02 -6.88 -33.11
C GLY G 47 22.52 -5.82 -32.16
N ILE G 48 22.79 -5.98 -30.87
CA ILE G 48 22.47 -4.97 -29.86
C ILE G 48 23.59 -4.86 -28.84
N ASP G 49 23.96 -3.62 -28.51
CA ASP G 49 25.01 -3.40 -27.53
C ASP G 49 24.52 -3.65 -26.12
N PRO G 50 25.30 -4.42 -25.34
CA PRO G 50 25.02 -4.57 -23.92
C PRO G 50 25.38 -3.28 -23.20
N PRO G 51 24.82 -3.07 -22.01
CA PRO G 51 25.13 -1.83 -21.28
C PRO G 51 26.57 -1.83 -20.78
N LYS G 52 27.28 -0.73 -21.04
CA LYS G 52 28.64 -0.58 -20.54
C LYS G 52 28.61 -0.35 -19.04
N GLY G 53 27.62 0.39 -18.58
CA GLY G 53 27.48 0.71 -17.17
C GLY G 53 26.07 0.50 -16.65
N VAL G 54 25.98 -0.01 -15.43
CA VAL G 54 24.69 -0.20 -14.77
C VAL G 54 24.63 0.60 -13.47
N LEU G 55 23.53 1.35 -13.29
CA LEU G 55 23.36 2.16 -12.10
C LEU G 55 22.45 1.50 -11.06
N LEU G 56 22.98 1.28 -9.87
CA LEU G 56 22.19 0.73 -8.78
C LEU G 56 21.84 1.81 -7.76
N TYR G 57 20.59 2.26 -7.79
CA TYR G 57 20.15 3.30 -6.86
C TYR G 57 19.21 2.75 -5.81
N GLY G 58 19.24 3.35 -4.62
CA GLY G 58 18.46 2.90 -3.49
C GLY G 58 19.08 3.36 -2.20
N PRO G 59 18.38 3.17 -1.08
CA PRO G 59 18.90 3.54 0.23
C PRO G 59 20.13 2.71 0.60
N PRO G 60 20.98 3.21 1.51
CA PRO G 60 22.18 2.46 1.92
C PRO G 60 21.84 1.18 2.66
N GLY G 61 22.81 0.26 2.70
CA GLY G 61 22.64 -1.03 3.33
C GLY G 61 21.51 -1.87 2.76
N CYS G 62 21.37 -1.87 1.44
CA CYS G 62 20.36 -2.69 0.78
C CYS G 62 20.97 -3.73 -0.14
N GLY G 63 22.28 -3.70 -0.27
CA GLY G 63 22.99 -4.76 -0.98
C GLY G 63 23.35 -4.44 -2.41
N LYS G 64 23.71 -3.17 -2.67
CA LYS G 64 24.16 -2.78 -3.99
C LYS G 64 25.58 -3.31 -4.23
N THR G 65 26.42 -3.17 -3.21
CA THR G 65 27.77 -3.70 -3.24
C THR G 65 27.71 -5.22 -3.32
N LEU G 66 26.87 -5.80 -2.47
CA LEU G 66 26.64 -7.25 -2.44
C LEU G 66 26.35 -7.83 -3.82
N MET G 67 25.46 -7.16 -4.55
CA MET G 67 25.14 -7.57 -5.91
C MET G 67 26.36 -7.48 -6.82
N ALA G 68 27.12 -6.39 -6.70
CA ALA G 68 28.27 -6.14 -7.56
C ALA G 68 29.45 -7.09 -7.33
N LYS G 69 29.61 -7.55 -6.09
CA LYS G 69 30.65 -8.53 -5.79
C LYS G 69 30.23 -9.93 -6.23
N ALA G 70 28.93 -10.19 -6.14
CA ALA G 70 28.39 -11.49 -6.52
C ALA G 70 28.45 -11.71 -8.02
N ILE G 71 28.29 -10.63 -8.78
CA ILE G 71 28.44 -10.70 -10.23
C ILE G 71 29.89 -11.02 -10.58
N ALA G 72 30.80 -10.26 -10.00
CA ALA G 72 32.22 -10.47 -10.20
C ALA G 72 32.65 -11.88 -9.83
N HIS G 73 32.01 -12.44 -8.81
CA HIS G 73 32.28 -13.80 -8.38
C HIS G 73 31.81 -14.84 -9.39
N GLU G 74 30.53 -14.76 -9.74
CA GLU G 74 29.91 -15.74 -10.62
C GLU G 74 30.47 -15.69 -12.04
N VAL G 75 31.10 -14.57 -12.39
CA VAL G 75 31.66 -14.37 -13.72
C VAL G 75 33.19 -14.43 -13.71
N ASN G 76 33.75 -14.77 -12.55
CA ASN G 76 35.20 -14.98 -12.40
C ASN G 76 36.03 -13.74 -12.70
N ALA G 77 35.58 -12.58 -12.25
CA ALA G 77 36.23 -11.32 -12.59
C ALA G 77 36.89 -10.66 -11.40
N THR G 78 37.73 -9.66 -11.68
CA THR G 78 38.36 -8.84 -10.66
C THR G 78 37.38 -7.76 -10.21
N PHE G 79 37.33 -7.49 -8.91
CA PHE G 79 36.43 -6.47 -8.38
C PHE G 79 37.21 -5.27 -7.88
N ILE G 80 37.02 -4.12 -8.52
CA ILE G 80 37.73 -2.91 -8.12
C ILE G 80 36.74 -1.82 -7.75
N ARG G 81 36.79 -1.39 -6.49
CA ARG G 81 35.83 -0.46 -5.92
C ARG G 81 36.42 0.93 -5.66
N VAL G 82 35.65 1.95 -6.01
CA VAL G 82 36.04 3.33 -5.69
C VAL G 82 34.91 4.00 -4.92
N VAL G 83 35.27 4.80 -3.91
CA VAL G 83 34.30 5.56 -3.14
C VAL G 83 34.20 6.99 -3.66
N GLY G 84 32.99 7.41 -4.00
CA GLY G 84 32.78 8.68 -4.67
C GLY G 84 33.20 9.93 -3.91
N SER G 85 32.94 9.96 -2.60
CA SER G 85 33.35 11.09 -1.79
C SER G 85 34.86 11.16 -1.68
N GLU G 86 35.49 9.99 -1.69
CA GLU G 86 36.94 9.90 -1.55
C GLU G 86 37.68 10.24 -2.85
N LEU G 87 36.94 10.56 -3.90
CA LEU G 87 37.54 11.08 -5.12
C LEU G 87 37.61 12.59 -5.06
N VAL G 88 36.73 13.19 -4.27
CA VAL G 88 36.65 14.65 -4.15
C VAL G 88 37.87 15.21 -3.43
N GLU G 94 44.40 16.68 -10.10
CA GLU G 94 44.44 15.30 -9.63
C GLU G 94 43.03 14.82 -9.28
N GLY G 95 42.84 13.51 -9.34
CA GLY G 95 41.54 12.91 -9.10
C GLY G 95 41.02 12.34 -10.41
N ALA G 96 41.17 13.13 -11.47
CA ALA G 96 40.94 12.64 -12.82
C ALA G 96 42.06 11.68 -13.19
N ARG G 97 43.26 11.97 -12.70
CA ARG G 97 44.40 11.08 -12.82
C ARG G 97 44.05 9.69 -12.30
N LEU G 98 43.37 9.67 -11.16
CA LEU G 98 43.04 8.45 -10.45
C LEU G 98 41.96 7.65 -11.16
N VAL G 99 41.08 8.34 -11.89
CA VAL G 99 40.04 7.69 -12.67
C VAL G 99 40.67 6.98 -13.86
N HIS G 100 41.57 7.69 -14.55
CA HIS G 100 42.32 7.11 -15.67
C HIS G 100 43.12 5.90 -15.22
N GLU G 101 43.92 6.10 -14.19
CA GLU G 101 44.73 5.04 -13.59
C GLU G 101 43.87 3.81 -13.24
N LEU G 102 42.65 4.06 -12.75
CA LEU G 102 41.70 3.00 -12.42
C LEU G 102 41.35 2.08 -13.60
N PHE G 103 40.74 2.66 -14.62
CA PHE G 103 40.28 1.92 -15.79
C PHE G 103 41.41 1.18 -16.47
N GLU G 104 42.61 1.78 -16.43
CA GLU G 104 43.79 1.14 -16.97
C GLU G 104 44.05 -0.20 -16.27
N LEU G 105 44.07 -0.16 -14.94
CA LEU G 105 44.20 -1.36 -14.13
C LEU G 105 43.07 -2.36 -14.40
N ALA G 106 41.86 -1.84 -14.57
CA ALA G 106 40.68 -2.67 -14.80
C ALA G 106 40.83 -3.49 -16.08
N LYS G 107 41.41 -2.87 -17.09
CA LYS G 107 41.69 -3.55 -18.35
C LYS G 107 42.79 -4.58 -18.15
N GLU G 108 43.78 -4.21 -17.34
CA GLU G 108 44.96 -5.04 -17.10
C GLU G 108 44.65 -6.35 -16.36
N LYS G 109 43.71 -6.29 -15.41
CA LYS G 109 43.37 -7.47 -14.61
C LYS G 109 42.06 -8.11 -15.07
N ALA G 110 41.70 -7.88 -16.32
CA ALA G 110 40.46 -8.38 -16.90
C ALA G 110 40.30 -9.90 -16.74
N PRO G 111 39.06 -10.38 -16.57
CA PRO G 111 37.77 -9.68 -16.49
C PRO G 111 37.61 -8.82 -15.24
N THR G 112 36.92 -7.69 -15.36
CA THR G 112 36.84 -6.74 -14.26
C THR G 112 35.47 -6.08 -14.11
N ILE G 113 34.98 -6.06 -12.88
CA ILE G 113 33.76 -5.34 -12.55
C ILE G 113 34.11 -4.10 -11.74
N ILE G 114 34.01 -2.93 -12.36
CA ILE G 114 34.31 -1.69 -11.68
C ILE G 114 33.09 -1.19 -10.91
N PHE G 115 33.27 -1.01 -9.60
CA PHE G 115 32.16 -0.56 -8.78
C PHE G 115 32.40 0.85 -8.26
N ILE G 116 31.68 1.80 -8.82
CA ILE G 116 31.79 3.19 -8.41
C ILE G 116 30.73 3.49 -7.36
N ASP G 117 31.16 3.54 -6.10
CA ASP G 117 30.24 3.81 -5.00
C ASP G 117 30.10 5.32 -4.85
N GLU G 118 28.96 5.75 -4.35
CA GLU G 118 28.66 7.18 -4.15
C GLU G 118 28.95 8.02 -5.38
N ILE G 119 28.61 7.49 -6.56
CA ILE G 119 28.87 8.17 -7.82
C ILE G 119 28.32 9.60 -7.86
N ASP G 120 27.25 9.85 -7.11
CA ASP G 120 26.65 11.19 -7.02
C ASP G 120 27.63 12.23 -6.50
N ALA G 121 28.58 11.78 -5.67
CA ALA G 121 29.58 12.67 -5.09
C ALA G 121 30.53 13.29 -6.11
N ILE G 122 30.57 12.71 -7.30
CA ILE G 122 31.43 13.24 -8.37
C ILE G 122 30.65 13.56 -9.63
N GLY G 123 29.35 13.29 -9.64
CA GLY G 123 28.57 13.39 -10.86
C GLY G 123 27.28 14.18 -10.76
N ALA G 124 27.23 15.13 -9.83
CA ALA G 124 26.06 15.98 -9.68
C ALA G 124 25.90 16.94 -10.86
N LYS G 125 24.82 17.72 -10.84
CA LYS G 125 24.52 18.64 -11.93
C LYS G 125 24.51 20.09 -11.45
N ASN G 138 33.08 19.06 -14.28
CA ASN G 138 34.43 19.24 -13.74
C ASN G 138 35.41 18.24 -14.32
N ARG G 139 36.66 18.35 -13.89
CA ARG G 139 37.75 17.52 -14.42
C ARG G 139 37.49 16.01 -14.23
N THR G 140 37.16 15.63 -13.00
CA THR G 140 36.99 14.21 -12.65
C THR G 140 35.79 13.55 -13.34
N LEU G 141 34.66 14.25 -13.37
CA LEU G 141 33.45 13.73 -13.99
C LEU G 141 33.65 13.42 -15.46
N MET G 142 34.03 14.44 -16.23
CA MET G 142 34.30 14.30 -17.66
C MET G 142 35.20 13.10 -17.96
N GLN G 143 36.21 12.91 -17.13
CA GLN G 143 37.12 11.78 -17.27
C GLN G 143 36.37 10.44 -17.29
N LEU G 144 35.45 10.27 -16.34
CA LEU G 144 34.66 9.05 -16.25
C LEU G 144 33.81 8.85 -17.51
N LEU G 145 33.27 9.95 -18.02
CA LEU G 145 32.48 9.93 -19.25
C LEU G 145 33.35 9.43 -20.40
N ALA G 146 34.56 9.96 -20.48
CA ALA G 146 35.53 9.57 -21.50
C ALA G 146 35.89 8.10 -21.38
N GLU G 147 36.26 7.68 -20.18
CA GLU G 147 36.70 6.31 -19.92
C GLU G 147 35.68 5.26 -20.36
N MET G 148 34.40 5.59 -20.23
CA MET G 148 33.35 4.64 -20.58
C MET G 148 33.01 4.69 -22.07
N ASP G 149 33.15 5.87 -22.67
CA ASP G 149 33.14 5.97 -24.12
C ASP G 149 34.36 5.22 -24.64
N GLY G 150 35.43 5.27 -23.86
CA GLY G 150 36.69 4.60 -24.21
C GLY G 150 36.56 3.12 -24.52
N PHE G 151 36.44 2.29 -23.49
CA PHE G 151 36.28 0.85 -23.71
C PHE G 151 34.95 0.58 -24.40
N ASP G 152 34.90 -0.50 -25.17
CA ASP G 152 33.73 -0.80 -25.97
C ASP G 152 32.90 -1.90 -25.31
N PRO G 153 31.58 -1.90 -25.54
CA PRO G 153 30.75 -2.98 -24.99
C PRO G 153 31.09 -4.28 -25.71
N ARG G 154 30.51 -5.39 -25.23
CA ARG G 154 30.95 -6.75 -25.56
C ARG G 154 32.33 -7.04 -24.96
N GLY G 155 33.01 -5.98 -24.52
CA GLY G 155 34.29 -6.10 -23.84
C GLY G 155 34.10 -6.67 -22.45
N ASN G 156 35.21 -7.05 -21.82
CA ASN G 156 35.16 -7.73 -20.52
C ASN G 156 35.46 -6.84 -19.31
N VAL G 157 35.23 -5.54 -19.45
CA VAL G 157 35.20 -4.65 -18.31
C VAL G 157 33.83 -4.00 -18.23
N LYS G 158 33.13 -4.22 -17.11
CA LYS G 158 31.80 -3.64 -16.93
C LYS G 158 31.75 -2.82 -15.65
N VAL G 159 31.00 -1.72 -15.70
CA VAL G 159 30.95 -0.78 -14.59
C VAL G 159 29.61 -0.81 -13.87
N ILE G 160 29.64 -0.77 -12.55
CA ILE G 160 28.43 -0.70 -11.75
C ILE G 160 28.53 0.50 -10.82
N ALA G 161 27.50 1.33 -10.82
CA ALA G 161 27.51 2.54 -10.01
C ALA G 161 26.42 2.50 -8.93
N ALA G 162 26.71 3.09 -7.78
CA ALA G 162 25.79 3.10 -6.66
C ALA G 162 25.58 4.52 -6.13
N THR G 163 24.31 4.88 -5.88
CA THR G 163 23.99 6.22 -5.43
C THR G 163 22.68 6.26 -4.65
N ASN G 164 22.47 7.35 -3.92
CA ASN G 164 21.20 7.60 -3.24
C ASN G 164 20.26 8.43 -4.09
N ARG G 165 20.80 9.47 -4.72
CA ARG G 165 20.00 10.42 -5.48
C ARG G 165 20.29 10.28 -6.98
N PRO G 166 19.53 9.43 -7.68
CA PRO G 166 19.67 9.34 -9.13
C PRO G 166 19.09 10.57 -9.80
N ASP G 167 18.26 11.30 -9.05
CA ASP G 167 17.68 12.55 -9.51
C ASP G 167 18.75 13.62 -9.67
N ILE G 168 19.76 13.55 -8.82
CA ILE G 168 20.74 14.62 -8.71
C ILE G 168 21.88 14.47 -9.73
N LEU G 169 21.91 13.34 -10.43
CA LEU G 169 23.00 13.05 -11.36
C LEU G 169 22.94 13.86 -12.65
N ASP G 170 24.10 14.13 -13.24
CA ASP G 170 24.17 14.88 -14.49
C ASP G 170 23.76 13.97 -15.64
N PRO G 171 22.73 14.38 -16.39
CA PRO G 171 22.11 13.63 -17.50
C PRO G 171 23.08 13.14 -18.57
N ALA G 172 24.34 13.57 -18.51
CA ALA G 172 25.36 13.06 -19.42
C ALA G 172 25.71 11.62 -19.05
N LEU G 173 25.68 11.34 -17.76
CA LEU G 173 25.97 10.01 -17.24
C LEU G 173 24.91 8.97 -17.65
N LEU G 174 23.67 9.43 -17.83
CA LEU G 174 22.57 8.52 -18.11
C LEU G 174 22.33 8.32 -19.60
N ARG G 175 23.03 9.10 -20.42
CA ARG G 175 22.96 8.93 -21.87
C ARG G 175 23.45 7.55 -22.26
N PRO G 176 22.90 7.00 -23.37
CA PRO G 176 23.30 5.68 -23.88
C PRO G 176 24.81 5.54 -24.04
N GLY G 177 25.31 4.33 -23.84
CA GLY G 177 26.73 4.07 -23.99
C GLY G 177 27.50 4.34 -22.71
N ARG G 178 26.77 4.70 -21.65
CA ARG G 178 27.36 4.88 -20.33
C ARG G 178 26.55 4.11 -19.29
N PHE G 179 26.10 4.79 -18.24
CA PHE G 179 25.17 4.17 -17.31
C PHE G 179 23.75 4.33 -17.82
N ASP G 180 23.40 3.53 -18.81
CA ASP G 180 22.10 3.59 -19.45
C ASP G 180 21.22 2.44 -19.01
N ARG G 181 21.54 1.87 -17.85
CA ARG G 181 20.78 0.76 -17.30
C ARG G 181 20.58 0.98 -15.80
N LEU G 182 19.32 1.14 -15.39
CA LEU G 182 19.00 1.53 -14.02
C LEU G 182 18.22 0.46 -13.27
N ILE G 183 18.64 0.19 -12.04
CA ILE G 183 17.98 -0.80 -11.20
C ILE G 183 17.80 -0.30 -9.77
N GLU G 184 16.55 -0.20 -9.34
CA GLU G 184 16.26 0.19 -7.97
C GLU G 184 16.60 -0.95 -7.00
N VAL G 185 17.38 -0.63 -5.98
CA VAL G 185 17.68 -1.59 -4.93
C VAL G 185 17.12 -1.02 -3.63
N PRO G 186 15.83 -1.26 -3.38
CA PRO G 186 15.06 -0.66 -2.28
C PRO G 186 15.22 -1.46 -1.00
N LEU G 187 14.60 -0.98 0.08
CA LEU G 187 14.68 -1.66 1.36
C LEU G 187 14.16 -3.09 1.26
N PRO G 188 14.54 -3.95 2.21
CA PRO G 188 14.02 -5.31 2.15
C PRO G 188 12.57 -5.40 2.58
N ASP G 189 11.74 -6.02 1.75
CA ASP G 189 10.36 -6.27 2.12
C ASP G 189 10.30 -7.40 3.13
N GLU G 190 9.10 -7.64 3.64
CA GLU G 190 8.82 -8.67 4.64
C GLU G 190 9.58 -9.98 4.44
N PHE G 191 9.58 -10.52 3.23
CA PHE G 191 10.29 -11.77 2.96
C PHE G 191 11.79 -11.56 3.00
N SER G 192 12.25 -10.54 2.29
CA SER G 192 13.67 -10.22 2.19
C SER G 192 14.31 -10.08 3.56
N ARG G 193 13.58 -9.44 4.48
CA ARG G 193 14.07 -9.26 5.84
C ARG G 193 14.27 -10.59 6.54
N ALA G 194 13.31 -11.50 6.34
CA ALA G 194 13.41 -12.84 6.88
C ALA G 194 14.64 -13.56 6.34
N GLN G 195 14.80 -13.54 5.02
CA GLN G 195 15.95 -14.14 4.37
C GLN G 195 17.28 -13.61 4.90
N ILE G 196 17.41 -12.28 4.95
CA ILE G 196 18.64 -11.63 5.40
C ILE G 196 19.02 -12.03 6.83
N LEU G 197 18.02 -12.09 7.70
CA LEU G 197 18.23 -12.52 9.08
C LEU G 197 18.75 -13.97 9.12
N GLN G 198 18.12 -14.84 8.34
CA GLN G 198 18.55 -16.23 8.25
C GLN G 198 19.95 -16.33 7.65
N ILE G 199 20.18 -15.56 6.60
CA ILE G 199 21.46 -15.52 5.90
C ILE G 199 22.65 -15.27 6.83
N HIS G 200 22.51 -14.34 7.76
CA HIS G 200 23.60 -14.05 8.69
C HIS G 200 23.52 -14.93 9.94
N SER G 201 22.52 -15.81 9.95
CA SER G 201 22.36 -16.80 11.02
C SER G 201 22.81 -18.19 10.58
N ARG G 202 23.18 -18.33 9.31
CA ARG G 202 23.55 -19.64 8.75
C ARG G 202 24.71 -20.29 9.51
N LYS G 203 25.79 -19.56 9.69
CA LYS G 203 26.98 -20.05 10.37
C LYS G 203 26.79 -20.04 11.88
N MET G 204 25.55 -20.21 12.32
CA MET G 204 25.17 -19.87 13.68
C MET G 204 24.00 -20.72 14.17
N THR G 205 24.24 -21.48 15.24
CA THR G 205 23.25 -22.42 15.75
C THR G 205 21.98 -21.71 16.23
N THR G 206 20.83 -22.28 15.90
CA THR G 206 19.56 -21.62 16.16
C THR G 206 18.49 -22.62 16.60
N TRP G 212 10.82 -16.59 12.35
CA TRP G 212 11.50 -15.68 11.43
C TRP G 212 10.53 -14.65 10.88
N GLN G 213 9.25 -15.00 10.96
CA GLN G 213 8.18 -14.20 10.39
C GLN G 213 7.77 -13.06 11.32
N GLU G 214 7.70 -13.38 12.61
CA GLU G 214 7.46 -12.38 13.64
C GLU G 214 8.59 -11.35 13.65
N LEU G 215 9.81 -11.82 13.40
CA LEU G 215 10.98 -10.95 13.37
C LEU G 215 10.92 -9.94 12.23
N ALA G 216 10.47 -10.40 11.07
CA ALA G 216 10.38 -9.54 9.89
C ALA G 216 9.35 -8.44 10.07
N ARG G 217 8.31 -8.74 10.86
CA ARG G 217 7.31 -7.74 11.23
C ARG G 217 7.90 -6.74 12.21
N SER G 218 8.81 -7.22 13.07
CA SER G 218 9.39 -6.39 14.11
C SER G 218 10.48 -5.48 13.55
N THR G 219 10.88 -5.75 12.31
CA THR G 219 11.93 -4.95 11.65
C THR G 219 11.41 -4.12 10.49
N ASP G 220 10.26 -3.46 10.67
CA ASP G 220 9.73 -2.59 9.62
C ASP G 220 10.72 -1.46 9.31
N GLU G 221 10.92 -1.20 8.02
CA GLU G 221 11.82 -0.14 7.56
C GLU G 221 13.30 -0.37 7.91
N PHE G 222 13.65 -1.60 8.28
CA PHE G 222 15.05 -1.97 8.46
C PHE G 222 15.75 -2.10 7.11
N ASN G 223 17.08 -2.05 7.14
CA ASN G 223 17.86 -2.36 5.95
C ASN G 223 18.76 -3.59 6.16
N GLY G 224 19.44 -4.02 5.10
CA GLY G 224 20.26 -5.21 5.15
C GLY G 224 21.37 -5.13 6.19
N ALA G 225 22.04 -3.99 6.25
CA ALA G 225 23.11 -3.76 7.21
C ALA G 225 22.63 -3.92 8.65
N GLN G 226 21.45 -3.37 8.94
CA GLN G 226 20.89 -3.42 10.28
C GLN G 226 20.46 -4.84 10.64
N LEU G 227 19.85 -5.53 9.69
CA LEU G 227 19.42 -6.92 9.90
C LEU G 227 20.61 -7.81 10.18
N LYS G 228 21.74 -7.52 9.54
CA LYS G 228 22.99 -8.20 9.85
C LYS G 228 23.42 -7.89 11.28
N ALA G 229 23.30 -6.62 11.66
CA ALA G 229 23.70 -6.18 12.99
C ALA G 229 22.80 -6.74 14.09
N VAL G 230 21.60 -7.18 13.70
CA VAL G 230 20.68 -7.82 14.65
C VAL G 230 21.18 -9.22 14.98
N THR G 231 21.63 -9.94 13.97
CA THR G 231 22.19 -11.28 14.17
C THR G 231 23.42 -11.20 15.04
N VAL G 232 24.16 -10.10 14.90
CA VAL G 232 25.34 -9.86 15.71
C VAL G 232 24.95 -9.55 17.16
N GLU G 233 23.89 -8.76 17.33
CA GLU G 233 23.42 -8.40 18.66
C GLU G 233 22.73 -9.55 19.38
N ALA G 234 22.06 -10.40 18.61
CA ALA G 234 21.38 -11.56 19.19
C ALA G 234 22.39 -12.57 19.72
N GLY G 235 23.37 -12.92 18.89
CA GLY G 235 24.40 -13.87 19.27
C GLY G 235 25.26 -13.41 20.42
N MET G 236 25.30 -12.10 20.63
CA MET G 236 26.04 -11.51 21.73
C MET G 236 25.35 -11.85 23.05
N ILE G 237 24.04 -11.63 23.08
CA ILE G 237 23.22 -11.88 24.27
C ILE G 237 23.21 -13.37 24.60
N ALA G 238 23.21 -14.20 23.56
CA ALA G 238 23.26 -15.64 23.74
C ALA G 238 24.58 -16.08 24.36
N LEU G 239 25.67 -15.50 23.87
CA LEU G 239 26.99 -15.76 24.44
C LEU G 239 27.07 -15.27 25.89
N ARG G 240 26.62 -14.04 26.11
CA ARG G 240 26.61 -13.44 27.43
C ARG G 240 25.82 -14.28 28.44
N ASN G 241 24.88 -15.07 27.93
CA ASN G 241 24.10 -15.99 28.75
C ASN G 241 24.67 -17.41 28.69
N GLY G 242 25.75 -17.59 27.93
CA GLY G 242 26.41 -18.87 27.81
C GLY G 242 25.58 -19.97 27.18
N GLN G 243 24.65 -19.59 26.30
CA GLN G 243 23.85 -20.58 25.57
C GLN G 243 24.68 -21.15 24.41
N SER G 244 24.30 -22.33 23.94
CA SER G 244 25.02 -22.98 22.84
C SER G 244 24.39 -22.64 21.50
N SER G 245 23.29 -21.88 21.55
CA SER G 245 22.62 -21.44 20.34
C SER G 245 21.94 -20.10 20.60
N VAL G 246 21.29 -19.56 19.57
CA VAL G 246 20.60 -18.28 19.73
C VAL G 246 19.11 -18.51 19.75
N LYS G 247 18.48 -18.13 20.86
CA LYS G 247 17.04 -18.30 21.02
C LYS G 247 16.30 -17.16 20.34
N HIS G 248 15.02 -17.37 20.07
CA HIS G 248 14.17 -16.38 19.41
C HIS G 248 14.11 -15.09 20.24
N GLU G 249 14.11 -15.25 21.56
CA GLU G 249 14.04 -14.12 22.47
C GLU G 249 15.28 -13.23 22.33
N ASP G 250 16.42 -13.84 22.04
CA ASP G 250 17.67 -13.11 21.83
C ASP G 250 17.51 -12.14 20.68
N PHE G 251 17.01 -12.64 19.55
CA PHE G 251 16.77 -11.83 18.36
C PHE G 251 15.91 -10.60 18.61
N VAL G 252 14.81 -10.78 19.31
CA VAL G 252 13.90 -9.66 19.59
C VAL G 252 14.56 -8.63 20.49
N GLU G 253 15.38 -9.10 21.43
CA GLU G 253 16.18 -8.20 22.25
C GLU G 253 17.20 -7.53 21.35
N GLY G 254 17.70 -8.29 20.38
CA GLY G 254 18.58 -7.76 19.36
C GLY G 254 17.91 -6.68 18.54
N ILE G 255 16.70 -6.96 18.08
CA ILE G 255 15.90 -5.99 17.35
C ILE G 255 15.63 -4.77 18.23
N SER G 256 15.35 -5.02 19.50
CA SER G 256 15.15 -3.96 20.50
C SER G 256 16.37 -3.03 20.57
N GLU G 257 17.54 -3.60 20.80
CA GLU G 257 18.79 -2.84 20.84
C GLU G 257 19.09 -2.04 19.58
N VAL G 258 18.95 -2.67 18.43
CA VAL G 258 19.28 -2.04 17.16
C VAL G 258 18.42 -0.79 16.91
N GLN G 259 17.18 -0.86 17.36
CA GLN G 259 16.20 0.23 17.20
C GLN G 259 16.71 1.58 17.75
N ALA G 260 17.31 1.55 18.93
CA ALA G 260 17.84 2.75 19.57
C ALA G 260 18.85 3.52 18.71
N ARG G 261 19.61 2.81 17.89
CA ARG G 261 20.62 3.45 17.06
C ARG G 261 19.98 4.08 15.84
N LEU H 8 30.98 34.27 20.08
CA LEU H 8 31.20 32.85 19.79
C LEU H 8 32.42 32.31 20.54
N SER H 9 33.40 31.82 19.78
CA SER H 9 34.66 31.30 20.33
C SER H 9 34.51 30.05 21.19
N LYS H 10 34.09 28.95 20.57
CA LYS H 10 33.84 27.70 21.29
C LYS H 10 34.37 26.48 20.55
N LEU H 11 34.98 25.55 21.29
CA LEU H 11 35.51 24.31 20.71
C LEU H 11 35.19 23.05 21.50
N LEU H 12 35.77 21.93 21.07
CA LEU H 12 35.34 20.61 21.52
C LEU H 12 35.86 20.05 22.84
N ALA H 13 36.99 20.55 23.34
CA ALA H 13 37.57 19.95 24.54
C ALA H 13 36.75 20.22 25.80
N ASN H 14 35.85 21.19 25.73
CA ASN H 14 35.04 21.54 26.90
C ASN H 14 33.65 20.97 26.75
N VAL H 15 33.35 20.46 25.56
CA VAL H 15 32.07 19.84 25.31
C VAL H 15 32.16 18.55 26.13
N LYS H 16 32.97 17.60 25.68
CA LYS H 16 33.32 16.38 26.41
C LYS H 16 34.65 15.84 25.95
N ILE H 17 35.35 15.19 26.88
CA ILE H 17 36.67 14.64 26.60
C ILE H 17 36.63 13.17 26.98
N ASP H 18 36.66 12.32 25.97
CA ASP H 18 36.43 10.89 26.13
C ASP H 18 37.71 10.06 26.03
N PRO H 19 37.70 8.81 26.54
CA PRO H 19 38.96 8.06 26.47
C PRO H 19 39.37 7.76 25.05
N SER H 20 40.63 8.02 24.74
CA SER H 20 41.15 7.77 23.42
C SER H 20 41.35 6.29 23.16
N LEU H 21 40.26 5.53 23.11
CA LEU H 21 40.36 4.11 22.77
C LEU H 21 40.65 3.99 21.28
N THR H 22 41.14 5.08 20.69
CA THR H 22 41.46 5.18 19.28
C THR H 22 42.44 4.10 18.86
N SER H 23 43.18 3.58 19.84
CA SER H 23 44.10 2.48 19.59
C SER H 23 43.32 1.17 19.49
N ARG H 24 42.38 0.96 20.41
CA ARG H 24 41.58 -0.26 20.39
C ARG H 24 40.81 -0.38 19.08
N ILE H 25 40.32 0.76 18.60
CA ILE H 25 39.60 0.82 17.35
C ILE H 25 40.47 0.32 16.19
N SER H 26 41.75 0.66 16.23
CA SER H 26 42.69 0.24 15.20
C SER H 26 43.09 -1.24 15.36
N GLN H 27 42.64 -1.86 16.43
CA GLN H 27 42.97 -3.26 16.71
C GLN H 27 41.77 -4.20 16.53
N ILE H 28 40.67 -3.66 16.00
CA ILE H 28 39.44 -4.42 15.78
C ILE H 28 39.67 -5.80 15.16
N ASP H 29 40.53 -5.85 14.15
CA ASP H 29 40.80 -7.11 13.45
C ASP H 29 41.59 -8.08 14.32
N SER H 30 42.19 -7.57 15.38
CA SER H 30 43.02 -8.40 16.25
C SER H 30 42.45 -8.57 17.66
N PHE H 31 41.28 -7.99 17.91
CA PHE H 31 40.63 -8.11 19.22
C PHE H 31 39.82 -9.40 19.37
N LYS H 32 39.60 -9.79 20.62
CA LYS H 32 38.70 -10.89 20.94
C LYS H 32 37.29 -10.33 21.11
N LEU H 33 36.30 -11.22 21.15
CA LEU H 33 34.91 -10.81 21.21
C LEU H 33 34.56 -10.02 22.49
N SER H 34 35.13 -10.45 23.61
CA SER H 34 34.89 -9.80 24.90
C SER H 34 35.41 -8.36 24.90
N GLU H 35 36.58 -8.16 24.33
CA GLU H 35 37.19 -6.84 24.23
C GLU H 35 36.38 -5.96 23.29
N LEU H 36 35.83 -6.56 22.24
CA LEU H 36 34.95 -5.86 21.31
C LEU H 36 33.70 -5.40 22.04
N MET H 37 33.28 -6.15 23.04
CA MET H 37 32.09 -5.82 23.81
C MET H 37 32.27 -4.61 24.70
N VAL H 38 33.39 -4.55 25.40
CA VAL H 38 33.70 -3.36 26.18
C VAL H 38 33.79 -2.21 25.19
N LEU H 39 34.39 -2.48 24.03
CA LEU H 39 34.60 -1.48 22.99
C LEU H 39 33.30 -0.96 22.37
N LYS H 40 32.44 -1.86 21.89
CA LYS H 40 31.17 -1.45 21.29
C LYS H 40 30.37 -0.62 22.28
N THR H 41 30.27 -1.10 23.52
CA THR H 41 29.56 -0.40 24.58
C THR H 41 30.19 0.97 24.81
N ASP H 42 31.52 1.04 24.75
CA ASP H 42 32.21 2.30 24.88
C ASP H 42 31.91 3.19 23.68
N ILE H 43 31.97 2.61 22.49
CA ILE H 43 31.61 3.33 21.27
C ILE H 43 30.18 3.84 21.32
N GLU H 44 29.24 2.96 21.70
CA GLU H 44 27.83 3.35 21.81
C GLU H 44 27.61 4.46 22.83
N THR H 45 28.29 4.35 23.97
CA THR H 45 28.21 5.35 25.01
C THR H 45 28.76 6.67 24.50
N GLN H 46 29.76 6.58 23.63
CA GLN H 46 30.37 7.75 23.04
C GLN H 46 29.45 8.55 22.13
N LEU H 47 28.82 7.85 21.20
CA LEU H 47 27.90 8.48 20.27
C LEU H 47 26.72 9.06 21.04
N GLU H 48 26.37 8.40 22.13
CA GLU H 48 25.35 8.90 23.06
C GLU H 48 25.74 10.29 23.55
N ALA H 49 27.03 10.47 23.83
CA ALA H 49 27.55 11.75 24.31
C ALA H 49 27.57 12.83 23.22
N TYR H 50 28.00 12.44 22.02
CA TYR H 50 28.00 13.35 20.87
C TYR H 50 26.62 13.90 20.57
N PHE H 51 25.62 13.04 20.63
CA PHE H 51 24.26 13.43 20.28
C PHE H 51 23.63 14.34 21.33
N SER H 52 24.00 14.13 22.59
CA SER H 52 23.53 14.97 23.69
C SER H 52 23.94 16.42 23.44
N VAL H 53 25.14 16.58 22.90
CA VAL H 53 25.68 17.89 22.57
C VAL H 53 24.90 18.47 21.40
N LEU H 54 24.65 17.62 20.41
CA LEU H 54 23.90 18.01 19.22
C LEU H 54 22.42 18.35 19.53
N GLU H 55 21.91 17.84 20.66
CA GLU H 55 20.53 18.11 21.06
C GLU H 55 20.33 19.51 21.63
N GLN H 56 21.27 19.93 22.48
CA GLN H 56 21.17 21.23 23.14
C GLN H 56 21.36 22.34 22.11
N GLN H 57 22.16 22.05 21.09
CA GLN H 57 22.39 22.98 20.01
C GLN H 57 21.16 23.04 19.12
N GLY H 58 20.34 21.99 19.21
CA GLY H 58 19.12 21.90 18.42
C GLY H 58 19.38 21.59 16.96
N ILE H 59 20.57 21.05 16.68
CA ILE H 59 20.93 20.72 15.32
C ILE H 59 21.05 19.21 15.08
N GLY H 60 20.37 18.73 14.05
CA GLY H 60 20.45 17.33 13.68
C GLY H 60 21.74 17.07 12.92
N MET H 61 21.97 15.83 12.55
CA MET H 61 23.16 15.47 11.79
C MET H 61 23.08 15.91 10.33
N ASP H 62 22.05 16.68 9.98
CA ASP H 62 21.80 17.01 8.58
C ASP H 62 21.65 18.51 8.30
N SER H 63 21.25 19.27 9.31
CA SER H 63 20.91 20.68 9.13
C SER H 63 22.08 21.52 8.61
N ASP H 77 28.66 27.84 18.14
CA ASP H 77 27.80 26.81 17.55
C ASP H 77 28.53 25.98 16.49
N VAL H 78 28.62 26.57 15.31
CA VAL H 78 29.03 25.90 14.09
C VAL H 78 30.31 25.05 14.14
N LEU H 79 31.38 25.62 14.67
CA LEU H 79 32.67 24.95 14.63
C LEU H 79 32.64 23.66 15.43
N GLN H 80 31.98 23.69 16.58
CA GLN H 80 31.80 22.49 17.39
C GLN H 80 31.12 21.37 16.61
N VAL H 81 29.94 21.69 16.08
CA VAL H 81 29.13 20.74 15.33
C VAL H 81 29.87 20.18 14.12
N THR H 82 30.59 21.06 13.43
CA THR H 82 31.37 20.67 12.26
C THR H 82 32.29 19.52 12.63
N MET H 83 32.91 19.64 13.81
CA MET H 83 33.78 18.60 14.33
C MET H 83 32.99 17.38 14.81
N ILE H 84 31.97 17.64 15.63
CA ILE H 84 31.11 16.60 16.20
C ILE H 84 30.57 15.60 15.18
N ARG H 85 29.88 16.11 14.16
CA ARG H 85 29.34 15.28 13.09
C ARG H 85 30.42 14.40 12.48
N LYS H 86 31.51 15.03 12.07
CA LYS H 86 32.64 14.36 11.44
C LYS H 86 33.14 13.19 12.29
N ASN H 87 33.15 13.39 13.61
CA ASN H 87 33.53 12.33 14.53
C ASN H 87 32.51 11.21 14.54
N VAL H 88 31.24 11.58 14.68
CA VAL H 88 30.13 10.63 14.65
C VAL H 88 30.18 9.79 13.38
N ASN H 89 30.38 10.47 12.25
CA ASN H 89 30.46 9.80 10.94
C ASN H 89 31.58 8.76 10.92
N MET H 90 32.72 9.11 11.51
CA MET H 90 33.86 8.21 11.57
C MET H 90 33.61 7.04 12.52
N LEU H 91 32.94 7.30 13.63
CA LEU H 91 32.63 6.26 14.62
C LEU H 91 31.61 5.26 14.10
N LYS H 92 30.63 5.74 13.35
CA LYS H 92 29.67 4.84 12.73
C LYS H 92 30.41 3.97 11.72
N ASN H 93 31.38 4.58 11.05
CA ASN H 93 32.21 3.86 10.10
C ASN H 93 33.11 2.86 10.81
N ASP H 94 33.53 3.21 12.03
CA ASP H 94 34.32 2.30 12.87
C ASP H 94 33.46 1.20 13.47
N LEU H 95 32.33 1.58 14.07
CA LEU H 95 31.42 0.63 14.70
C LEU H 95 30.91 -0.37 13.66
N ASN H 96 30.74 0.09 12.43
CA ASN H 96 30.35 -0.81 11.34
C ASN H 96 31.37 -1.92 11.14
N HIS H 97 32.64 -1.53 10.99
CA HIS H 97 33.74 -2.50 10.85
C HIS H 97 33.78 -3.45 12.04
N LEU H 98 33.55 -2.91 13.23
CA LEU H 98 33.54 -3.69 14.45
C LEU H 98 32.53 -4.83 14.38
N LEU H 99 31.33 -4.53 13.89
CA LEU H 99 30.26 -5.52 13.82
C LEU H 99 30.48 -6.50 12.68
N GLN H 100 30.99 -6.01 11.56
CA GLN H 100 31.29 -6.86 10.40
C GLN H 100 32.33 -7.90 10.79
N ARG H 101 33.29 -7.46 11.62
CA ARG H 101 34.33 -8.32 12.16
C ARG H 101 33.78 -9.20 13.27
N SER H 102 32.97 -8.59 14.14
CA SER H 102 32.32 -9.29 15.24
C SER H 102 31.44 -10.42 14.74
N HIS H 103 30.86 -10.24 13.56
CA HIS H 103 30.00 -11.24 12.93
C HIS H 103 30.79 -12.48 12.54
N VAL H 104 31.91 -12.29 11.86
CA VAL H 104 32.77 -13.39 11.44
C VAL H 104 33.25 -14.20 12.65
N LEU H 105 33.71 -13.50 13.69
CA LEU H 105 34.18 -14.16 14.91
C LEU H 105 33.05 -14.92 15.61
N LEU H 106 31.85 -14.38 15.54
CA LEU H 106 30.69 -14.99 16.18
C LEU H 106 30.35 -16.28 15.45
N ASN H 107 30.45 -16.24 14.12
CA ASN H 107 30.21 -17.39 13.28
C ASN H 107 31.15 -18.55 13.58
N GLN H 108 32.36 -18.23 14.00
CA GLN H 108 33.36 -19.24 14.33
C GLN H 108 33.03 -20.00 15.61
N HIS H 109 32.36 -19.32 16.54
CA HIS H 109 32.03 -19.92 17.82
C HIS H 109 31.06 -21.08 17.66
N PHE H 110 30.14 -20.96 16.71
CA PHE H 110 29.09 -21.95 16.54
C PHE H 110 29.42 -23.01 15.50
N ASP H 111 30.52 -22.80 14.77
CA ASP H 111 31.06 -23.83 13.88
C ASP H 111 32.51 -24.18 14.24
#